data_2L56
# 
_entry.id   2L56 
# 
_audit_conform.dict_name       mmcif_pdbx.dic 
_audit_conform.dict_version    5.399 
_audit_conform.dict_location   http://mmcif.pdb.org/dictionaries/ascii/mmcif_pdbx.dic 
# 
loop_
_database_2.database_id 
_database_2.database_code 
_database_2.pdbx_database_accession 
_database_2.pdbx_DOI 
PDB   2L56         pdb_00002l56 10.2210/pdb2l56/pdb 
RCSB  RCSB101970   ?            ?                   
WWPDB D_1000101970 ?            ?                   
# 
loop_
_pdbx_audit_revision_history.ordinal 
_pdbx_audit_revision_history.data_content_type 
_pdbx_audit_revision_history.major_revision 
_pdbx_audit_revision_history.minor_revision 
_pdbx_audit_revision_history.revision_date 
1 'Structure model' 1 0 2010-12-01 
2 'Structure model' 1 1 2011-07-13 
3 'Structure model' 1 2 2011-10-26 
4 'Structure model' 1 3 2024-11-27 
# 
_pdbx_audit_revision_details.ordinal             1 
_pdbx_audit_revision_details.revision_ordinal    1 
_pdbx_audit_revision_details.data_content_type   'Structure model' 
_pdbx_audit_revision_details.provider            repository 
_pdbx_audit_revision_details.type                'Initial release' 
_pdbx_audit_revision_details.description         ? 
_pdbx_audit_revision_details.details             ? 
# 
loop_
_pdbx_audit_revision_group.ordinal 
_pdbx_audit_revision_group.revision_ordinal 
_pdbx_audit_revision_group.data_content_type 
_pdbx_audit_revision_group.group 
1 2 'Structure model' 'Version format compliance' 
2 3 'Structure model' Other                       
3 4 'Structure model' 'Data collection'           
4 4 'Structure model' 'Database references'       
5 4 'Structure model' 'Derived calculations'      
6 4 'Structure model' 'Structure summary'         
# 
loop_
_pdbx_audit_revision_category.ordinal 
_pdbx_audit_revision_category.revision_ordinal 
_pdbx_audit_revision_category.data_content_type 
_pdbx_audit_revision_category.category 
1 4 'Structure model' chem_comp_atom            
2 4 'Structure model' chem_comp_bond            
3 4 'Structure model' database_2                
4 4 'Structure model' pdbx_entry_details        
5 4 'Structure model' pdbx_modification_feature 
6 4 'Structure model' struct_conn               
7 4 'Structure model' struct_site               
# 
loop_
_pdbx_audit_revision_item.ordinal 
_pdbx_audit_revision_item.revision_ordinal 
_pdbx_audit_revision_item.data_content_type 
_pdbx_audit_revision_item.item 
1 4 'Structure model' '_database_2.pdbx_DOI'                
2 4 'Structure model' '_database_2.pdbx_database_accession' 
3 4 'Structure model' '_struct_conn.pdbx_leaving_atom_flag' 
4 4 'Structure model' '_struct_site.pdbx_auth_asym_id'      
5 4 'Structure model' '_struct_site.pdbx_auth_comp_id'      
6 4 'Structure model' '_struct_site.pdbx_auth_seq_id'       
# 
_pdbx_database_status.deposit_site                    BMRB 
_pdbx_database_status.entry_id                        2L56 
_pdbx_database_status.process_site                    RCSB 
_pdbx_database_status.recvd_initial_deposition_date   2010-10-26 
_pdbx_database_status.SG_entry                        ? 
_pdbx_database_status.status_code                     REL 
_pdbx_database_status.status_code_mr                  REL 
_pdbx_database_status.status_code_sf                  ? 
_pdbx_database_status.status_code_cs                  ? 
_pdbx_database_status.pdb_format_compatible           Y 
_pdbx_database_status.status_code_nmr_data            ? 
_pdbx_database_status.methods_development_category    ? 
# 
_pdbx_database_related.content_type   re-refinement 
_pdbx_database_related.db_id          2OVN 
_pdbx_database_related.db_name        PDB 
_pdbx_database_related.details        
;NMR structure of the GCN4 trigger peptide. THIS ENTRY 2L56 REFLECTS AN ALTERNATIVE  MODELING OF THE ORIGINAL STRUCTURAL DATA (2OVN.MR) DETERMINED BY AUTHORS OF THE PDB ENTRY 2OVN
;
# 
loop_
_audit_author.name 
_audit_author.pdbx_ordinal 
'Missimer, J.H.'      1 
'Dolenc, J.'          2 
'Steinmetz, M.O.'     3 
'van Gunsteren, W.F.' 4 
# 
loop_
_citation.id 
_citation.title 
_citation.journal_abbrev 
_citation.journal_volume 
_citation.page_first 
_citation.page_last 
_citation.year 
_citation.journal_id_ASTM 
_citation.country 
_citation.journal_id_ISSN 
_citation.journal_id_CSD 
_citation.book_publisher 
_citation.pdbx_database_id_PubMed 
_citation.pdbx_database_id_DOI 
primary         
;Exploring the trigger sequence of the GCN4 coiled-coil: Biased molecular dynamics resolves apparent inconsistencies in NMR measurements
;
'Protein Sci.'         19  2462 2474 2010 PRCIEI US 0961-8368 0795 ? 20954244 10.1002/pro.528         
original_data_1 'Molecular basis of coiled-coil formation' Proc.Natl.Acad.Sci.Usa 104 7062 7067 2007 PNASA6 US 0027-8424 0040 ? 
17438295 10.1073/pnas.0700321104 
# 
loop_
_citation_author.citation_id 
_citation_author.name 
_citation_author.ordinal 
_citation_author.identifier_ORCID 
primary         'Missimer, J.H.'      1  ? 
primary         'Dolenc, J.'          2  ? 
primary         'Steinmetz, M.O.'     3  ? 
primary         'van Gunsteren, W.F.' 4  ? 
original_data_1 'Steinmetz, M.O.'     5  ? 
original_data_1 'Jelesarov, I.'       6  ? 
original_data_1 'Matousek, W.M.'      7  ? 
original_data_1 'Honnappa, S.'        8  ? 
original_data_1 'Jahnke, W.'          9  ? 
original_data_1 'Missimer, J.H.'      10 ? 
original_data_1 'Frank, S.'           11 ? 
original_data_1 'Alexandrescu, A.T.'  12 ? 
original_data_1 'Kammerer, R.A.'      13 ? 
# 
_entity.id                         1 
_entity.type                       polymer 
_entity.src_method                 syn 
_entity.pdbx_description           'General control protein GCN4' 
_entity.formula_weight             1911.232 
_entity.pdbx_number_of_molecules   1 
_entity.pdbx_ec                    ? 
_entity.pdbx_mutation              ? 
_entity.pdbx_fragment              ? 
_entity.details                    ? 
# 
_entity_poly.entity_id                      1 
_entity_poly.type                           'polypeptide(L)' 
_entity_poly.nstd_linkage                   no 
_entity_poly.nstd_monomer                   yes 
_entity_poly.pdbx_seq_one_letter_code       '(ACE)NYHLENEVARLKKLVG(NH2)' 
_entity_poly.pdbx_seq_one_letter_code_can   XNYHLENEVARLKKLVGX 
_entity_poly.pdbx_strand_id                 A 
_entity_poly.pdbx_target_identifier         ? 
# 
loop_
_entity_poly_seq.entity_id 
_entity_poly_seq.num 
_entity_poly_seq.mon_id 
_entity_poly_seq.hetero 
1 1  ACE n 
1 2  ASN n 
1 3  TYR n 
1 4  HIS n 
1 5  LEU n 
1 6  GLU n 
1 7  ASN n 
1 8  GLU n 
1 9  VAL n 
1 10 ALA n 
1 11 ARG n 
1 12 LEU n 
1 13 LYS n 
1 14 LYS n 
1 15 LEU n 
1 16 VAL n 
1 17 GLY n 
1 18 NH2 n 
# 
_pdbx_entity_src_syn.entity_id              1 
_pdbx_entity_src_syn.pdbx_src_id            1 
_pdbx_entity_src_syn.pdbx_alt_source_flag   sample 
_pdbx_entity_src_syn.pdbx_beg_seq_num       ? 
_pdbx_entity_src_syn.pdbx_end_seq_num       ? 
_pdbx_entity_src_syn.organism_scientific    ? 
_pdbx_entity_src_syn.organism_common_name   ? 
_pdbx_entity_src_syn.ncbi_taxonomy_id       ? 
_pdbx_entity_src_syn.details                'FMOC synthesis' 
# 
loop_
_chem_comp.id 
_chem_comp.type 
_chem_comp.mon_nstd_flag 
_chem_comp.name 
_chem_comp.pdbx_synonyms 
_chem_comp.formula 
_chem_comp.formula_weight 
ACE non-polymer         . 'ACETYL GROUP'  ? 'C2 H4 O'        44.053  
ALA 'L-peptide linking' y ALANINE         ? 'C3 H7 N O2'     89.093  
ARG 'L-peptide linking' y ARGININE        ? 'C6 H15 N4 O2 1' 175.209 
ASN 'L-peptide linking' y ASPARAGINE      ? 'C4 H8 N2 O3'    132.118 
GLU 'L-peptide linking' y 'GLUTAMIC ACID' ? 'C5 H9 N O4'     147.129 
GLY 'peptide linking'   y GLYCINE         ? 'C2 H5 N O2'     75.067  
HIS 'L-peptide linking' y HISTIDINE       ? 'C6 H10 N3 O2 1' 156.162 
LEU 'L-peptide linking' y LEUCINE         ? 'C6 H13 N O2'    131.173 
LYS 'L-peptide linking' y LYSINE          ? 'C6 H15 N2 O2 1' 147.195 
NH2 non-polymer         . 'AMINO GROUP'   ? 'H2 N'           16.023  
TYR 'L-peptide linking' y TYROSINE        ? 'C9 H11 N O3'    181.189 
VAL 'L-peptide linking' y VALINE          ? 'C5 H11 N O2'    117.146 
# 
loop_
_pdbx_poly_seq_scheme.asym_id 
_pdbx_poly_seq_scheme.entity_id 
_pdbx_poly_seq_scheme.seq_id 
_pdbx_poly_seq_scheme.mon_id 
_pdbx_poly_seq_scheme.ndb_seq_num 
_pdbx_poly_seq_scheme.pdb_seq_num 
_pdbx_poly_seq_scheme.auth_seq_num 
_pdbx_poly_seq_scheme.pdb_mon_id 
_pdbx_poly_seq_scheme.auth_mon_id 
_pdbx_poly_seq_scheme.pdb_strand_id 
_pdbx_poly_seq_scheme.pdb_ins_code 
_pdbx_poly_seq_scheme.hetero 
A 1 1  ACE 1  15 15 ACE ACE A . n 
A 1 2  ASN 2  16 16 ASN ASN A . n 
A 1 3  TYR 3  17 17 TYR TYR A . n 
A 1 4  HIS 4  18 18 HIS HIS A . n 
A 1 5  LEU 5  19 19 LEU LEU A . n 
A 1 6  GLU 6  20 20 GLU GLU A . n 
A 1 7  ASN 7  21 21 ASN ASN A . n 
A 1 8  GLU 8  22 22 GLU GLU A . n 
A 1 9  VAL 9  23 23 VAL VAL A . n 
A 1 10 ALA 10 24 24 ALA ALA A . n 
A 1 11 ARG 11 25 25 ARG ARG A . n 
A 1 12 LEU 12 26 26 LEU LEU A . n 
A 1 13 LYS 13 27 27 LYS LYS A . n 
A 1 14 LYS 14 28 28 LYS LYS A . n 
A 1 15 LEU 15 29 29 LEU LEU A . n 
A 1 16 VAL 16 30 30 VAL VAL A . n 
A 1 17 GLY 17 31 31 GLY GLY A . n 
A 1 18 NH2 18 32 32 NH2 NH2 A . n 
# 
_cell.entry_id           2L56 
_cell.length_a           1.000 
_cell.length_b           1.000 
_cell.length_c           1.000 
_cell.angle_alpha        90.00 
_cell.angle_beta         90.00 
_cell.angle_gamma        90.00 
_cell.Z_PDB              1 
_cell.pdbx_unique_axis   ? 
# 
_symmetry.entry_id                         2L56 
_symmetry.space_group_name_H-M             'P 1' 
_symmetry.pdbx_full_space_group_name_H-M   ? 
_symmetry.cell_setting                     ? 
_symmetry.Int_Tables_number                1 
# 
_exptl.absorpt_coefficient_mu     ? 
_exptl.absorpt_correction_T_max   ? 
_exptl.absorpt_correction_T_min   ? 
_exptl.absorpt_correction_type    ? 
_exptl.absorpt_process_details    ? 
_exptl.crystals_number            ? 
_exptl.details                    ? 
_exptl.entry_id                   2L56 
_exptl.method                     'SOLUTION NMR' 
_exptl.method_details             ? 
# 
_struct.entry_id                  2L56 
_struct.title                     'NMR structure of the GCN4 trigger peptide refined using biased molecular dynamics simulations' 
_struct.pdbx_model_details        'occurrence frequencies, model 1' 
_struct.pdbx_CASP_flag            ? 
_struct.pdbx_model_type_details   ? 
# 
_struct_keywords.entry_id        2L56 
_struct_keywords.pdbx_keywords   TRANSCRIPTION 
_struct_keywords.text            'GCN4, COILED-COIL, TRIGGER PEPTIDE, TRANSCRIPTION, MOLECULAR DYNAMICS SIMULATIONS' 
# 
_struct_asym.id                            A 
_struct_asym.pdbx_blank_PDB_chainid_flag   N 
_struct_asym.pdbx_modified                 N 
_struct_asym.entity_id                     1 
_struct_asym.details                       ? 
# 
_struct_ref.id                         1 
_struct_ref.db_name                    PDB 
_struct_ref.db_code                    2L56 
_struct_ref.pdbx_db_accession          2L56 
_struct_ref.entity_id                  1 
_struct_ref.pdbx_align_begin           ? 
_struct_ref.pdbx_seq_one_letter_code   ? 
_struct_ref.pdbx_db_isoform            ? 
# 
_struct_ref_seq.align_id                      1 
_struct_ref_seq.ref_id                        1 
_struct_ref_seq.pdbx_PDB_id_code              2L56 
_struct_ref_seq.pdbx_strand_id                A 
_struct_ref_seq.seq_align_beg                 1 
_struct_ref_seq.pdbx_seq_align_beg_ins_code   ? 
_struct_ref_seq.seq_align_end                 18 
_struct_ref_seq.pdbx_seq_align_end_ins_code   ? 
_struct_ref_seq.pdbx_db_accession             2L56 
_struct_ref_seq.db_align_beg                  15 
_struct_ref_seq.pdbx_db_align_beg_ins_code    ? 
_struct_ref_seq.db_align_end                  32 
_struct_ref_seq.pdbx_db_align_end_ins_code    ? 
_struct_ref_seq.pdbx_auth_seq_align_beg       15 
_struct_ref_seq.pdbx_auth_seq_align_end       32 
# 
_pdbx_struct_assembly.id                   1 
_pdbx_struct_assembly.details              author_defined_assembly 
_pdbx_struct_assembly.method_details       ? 
_pdbx_struct_assembly.oligomeric_details   monomeric 
_pdbx_struct_assembly.oligomeric_count     1 
# 
_pdbx_struct_assembly_gen.assembly_id       1 
_pdbx_struct_assembly_gen.oper_expression   1 
_pdbx_struct_assembly_gen.asym_id_list      A 
# 
_pdbx_struct_oper_list.id                   1 
_pdbx_struct_oper_list.type                 'identity operation' 
_pdbx_struct_oper_list.name                 1_555 
_pdbx_struct_oper_list.symmetry_operation   x,y,z 
_pdbx_struct_oper_list.matrix[1][1]         1.0000000000 
_pdbx_struct_oper_list.matrix[1][2]         0.0000000000 
_pdbx_struct_oper_list.matrix[1][3]         0.0000000000 
_pdbx_struct_oper_list.vector[1]            0.0000000000 
_pdbx_struct_oper_list.matrix[2][1]         0.0000000000 
_pdbx_struct_oper_list.matrix[2][2]         1.0000000000 
_pdbx_struct_oper_list.matrix[2][3]         0.0000000000 
_pdbx_struct_oper_list.vector[2]            0.0000000000 
_pdbx_struct_oper_list.matrix[3][1]         0.0000000000 
_pdbx_struct_oper_list.matrix[3][2]         0.0000000000 
_pdbx_struct_oper_list.matrix[3][3]         1.0000000000 
_pdbx_struct_oper_list.vector[3]            0.0000000000 
# 
_struct_biol.id        1 
_struct_biol.details   ? 
# 
_struct_conf.conf_type_id            HELX_P 
_struct_conf.id                      HELX_P1 
_struct_conf.pdbx_PDB_helix_id       1 
_struct_conf.beg_label_comp_id       LEU 
_struct_conf.beg_label_asym_id       A 
_struct_conf.beg_label_seq_id        5 
_struct_conf.pdbx_beg_PDB_ins_code   ? 
_struct_conf.end_label_comp_id       VAL 
_struct_conf.end_label_asym_id       A 
_struct_conf.end_label_seq_id        16 
_struct_conf.pdbx_end_PDB_ins_code   ? 
_struct_conf.beg_auth_comp_id        LEU 
_struct_conf.beg_auth_asym_id        A 
_struct_conf.beg_auth_seq_id         19 
_struct_conf.end_auth_comp_id        VAL 
_struct_conf.end_auth_asym_id        A 
_struct_conf.end_auth_seq_id         30 
_struct_conf.pdbx_PDB_helix_class    1 
_struct_conf.details                 ? 
_struct_conf.pdbx_PDB_helix_length   12 
# 
_struct_conf_type.id          HELX_P 
_struct_conf_type.criteria    ? 
_struct_conf_type.reference   ? 
# 
loop_
_struct_conn.id 
_struct_conn.conn_type_id 
_struct_conn.pdbx_leaving_atom_flag 
_struct_conn.pdbx_PDB_id 
_struct_conn.ptnr1_label_asym_id 
_struct_conn.ptnr1_label_comp_id 
_struct_conn.ptnr1_label_seq_id 
_struct_conn.ptnr1_label_atom_id 
_struct_conn.pdbx_ptnr1_label_alt_id 
_struct_conn.pdbx_ptnr1_PDB_ins_code 
_struct_conn.pdbx_ptnr1_standard_comp_id 
_struct_conn.ptnr1_symmetry 
_struct_conn.ptnr2_label_asym_id 
_struct_conn.ptnr2_label_comp_id 
_struct_conn.ptnr2_label_seq_id 
_struct_conn.ptnr2_label_atom_id 
_struct_conn.pdbx_ptnr2_label_alt_id 
_struct_conn.pdbx_ptnr2_PDB_ins_code 
_struct_conn.ptnr1_auth_asym_id 
_struct_conn.ptnr1_auth_comp_id 
_struct_conn.ptnr1_auth_seq_id 
_struct_conn.ptnr2_auth_asym_id 
_struct_conn.ptnr2_auth_comp_id 
_struct_conn.ptnr2_auth_seq_id 
_struct_conn.ptnr2_symmetry 
_struct_conn.pdbx_ptnr3_label_atom_id 
_struct_conn.pdbx_ptnr3_label_seq_id 
_struct_conn.pdbx_ptnr3_label_comp_id 
_struct_conn.pdbx_ptnr3_label_asym_id 
_struct_conn.pdbx_ptnr3_label_alt_id 
_struct_conn.pdbx_ptnr3_PDB_ins_code 
_struct_conn.details 
_struct_conn.pdbx_dist_value 
_struct_conn.pdbx_value_order 
_struct_conn.pdbx_role 
covale1 covale both ? A ACE 1  C ? ? ? 1_555 A ASN 2  N ? ? A ACE 15 A ASN 16 1_555 ? ? ? ? ? ? ? 1.330 ? ? 
covale2 covale both ? A GLY 17 C ? ? ? 1_555 A NH2 18 N ? ? A GLY 31 A NH2 32 1_555 ? ? ? ? ? ? ? 1.330 ? ? 
# 
_struct_conn_type.id          covale 
_struct_conn_type.criteria    ? 
_struct_conn_type.reference   ? 
# 
loop_
_pdbx_modification_feature.ordinal 
_pdbx_modification_feature.label_comp_id 
_pdbx_modification_feature.label_asym_id 
_pdbx_modification_feature.label_seq_id 
_pdbx_modification_feature.label_alt_id 
_pdbx_modification_feature.modified_residue_label_comp_id 
_pdbx_modification_feature.modified_residue_label_asym_id 
_pdbx_modification_feature.modified_residue_label_seq_id 
_pdbx_modification_feature.modified_residue_label_alt_id 
_pdbx_modification_feature.auth_comp_id 
_pdbx_modification_feature.auth_asym_id 
_pdbx_modification_feature.auth_seq_id 
_pdbx_modification_feature.PDB_ins_code 
_pdbx_modification_feature.symmetry 
_pdbx_modification_feature.modified_residue_auth_comp_id 
_pdbx_modification_feature.modified_residue_auth_asym_id 
_pdbx_modification_feature.modified_residue_auth_seq_id 
_pdbx_modification_feature.modified_residue_PDB_ins_code 
_pdbx_modification_feature.modified_residue_symmetry 
_pdbx_modification_feature.comp_id_linking_atom 
_pdbx_modification_feature.modified_residue_id_linking_atom 
_pdbx_modification_feature.modified_residue_id 
_pdbx_modification_feature.ref_pcm_id 
_pdbx_modification_feature.ref_comp_id 
_pdbx_modification_feature.type 
_pdbx_modification_feature.category 
1 ACE A 1  ? ASN A 2  ? ACE A 15 ? 1_555 ASN A 16 ? 1_555 . . ASN 17 ACE None 'Terminal acetylation' 
2 NH2 A 18 ? GLY A 17 ? NH2 A 32 ? 1_555 GLY A 31 ? 1_555 . . GLY 12 NH2 None 'Terminal amidation'   
# 
loop_
_struct_mon_prot_cis.pdbx_id 
_struct_mon_prot_cis.label_comp_id 
_struct_mon_prot_cis.label_seq_id 
_struct_mon_prot_cis.label_asym_id 
_struct_mon_prot_cis.label_alt_id 
_struct_mon_prot_cis.pdbx_PDB_ins_code 
_struct_mon_prot_cis.auth_comp_id 
_struct_mon_prot_cis.auth_seq_id 
_struct_mon_prot_cis.auth_asym_id 
_struct_mon_prot_cis.pdbx_label_comp_id_2 
_struct_mon_prot_cis.pdbx_label_seq_id_2 
_struct_mon_prot_cis.pdbx_label_asym_id_2 
_struct_mon_prot_cis.pdbx_PDB_ins_code_2 
_struct_mon_prot_cis.pdbx_auth_comp_id_2 
_struct_mon_prot_cis.pdbx_auth_seq_id_2 
_struct_mon_prot_cis.pdbx_auth_asym_id_2 
_struct_mon_prot_cis.pdbx_PDB_model_num 
_struct_mon_prot_cis.pdbx_omega_angle 
1  ASN 2  A . ? ASN 16 A TYR 3  A ? TYR 17 A 1  -12.19 
2  TYR 3  A . ? TYR 17 A HIS 4  A ? HIS 18 A 2  -0.75  
3  ASN 2  A . ? ASN 16 A TYR 3  A ? TYR 17 A 3  -13.35 
4  TYR 3  A . ? TYR 17 A HIS 4  A ? HIS 18 A 3  7.12   
5  LYS 14 A . ? LYS 28 A LEU 15 A ? LEU 29 A 3  29.29  
6  ASN 2  A . ? ASN 16 A TYR 3  A ? TYR 17 A 4  8.70   
7  TYR 3  A . ? TYR 17 A HIS 4  A ? HIS 18 A 4  0.90   
8  HIS 4  A . ? HIS 18 A LEU 5  A ? LEU 19 A 4  28.98  
9  ASN 2  A . ? ASN 16 A TYR 3  A ? TYR 17 A 6  -3.71  
10 ASN 2  A . ? ASN 16 A TYR 3  A ? TYR 17 A 8  12.38  
11 HIS 4  A . ? HIS 18 A LEU 5  A ? LEU 19 A 8  -18.66 
12 LYS 14 A . ? LYS 28 A LEU 15 A ? LEU 29 A 8  2.69   
13 ASN 2  A . ? ASN 16 A TYR 3  A ? TYR 17 A 9  15.89  
14 TYR 3  A . ? TYR 17 A HIS 4  A ? HIS 18 A 9  1.36   
15 HIS 4  A . ? HIS 18 A LEU 5  A ? LEU 19 A 9  12.09  
16 ALA 10 A . ? ALA 24 A ARG 11 A ? ARG 25 A 9  -6.32  
17 ASN 2  A . ? ASN 16 A TYR 3  A ? TYR 17 A 10 8.28   
# 
_struct_site.id                   AC1 
_struct_site.pdbx_evidence_code   Software 
_struct_site.pdbx_auth_asym_id    A 
_struct_site.pdbx_auth_comp_id    ACE 
_struct_site.pdbx_auth_seq_id     15 
_struct_site.pdbx_auth_ins_code   ? 
_struct_site.pdbx_num_residues    3 
_struct_site.details              'BINDING SITE FOR RESIDUE ACE A 15' 
# 
loop_
_struct_site_gen.id 
_struct_site_gen.site_id 
_struct_site_gen.pdbx_num_res 
_struct_site_gen.label_comp_id 
_struct_site_gen.label_asym_id 
_struct_site_gen.label_seq_id 
_struct_site_gen.pdbx_auth_ins_code 
_struct_site_gen.auth_comp_id 
_struct_site_gen.auth_asym_id 
_struct_site_gen.auth_seq_id 
_struct_site_gen.label_atom_id 
_struct_site_gen.label_alt_id 
_struct_site_gen.symmetry 
_struct_site_gen.details 
1 AC1 3 ASN A 2 ? ASN A 16 . ? 1_555 ? 
2 AC1 3 LEU A 5 ? LEU A 19 . ? 1_555 ? 
3 AC1 3 GLU A 6 ? GLU A 20 . ? 1_555 ? 
# 
_pdbx_entry_details.entry_id                   2L56 
_pdbx_entry_details.compound_details           ? 
_pdbx_entry_details.source_details             ? 
_pdbx_entry_details.nonpolymer_details         ? 
_pdbx_entry_details.sequence_details           ? 
_pdbx_entry_details.has_ligand_of_interest     ? 
_pdbx_entry_details.has_protein_modification   Y 
# 
_pdbx_validate_close_contact.id               1 
_pdbx_validate_close_contact.PDB_model_num    3 
_pdbx_validate_close_contact.auth_atom_id_1   O 
_pdbx_validate_close_contact.auth_asym_id_1   A 
_pdbx_validate_close_contact.auth_comp_id_1   HIS 
_pdbx_validate_close_contact.auth_seq_id_1    18 
_pdbx_validate_close_contact.PDB_ins_code_1   ? 
_pdbx_validate_close_contact.label_alt_id_1   ? 
_pdbx_validate_close_contact.auth_atom_id_2   H 
_pdbx_validate_close_contact.auth_asym_id_2   A 
_pdbx_validate_close_contact.auth_comp_id_2   GLU 
_pdbx_validate_close_contact.auth_seq_id_2    20 
_pdbx_validate_close_contact.PDB_ins_code_2   ? 
_pdbx_validate_close_contact.label_alt_id_2   ? 
_pdbx_validate_close_contact.dist             1.56 
# 
loop_
_pdbx_validate_rmsd_angle.id 
_pdbx_validate_rmsd_angle.PDB_model_num 
_pdbx_validate_rmsd_angle.auth_atom_id_1 
_pdbx_validate_rmsd_angle.auth_asym_id_1 
_pdbx_validate_rmsd_angle.auth_comp_id_1 
_pdbx_validate_rmsd_angle.auth_seq_id_1 
_pdbx_validate_rmsd_angle.PDB_ins_code_1 
_pdbx_validate_rmsd_angle.label_alt_id_1 
_pdbx_validate_rmsd_angle.auth_atom_id_2 
_pdbx_validate_rmsd_angle.auth_asym_id_2 
_pdbx_validate_rmsd_angle.auth_comp_id_2 
_pdbx_validate_rmsd_angle.auth_seq_id_2 
_pdbx_validate_rmsd_angle.PDB_ins_code_2 
_pdbx_validate_rmsd_angle.label_alt_id_2 
_pdbx_validate_rmsd_angle.auth_atom_id_3 
_pdbx_validate_rmsd_angle.auth_asym_id_3 
_pdbx_validate_rmsd_angle.auth_comp_id_3 
_pdbx_validate_rmsd_angle.auth_seq_id_3 
_pdbx_validate_rmsd_angle.PDB_ins_code_3 
_pdbx_validate_rmsd_angle.label_alt_id_3 
_pdbx_validate_rmsd_angle.angle_value 
_pdbx_validate_rmsd_angle.angle_target_value 
_pdbx_validate_rmsd_angle.angle_deviation 
_pdbx_validate_rmsd_angle.angle_standard_deviation 
_pdbx_validate_rmsd_angle.linker_flag 
1  1  C   A ASN 16 ? ? N   A TYR 17 ? ? CA  A TYR 17 ? ? 142.82 121.70 21.12  2.50 Y 
2  1  CB  A TYR 17 ? ? CG  A TYR 17 ? ? CD2 A TYR 17 ? ? 116.11 121.00 -4.89  0.60 N 
3  1  N   A HIS 18 ? ? CA  A HIS 18 ? ? CB  A HIS 18 ? ? 126.53 110.60 15.93  1.80 N 
4  1  CB  A ARG 25 ? ? CA  A ARG 25 ? ? C   A ARG 25 ? ? 124.97 110.40 14.57  2.00 N 
5  1  NE  A ARG 25 ? ? CZ  A ARG 25 ? ? NH2 A ARG 25 ? ? 115.90 120.30 -4.40  0.50 N 
6  3  CB  A TYR 17 ? ? CG  A TYR 17 ? ? CD2 A TYR 17 ? ? 112.23 121.00 -8.77  0.60 N 
7  3  CB  A TYR 17 ? ? CG  A TYR 17 ? ? CD1 A TYR 17 ? ? 129.56 121.00 8.56   0.60 N 
8  3  C   A ASN 21 ? ? N   A GLU 22 ? ? CA  A GLU 22 ? ? 137.27 121.70 15.57  2.50 Y 
9  3  CA  A VAL 23 ? ? CB  A VAL 23 ? ? CG1 A VAL 23 ? ? 120.32 110.90 9.42   1.50 N 
10 3  C   A LYS 28 ? ? N   A LEU 29 ? ? CA  A LEU 29 ? ? 138.54 121.70 16.84  2.50 Y 
11 3  N   A LEU 29 ? ? CA  A LEU 29 ? ? C   A LEU 29 ? ? 127.76 111.00 16.76  2.70 N 
12 4  C   A ACE 15 ? ? N   A ASN 16 ? ? CA  A ASN 16 ? ? 136.79 121.70 15.09  2.50 Y 
13 4  N   A ASN 16 ? ? CA  A ASN 16 ? ? C   A ASN 16 ? ? 127.43 111.00 16.43  2.70 N 
14 4  CB  A TYR 17 ? ? CA  A TYR 17 ? ? C   A TYR 17 ? ? 127.67 110.40 17.27  2.00 N 
15 4  CB  A TYR 17 ? ? CG  A TYR 17 ? ? CD2 A TYR 17 ? ? 115.27 121.00 -5.73  0.60 N 
16 4  CZ  A TYR 17 ? ? CE2 A TYR 17 ? ? CD2 A TYR 17 ? ? 125.89 119.80 6.09   0.90 N 
17 4  C   A TYR 17 ? ? N   A HIS 18 ? ? CA  A HIS 18 ? ? 139.18 121.70 17.48  2.50 Y 
18 4  NE  A ARG 25 ? ? CZ  A ARG 25 ? ? NH2 A ARG 25 ? ? 115.14 120.30 -5.16  0.50 N 
19 4  O   A GLY 31 ? ? C   A GLY 31 ? ? N   A NH2 32 ? ? 112.67 122.70 -10.03 1.60 Y 
20 5  CA  A LEU 19 ? ? C   A LEU 19 ? ? N   A GLU 20 ? ? 102.89 117.20 -14.31 2.20 Y 
21 5  OE1 A GLU 20 ? ? CD  A GLU 20 ? ? OE2 A GLU 20 ? ? 132.04 123.30 8.74   1.20 N 
22 5  O   A GLY 31 ? ? C   A GLY 31 ? ? N   A NH2 32 ? ? 110.71 122.70 -11.99 1.60 Y 
23 6  C   A ASN 16 ? ? N   A TYR 17 ? ? CA  A TYR 17 ? ? 136.92 121.70 15.22  2.50 Y 
24 6  CB  A TYR 17 ? ? CG  A TYR 17 ? ? CD2 A TYR 17 ? ? 116.58 121.00 -4.42  0.60 N 
25 6  CA  A TYR 17 ? ? C   A TYR 17 ? ? N   A HIS 18 ? ? 100.36 117.20 -16.84 2.20 Y 
26 6  CA  A HIS 18 ? ? CB  A HIS 18 ? ? CG  A HIS 18 ? ? 102.37 113.60 -11.23 1.70 N 
27 6  N   A LEU 19 ? ? CA  A LEU 19 ? ? C   A LEU 19 ? ? 130.13 111.00 19.13  2.70 N 
28 6  NE  A ARG 25 ? ? CZ  A ARG 25 ? ? NH1 A ARG 25 ? ? 123.73 120.30 3.43   0.50 N 
29 6  NE  A ARG 25 ? ? CZ  A ARG 25 ? ? NH2 A ARG 25 ? ? 116.73 120.30 -3.57  0.50 N 
30 7  N   A TYR 17 ? ? CA  A TYR 17 ? ? C   A TYR 17 ? ? 132.14 111.00 21.14  2.70 N 
31 7  NE  A ARG 25 ? ? CZ  A ARG 25 ? ? NH1 A ARG 25 ? ? 127.32 120.30 7.02   0.50 N 
32 7  NE  A ARG 25 ? ? CZ  A ARG 25 ? ? NH2 A ARG 25 ? ? 114.19 120.30 -6.11  0.50 N 
33 7  CA  A VAL 30 ? ? CB  A VAL 30 ? ? CG2 A VAL 30 ? ? 121.83 110.90 10.93  1.50 N 
34 8  CB  A TYR 17 ? ? CG  A TYR 17 ? ? CD2 A TYR 17 ? ? 114.72 121.00 -6.28  0.60 N 
35 8  N   A HIS 18 ? ? CA  A HIS 18 ? ? C   A HIS 18 ? ? 128.05 111.00 17.05  2.70 N 
36 8  O   A HIS 18 ? ? C   A HIS 18 ? ? N   A LEU 19 ? ? 112.41 122.70 -10.29 1.60 Y 
37 8  C   A HIS 18 ? ? N   A LEU 19 ? ? CA  A LEU 19 ? ? 144.46 121.70 22.76  2.50 Y 
38 8  C   A ASN 21 ? ? N   A GLU 22 ? ? CA  A GLU 22 ? ? 138.72 121.70 17.02  2.50 Y 
39 8  C   A LYS 28 ? ? N   A LEU 29 ? ? CA  A LEU 29 ? ? 144.14 121.70 22.44  2.50 Y 
40 8  CB  A LEU 29 ? ? CA  A LEU 29 ? ? C   A LEU 29 ? ? 124.00 110.20 13.80  1.90 N 
41 8  CG1 A VAL 30 ? ? CB  A VAL 30 ? ? CG2 A VAL 30 ? ? 97.57  110.90 -13.33 1.60 N 
42 9  N   A ASN 16 ? ? CA  A ASN 16 ? ? C   A ASN 16 ? ? 128.07 111.00 17.07  2.70 N 
43 9  C   A ASN 16 ? ? N   A TYR 17 ? ? CA  A TYR 17 ? ? 136.74 121.70 15.04  2.50 Y 
44 9  CB  A TYR 17 ? ? CA  A TYR 17 ? ? C   A TYR 17 ? ? 126.72 110.40 16.32  2.00 N 
45 9  CB  A TYR 17 ? ? CG  A TYR 17 ? ? CD2 A TYR 17 ? ? 116.40 121.00 -4.60  0.60 N 
46 9  CB  A TYR 17 ? ? CG  A TYR 17 ? ? CD1 A TYR 17 ? ? 125.59 121.00 4.59   0.60 N 
47 9  CA  A LEU 19 ? ? C   A LEU 19 ? ? N   A GLU 20 ? ? 103.37 117.20 -13.83 2.20 Y 
48 9  C   A ALA 24 ? ? N   A ARG 25 ? ? CA  A ARG 25 ? ? 136.98 121.70 15.28  2.50 Y 
49 9  NH1 A ARG 25 ? ? CZ  A ARG 25 ? ? NH2 A ARG 25 ? ? 126.97 119.40 7.57   1.10 N 
50 9  NE  A ARG 25 ? ? CZ  A ARG 25 ? ? NH2 A ARG 25 ? ? 110.83 120.30 -9.47  0.50 N 
51 9  N   A ARG 25 ? ? CA  A ARG 25 ? ? C   A ARG 25 ? ? 130.16 111.00 19.16  2.70 N 
52 9  CB  A LEU 26 ? ? CA  A LEU 26 ? ? C   A LEU 26 ? ? 125.50 110.20 15.30  1.90 N 
53 9  N   A LEU 26 ? ? CA  A LEU 26 ? ? CB  A LEU 26 ? ? 98.00  110.40 -12.40 2.00 N 
54 10 C   A ASN 16 ? ? N   A TYR 17 ? ? CA  A TYR 17 ? ? 140.07 121.70 18.37  2.50 Y 
55 10 CB  A TYR 17 ? ? CG  A TYR 17 ? ? CD2 A TYR 17 ? ? 116.07 121.00 -4.93  0.60 N 
# 
loop_
_pdbx_validate_torsion.id 
_pdbx_validate_torsion.PDB_model_num 
_pdbx_validate_torsion.auth_comp_id 
_pdbx_validate_torsion.auth_asym_id 
_pdbx_validate_torsion.auth_seq_id 
_pdbx_validate_torsion.PDB_ins_code 
_pdbx_validate_torsion.label_alt_id 
_pdbx_validate_torsion.phi 
_pdbx_validate_torsion.psi 
1  1  TYR A 17 ? ? 62.04   153.56  
2  1  HIS A 18 ? ? 34.59   -127.61 
3  1  LEU A 19 ? ? 51.49   -71.33  
4  1  GLU A 22 ? ? -166.56 -37.01  
5  1  ARG A 25 ? ? -76.09  -131.57 
6  1  LEU A 26 ? ? 42.22   -77.35  
7  1  VAL A 30 ? ? -96.98  -89.84  
8  2  TYR A 17 ? ? 58.32   74.20   
9  2  HIS A 18 ? ? 67.58   -54.00  
10 2  LYS A 27 ? ? -87.05  45.79   
11 2  LYS A 28 ? ? -158.33 -39.02  
12 3  HIS A 18 ? ? 42.33   -167.77 
13 3  LEU A 19 ? ? 66.44   -48.69  
14 3  GLU A 22 ? ? -175.30 -56.78  
15 3  ALA A 24 ? ? -80.60  42.10   
16 3  ARG A 25 ? ? -154.99 18.01   
17 3  LEU A 26 ? ? -170.35 29.23   
18 3  LYS A 27 ? ? -154.07 -20.43  
19 3  LYS A 28 ? ? -153.28 58.84   
20 3  LEU A 29 ? ? 36.62   -82.70  
21 4  TYR A 17 ? ? 66.42   -131.71 
22 4  LEU A 19 ? ? -160.06 111.47  
23 4  GLU A 20 ? ? -164.08 -48.31  
24 4  ASN A 21 ? ? -86.52  49.08   
25 4  GLU A 22 ? ? -164.38 -39.76  
26 4  ALA A 24 ? ? -86.73  31.17   
27 4  ARG A 25 ? ? -165.33 55.63   
28 4  LEU A 26 ? ? -179.37 -53.54  
29 5  TYR A 17 ? ? 54.41   95.46   
30 5  HIS A 18 ? ? 83.57   -48.04  
31 5  LEU A 19 ? ? -71.31  41.36   
32 5  GLU A 20 ? ? -161.69 -47.02  
33 5  GLU A 22 ? ? -170.15 -55.27  
34 5  LEU A 26 ? ? -85.61  -149.35 
35 5  LYS A 27 ? ? 46.33   -58.06  
36 6  TYR A 17 ? ? 54.39   109.36  
37 6  HIS A 18 ? ? 76.12   72.61   
38 6  LEU A 19 ? ? 65.64   99.00   
39 6  ASN A 21 ? ? -85.21  -81.99  
40 6  GLU A 22 ? ? 42.42   -95.57  
41 6  VAL A 23 ? ? 14.40   -76.97  
42 6  ALA A 24 ? ? -76.03  36.95   
43 6  ARG A 25 ? ? -163.85 -48.19  
44 6  LEU A 26 ? ? -77.91  -128.35 
45 6  LYS A 27 ? ? 23.53   -72.69  
46 6  LEU A 29 ? ? -149.70 -47.92  
47 7  TYR A 17 ? ? 49.82   -68.06  
48 7  HIS A 18 ? ? -149.13 -11.45  
49 7  GLU A 22 ? ? -163.25 -39.49  
50 7  ARG A 25 ? ? -171.89 -52.42  
51 7  LEU A 29 ? ? -147.15 -21.37  
52 8  GLU A 20 ? ? -164.53 -77.06  
53 8  GLU A 22 ? ? -164.72 -54.40  
54 8  ARG A 25 ? ? -163.80 -10.82  
55 8  LEU A 26 ? ? -163.18 20.16   
56 8  LYS A 27 ? ? -156.49 45.46   
57 8  LYS A 28 ? ? 121.35  79.31   
58 8  LEU A 29 ? ? 40.29   -118.99 
59 9  TYR A 17 ? ? 61.53   -120.90 
60 9  LEU A 19 ? ? -152.83 84.72   
61 9  GLU A 22 ? ? -164.24 -36.81  
62 9  ALA A 24 ? ? -165.70 94.27   
63 9  ARG A 25 ? ? 43.38   -76.02  
64 9  LYS A 27 ? ? -154.22 31.95   
65 9  LYS A 28 ? ? -147.18 33.79   
66 9  LEU A 29 ? ? -155.29 -47.86  
67 10 TYR A 17 ? ? 58.36   135.62  
68 10 HIS A 18 ? ? 33.85   -115.36 
69 10 LEU A 19 ? ? 50.87   -70.93  
70 10 ALA A 24 ? ? 179.19  -33.48  
71 10 ARG A 25 ? ? -71.03  -75.08  
72 10 LEU A 26 ? ? 39.57   -75.28  
73 10 LEU A 29 ? ? -150.08 -46.88  
74 10 VAL A 30 ? ? -96.76  -88.27  
# 
loop_
_pdbx_validate_peptide_omega.id 
_pdbx_validate_peptide_omega.PDB_model_num 
_pdbx_validate_peptide_omega.auth_comp_id_1 
_pdbx_validate_peptide_omega.auth_asym_id_1 
_pdbx_validate_peptide_omega.auth_seq_id_1 
_pdbx_validate_peptide_omega.PDB_ins_code_1 
_pdbx_validate_peptide_omega.label_alt_id_1 
_pdbx_validate_peptide_omega.auth_comp_id_2 
_pdbx_validate_peptide_omega.auth_asym_id_2 
_pdbx_validate_peptide_omega.auth_seq_id_2 
_pdbx_validate_peptide_omega.PDB_ins_code_2 
_pdbx_validate_peptide_omega.label_alt_id_2 
_pdbx_validate_peptide_omega.omega 
1 1  HIS A 18 ? ? LEU A 19 ? ? 146.26  
2 2  HIS A 18 ? ? LEU A 19 ? ? -149.43 
3 4  GLU A 22 ? ? VAL A 23 ? ? 148.76  
4 6  HIS A 18 ? ? LEU A 19 ? ? -35.81  
5 6  GLU A 20 ? ? ASN A 21 ? ? 141.70  
6 6  GLU A 22 ? ? VAL A 23 ? ? 140.97  
7 10 HIS A 18 ? ? LEU A 19 ? ? 140.01  
# 
loop_
_pdbx_validate_planes.id 
_pdbx_validate_planes.PDB_model_num 
_pdbx_validate_planes.auth_comp_id 
_pdbx_validate_planes.auth_asym_id 
_pdbx_validate_planes.auth_seq_id 
_pdbx_validate_planes.PDB_ins_code 
_pdbx_validate_planes.label_alt_id 
_pdbx_validate_planes.rmsd 
_pdbx_validate_planes.type 
1  1  TYR A 17 ? ? 0.150 'SIDE CHAIN' 
2  1  HIS A 18 ? ? 0.075 'SIDE CHAIN' 
3  1  ARG A 25 ? ? 0.076 'SIDE CHAIN' 
4  3  TYR A 17 ? ? 0.149 'SIDE CHAIN' 
5  4  TYR A 17 ? ? 0.236 'SIDE CHAIN' 
6  5  TYR A 17 ? ? 0.212 'SIDE CHAIN' 
7  6  TYR A 17 ? ? 0.223 'SIDE CHAIN' 
8  6  HIS A 18 ? ? 0.146 'SIDE CHAIN' 
9  7  TYR A 17 ? ? 0.088 'SIDE CHAIN' 
10 7  ASN A 21 ? ? 0.072 'SIDE CHAIN' 
11 8  TYR A 17 ? ? 0.171 'SIDE CHAIN' 
12 10 TYR A 17 ? ? 0.275 'SIDE CHAIN' 
# 
loop_
_pdbx_validate_main_chain_plane.id 
_pdbx_validate_main_chain_plane.PDB_model_num 
_pdbx_validate_main_chain_plane.auth_comp_id 
_pdbx_validate_main_chain_plane.auth_asym_id 
_pdbx_validate_main_chain_plane.auth_seq_id 
_pdbx_validate_main_chain_plane.PDB_ins_code 
_pdbx_validate_main_chain_plane.label_alt_id 
_pdbx_validate_main_chain_plane.improper_torsion_angle 
1  1  ARG A 25 ? ? 14.73  
2  1  LEU A 29 ? ? 13.14  
3  2  LEU A 19 ? ? -10.54 
4  2  VAL A 23 ? ? -10.23 
5  2  ARG A 25 ? ? 13.80  
6  3  GLU A 20 ? ? -11.88 
7  3  GLU A 22 ? ? -14.06 
8  3  VAL A 23 ? ? -10.84 
9  4  GLU A 22 ? ? -14.29 
10 4  LEU A 26 ? ? -13.27 
11 5  TYR A 17 ? ? 13.19  
12 5  LEU A 19 ? ? 15.18  
13 5  GLU A 20 ? ? -19.87 
14 5  GLU A 22 ? ? -13.56 
15 5  ARG A 25 ? ? 17.79  
16 6  TYR A 17 ? ? -19.13 
17 6  GLU A 22 ? ? 10.02  
18 6  LYS A 27 ? ? -15.59 
19 7  HIS A 18 ? ? -17.71 
20 7  GLU A 20 ? ? -12.73 
21 7  GLU A 22 ? ? -11.90 
22 7  ARG A 25 ? ? -11.29 
23 7  LEU A 26 ? ? -14.67 
24 7  LEU A 29 ? ? -11.58 
25 7  VAL A 30 ? ? -13.85 
26 8  TYR A 17 ? ? -13.70 
27 8  LEU A 19 ? ? -14.91 
28 8  VAL A 23 ? ? -18.36 
29 8  ALA A 24 ? ? -12.46 
30 8  LEU A 26 ? ? -12.34 
31 8  LYS A 27 ? ? -10.91 
32 8  LYS A 28 ? ? 21.87  
33 9  LEU A 19 ? ? -21.57 
34 9  GLU A 20 ? ? -13.98 
35 9  GLU A 22 ? ? -14.49 
36 9  LYS A 27 ? ? -13.51 
37 9  LEU A 29 ? ? 12.08  
38 10 HIS A 18 ? ? 17.22  
39 10 ASN A 21 ? ? -14.71 
40 10 GLU A 22 ? ? -10.36 
41 10 VAL A 23 ? ? 10.19  
42 10 LEU A 26 ? ? -16.32 
43 10 LYS A 27 ? ? -11.95 
# 
_pdbx_database_remark.id     0 
_pdbx_database_remark.text   
;THIS ENTRY 2L56 REFLECTS AN ALTERNATIVE  MODELING OF THE ORIGINAL STRUCTURAL DATA (2OVN.MR) DETERMINED BY AUTHORS OF THE PDB ENTRY 2OVN: M.O.STEINMETZ,I.JELESAROV,W.M.MATOUSEK,S.HONNAPPA,W.JAHNKE,J.H.MISSIMER,S.FRANK,A.T.ALEXANDRESCU,R.A.KAMMERER. HYDROGEN BOND DISTANCE RESTRAINTS IN 2OVN.MR WERE NOT USED IN THE NEW REFINEMENT PROCEDURE BECAUSE THEY ARE NOT BASED ON THE EXPERIMENTAL NMR DATA.
;
# 
_pdbx_nmr_ensemble.average_constraint_violations_per_residue     ? 
_pdbx_nmr_ensemble.average_constraints_per_residue               ? 
_pdbx_nmr_ensemble.average_distance_constraint_violation         ? 
_pdbx_nmr_ensemble.average_torsion_angle_constraint_violation    ? 
_pdbx_nmr_ensemble.conformer_selection_criteria                  'conformational cluster analysis' 
_pdbx_nmr_ensemble.conformers_calculated_total_number            20000 
_pdbx_nmr_ensemble.conformers_submitted_total_number             10 
_pdbx_nmr_ensemble.distance_constraint_violation_method          ? 
_pdbx_nmr_ensemble.entry_id                                      2L56 
_pdbx_nmr_ensemble.maximum_distance_constraint_violation         ? 
_pdbx_nmr_ensemble.maximum_lower_distance_constraint_violation   ? 
_pdbx_nmr_ensemble.maximum_torsion_angle_constraint_violation    ? 
_pdbx_nmr_ensemble.maximum_upper_distance_constraint_violation   ? 
_pdbx_nmr_ensemble.representative_conformer                      1 
_pdbx_nmr_ensemble.torsion_angle_constraint_violation_method     ? 
# 
_pdbx_nmr_representative.conformer_id         1 
_pdbx_nmr_representative.entry_id             2L56 
_pdbx_nmr_representative.selection_criteria   'occurrence frequencies' 
# 
_pdbx_nmr_refine.entry_id           2L56 
_pdbx_nmr_refine.method             'molecular dynamics' 
_pdbx_nmr_refine.details            
;molecular dynamics simulation with time-averaged NOE distance restraining and local elevation biased 3J-value restraining using 179 NOE distances and 15 3J-coupling constants; the 10 deposited structures were selected from a set of 20000 trajectory configurations by conformational cluster analysis; the occurrence frequencies of the clusters that correspond to the deposited model structures are the following: cluster 1 32% cluster 2 14% cluster 3 6% cluster 4 6% cluster 5 6% cluster 6 3% cluster 7 3% cluster 8 2% cluster 9 2% cluster 10 2%.   
   
Authors state that The deviations of the deposited trajectory structures from the so-called "ideal" values for geometrical and stereochemical quantities are partially due to the biasing force derived from the NOE distance bounds and 3J-coupling constants, and partially due to the finite temperature (278K) of the simulations. The ideal geometric and stereochemical values of the GROMOS force field are close to those of Engh and Huber.
;
_pdbx_nmr_refine.software_ordinal   1 
# 
_pdbx_nmr_software.authors          'van Gunsteren and Berendsen' 
_pdbx_nmr_software.classification   refinement 
_pdbx_nmr_software.name             GROMOS 
_pdbx_nmr_software.version          '53A6 FORCE FIELD' 
_pdbx_nmr_software.ordinal          1 
# 
loop_
_chem_comp_atom.comp_id 
_chem_comp_atom.atom_id 
_chem_comp_atom.type_symbol 
_chem_comp_atom.pdbx_aromatic_flag 
_chem_comp_atom.pdbx_stereo_config 
_chem_comp_atom.pdbx_ordinal 
ACE C    C N N 1   
ACE O    O N N 2   
ACE CH3  C N N 3   
ACE H    H N N 4   
ACE H1   H N N 5   
ACE H2   H N N 6   
ACE H3   H N N 7   
ALA N    N N N 8   
ALA CA   C N S 9   
ALA C    C N N 10  
ALA O    O N N 11  
ALA CB   C N N 12  
ALA OXT  O N N 13  
ALA H    H N N 14  
ALA H2   H N N 15  
ALA HA   H N N 16  
ALA HB1  H N N 17  
ALA HB2  H N N 18  
ALA HB3  H N N 19  
ALA HXT  H N N 20  
ARG N    N N N 21  
ARG CA   C N S 22  
ARG C    C N N 23  
ARG O    O N N 24  
ARG CB   C N N 25  
ARG CG   C N N 26  
ARG CD   C N N 27  
ARG NE   N N N 28  
ARG CZ   C N N 29  
ARG NH1  N N N 30  
ARG NH2  N N N 31  
ARG OXT  O N N 32  
ARG H    H N N 33  
ARG H2   H N N 34  
ARG HA   H N N 35  
ARG HB2  H N N 36  
ARG HB3  H N N 37  
ARG HG2  H N N 38  
ARG HG3  H N N 39  
ARG HD2  H N N 40  
ARG HD3  H N N 41  
ARG HE   H N N 42  
ARG HH11 H N N 43  
ARG HH12 H N N 44  
ARG HH21 H N N 45  
ARG HH22 H N N 46  
ARG HXT  H N N 47  
ASN N    N N N 48  
ASN CA   C N S 49  
ASN C    C N N 50  
ASN O    O N N 51  
ASN CB   C N N 52  
ASN CG   C N N 53  
ASN OD1  O N N 54  
ASN ND2  N N N 55  
ASN OXT  O N N 56  
ASN H    H N N 57  
ASN H2   H N N 58  
ASN HA   H N N 59  
ASN HB2  H N N 60  
ASN HB3  H N N 61  
ASN HD21 H N N 62  
ASN HD22 H N N 63  
ASN HXT  H N N 64  
GLU N    N N N 65  
GLU CA   C N S 66  
GLU C    C N N 67  
GLU O    O N N 68  
GLU CB   C N N 69  
GLU CG   C N N 70  
GLU CD   C N N 71  
GLU OE1  O N N 72  
GLU OE2  O N N 73  
GLU OXT  O N N 74  
GLU H    H N N 75  
GLU H2   H N N 76  
GLU HA   H N N 77  
GLU HB2  H N N 78  
GLU HB3  H N N 79  
GLU HG2  H N N 80  
GLU HG3  H N N 81  
GLU HE2  H N N 82  
GLU HXT  H N N 83  
GLY N    N N N 84  
GLY CA   C N N 85  
GLY C    C N N 86  
GLY O    O N N 87  
GLY OXT  O N N 88  
GLY H    H N N 89  
GLY H2   H N N 90  
GLY HA2  H N N 91  
GLY HA3  H N N 92  
GLY HXT  H N N 93  
HIS N    N N N 94  
HIS CA   C N S 95  
HIS C    C N N 96  
HIS O    O N N 97  
HIS CB   C N N 98  
HIS CG   C Y N 99  
HIS ND1  N Y N 100 
HIS CD2  C Y N 101 
HIS CE1  C Y N 102 
HIS NE2  N Y N 103 
HIS OXT  O N N 104 
HIS H    H N N 105 
HIS H2   H N N 106 
HIS HA   H N N 107 
HIS HB2  H N N 108 
HIS HB3  H N N 109 
HIS HD1  H N N 110 
HIS HD2  H N N 111 
HIS HE1  H N N 112 
HIS HE2  H N N 113 
HIS HXT  H N N 114 
LEU N    N N N 115 
LEU CA   C N S 116 
LEU C    C N N 117 
LEU O    O N N 118 
LEU CB   C N N 119 
LEU CG   C N N 120 
LEU CD1  C N N 121 
LEU CD2  C N N 122 
LEU OXT  O N N 123 
LEU H    H N N 124 
LEU H2   H N N 125 
LEU HA   H N N 126 
LEU HB2  H N N 127 
LEU HB3  H N N 128 
LEU HG   H N N 129 
LEU HD11 H N N 130 
LEU HD12 H N N 131 
LEU HD13 H N N 132 
LEU HD21 H N N 133 
LEU HD22 H N N 134 
LEU HD23 H N N 135 
LEU HXT  H N N 136 
LYS N    N N N 137 
LYS CA   C N S 138 
LYS C    C N N 139 
LYS O    O N N 140 
LYS CB   C N N 141 
LYS CG   C N N 142 
LYS CD   C N N 143 
LYS CE   C N N 144 
LYS NZ   N N N 145 
LYS OXT  O N N 146 
LYS H    H N N 147 
LYS H2   H N N 148 
LYS HA   H N N 149 
LYS HB2  H N N 150 
LYS HB3  H N N 151 
LYS HG2  H N N 152 
LYS HG3  H N N 153 
LYS HD2  H N N 154 
LYS HD3  H N N 155 
LYS HE2  H N N 156 
LYS HE3  H N N 157 
LYS HZ1  H N N 158 
LYS HZ2  H N N 159 
LYS HZ3  H N N 160 
LYS HXT  H N N 161 
NH2 N    N N N 162 
NH2 HN1  H N N 163 
NH2 HN2  H N N 164 
TYR N    N N N 165 
TYR CA   C N S 166 
TYR C    C N N 167 
TYR O    O N N 168 
TYR CB   C N N 169 
TYR CG   C Y N 170 
TYR CD1  C Y N 171 
TYR CD2  C Y N 172 
TYR CE1  C Y N 173 
TYR CE2  C Y N 174 
TYR CZ   C Y N 175 
TYR OH   O N N 176 
TYR OXT  O N N 177 
TYR H    H N N 178 
TYR H2   H N N 179 
TYR HA   H N N 180 
TYR HB2  H N N 181 
TYR HB3  H N N 182 
TYR HD1  H N N 183 
TYR HD2  H N N 184 
TYR HE1  H N N 185 
TYR HE2  H N N 186 
TYR HH   H N N 187 
TYR HXT  H N N 188 
VAL N    N N N 189 
VAL CA   C N S 190 
VAL C    C N N 191 
VAL O    O N N 192 
VAL CB   C N N 193 
VAL CG1  C N N 194 
VAL CG2  C N N 195 
VAL OXT  O N N 196 
VAL H    H N N 197 
VAL H2   H N N 198 
VAL HA   H N N 199 
VAL HB   H N N 200 
VAL HG11 H N N 201 
VAL HG12 H N N 202 
VAL HG13 H N N 203 
VAL HG21 H N N 204 
VAL HG22 H N N 205 
VAL HG23 H N N 206 
VAL HXT  H N N 207 
# 
loop_
_chem_comp_bond.comp_id 
_chem_comp_bond.atom_id_1 
_chem_comp_bond.atom_id_2 
_chem_comp_bond.value_order 
_chem_comp_bond.pdbx_aromatic_flag 
_chem_comp_bond.pdbx_stereo_config 
_chem_comp_bond.pdbx_ordinal 
ACE C   O    doub N N 1   
ACE C   CH3  sing N N 2   
ACE C   H    sing N N 3   
ACE CH3 H1   sing N N 4   
ACE CH3 H2   sing N N 5   
ACE CH3 H3   sing N N 6   
ALA N   CA   sing N N 7   
ALA N   H    sing N N 8   
ALA N   H2   sing N N 9   
ALA CA  C    sing N N 10  
ALA CA  CB   sing N N 11  
ALA CA  HA   sing N N 12  
ALA C   O    doub N N 13  
ALA C   OXT  sing N N 14  
ALA CB  HB1  sing N N 15  
ALA CB  HB2  sing N N 16  
ALA CB  HB3  sing N N 17  
ALA OXT HXT  sing N N 18  
ARG N   CA   sing N N 19  
ARG N   H    sing N N 20  
ARG N   H2   sing N N 21  
ARG CA  C    sing N N 22  
ARG CA  CB   sing N N 23  
ARG CA  HA   sing N N 24  
ARG C   O    doub N N 25  
ARG C   OXT  sing N N 26  
ARG CB  CG   sing N N 27  
ARG CB  HB2  sing N N 28  
ARG CB  HB3  sing N N 29  
ARG CG  CD   sing N N 30  
ARG CG  HG2  sing N N 31  
ARG CG  HG3  sing N N 32  
ARG CD  NE   sing N N 33  
ARG CD  HD2  sing N N 34  
ARG CD  HD3  sing N N 35  
ARG NE  CZ   sing N N 36  
ARG NE  HE   sing N N 37  
ARG CZ  NH1  sing N N 38  
ARG CZ  NH2  doub N N 39  
ARG NH1 HH11 sing N N 40  
ARG NH1 HH12 sing N N 41  
ARG NH2 HH21 sing N N 42  
ARG NH2 HH22 sing N N 43  
ARG OXT HXT  sing N N 44  
ASN N   CA   sing N N 45  
ASN N   H    sing N N 46  
ASN N   H2   sing N N 47  
ASN CA  C    sing N N 48  
ASN CA  CB   sing N N 49  
ASN CA  HA   sing N N 50  
ASN C   O    doub N N 51  
ASN C   OXT  sing N N 52  
ASN CB  CG   sing N N 53  
ASN CB  HB2  sing N N 54  
ASN CB  HB3  sing N N 55  
ASN CG  OD1  doub N N 56  
ASN CG  ND2  sing N N 57  
ASN ND2 HD21 sing N N 58  
ASN ND2 HD22 sing N N 59  
ASN OXT HXT  sing N N 60  
GLU N   CA   sing N N 61  
GLU N   H    sing N N 62  
GLU N   H2   sing N N 63  
GLU CA  C    sing N N 64  
GLU CA  CB   sing N N 65  
GLU CA  HA   sing N N 66  
GLU C   O    doub N N 67  
GLU C   OXT  sing N N 68  
GLU CB  CG   sing N N 69  
GLU CB  HB2  sing N N 70  
GLU CB  HB3  sing N N 71  
GLU CG  CD   sing N N 72  
GLU CG  HG2  sing N N 73  
GLU CG  HG3  sing N N 74  
GLU CD  OE1  doub N N 75  
GLU CD  OE2  sing N N 76  
GLU OE2 HE2  sing N N 77  
GLU OXT HXT  sing N N 78  
GLY N   CA   sing N N 79  
GLY N   H    sing N N 80  
GLY N   H2   sing N N 81  
GLY CA  C    sing N N 82  
GLY CA  HA2  sing N N 83  
GLY CA  HA3  sing N N 84  
GLY C   O    doub N N 85  
GLY C   OXT  sing N N 86  
GLY OXT HXT  sing N N 87  
HIS N   CA   sing N N 88  
HIS N   H    sing N N 89  
HIS N   H2   sing N N 90  
HIS CA  C    sing N N 91  
HIS CA  CB   sing N N 92  
HIS CA  HA   sing N N 93  
HIS C   O    doub N N 94  
HIS C   OXT  sing N N 95  
HIS CB  CG   sing N N 96  
HIS CB  HB2  sing N N 97  
HIS CB  HB3  sing N N 98  
HIS CG  ND1  sing Y N 99  
HIS CG  CD2  doub Y N 100 
HIS ND1 CE1  doub Y N 101 
HIS ND1 HD1  sing N N 102 
HIS CD2 NE2  sing Y N 103 
HIS CD2 HD2  sing N N 104 
HIS CE1 NE2  sing Y N 105 
HIS CE1 HE1  sing N N 106 
HIS NE2 HE2  sing N N 107 
HIS OXT HXT  sing N N 108 
LEU N   CA   sing N N 109 
LEU N   H    sing N N 110 
LEU N   H2   sing N N 111 
LEU CA  C    sing N N 112 
LEU CA  CB   sing N N 113 
LEU CA  HA   sing N N 114 
LEU C   O    doub N N 115 
LEU C   OXT  sing N N 116 
LEU CB  CG   sing N N 117 
LEU CB  HB2  sing N N 118 
LEU CB  HB3  sing N N 119 
LEU CG  CD1  sing N N 120 
LEU CG  CD2  sing N N 121 
LEU CG  HG   sing N N 122 
LEU CD1 HD11 sing N N 123 
LEU CD1 HD12 sing N N 124 
LEU CD1 HD13 sing N N 125 
LEU CD2 HD21 sing N N 126 
LEU CD2 HD22 sing N N 127 
LEU CD2 HD23 sing N N 128 
LEU OXT HXT  sing N N 129 
LYS N   CA   sing N N 130 
LYS N   H    sing N N 131 
LYS N   H2   sing N N 132 
LYS CA  C    sing N N 133 
LYS CA  CB   sing N N 134 
LYS CA  HA   sing N N 135 
LYS C   O    doub N N 136 
LYS C   OXT  sing N N 137 
LYS CB  CG   sing N N 138 
LYS CB  HB2  sing N N 139 
LYS CB  HB3  sing N N 140 
LYS CG  CD   sing N N 141 
LYS CG  HG2  sing N N 142 
LYS CG  HG3  sing N N 143 
LYS CD  CE   sing N N 144 
LYS CD  HD2  sing N N 145 
LYS CD  HD3  sing N N 146 
LYS CE  NZ   sing N N 147 
LYS CE  HE2  sing N N 148 
LYS CE  HE3  sing N N 149 
LYS NZ  HZ1  sing N N 150 
LYS NZ  HZ2  sing N N 151 
LYS NZ  HZ3  sing N N 152 
LYS OXT HXT  sing N N 153 
NH2 N   HN1  sing N N 154 
NH2 N   HN2  sing N N 155 
TYR N   CA   sing N N 156 
TYR N   H    sing N N 157 
TYR N   H2   sing N N 158 
TYR CA  C    sing N N 159 
TYR CA  CB   sing N N 160 
TYR CA  HA   sing N N 161 
TYR C   O    doub N N 162 
TYR C   OXT  sing N N 163 
TYR CB  CG   sing N N 164 
TYR CB  HB2  sing N N 165 
TYR CB  HB3  sing N N 166 
TYR CG  CD1  doub Y N 167 
TYR CG  CD2  sing Y N 168 
TYR CD1 CE1  sing Y N 169 
TYR CD1 HD1  sing N N 170 
TYR CD2 CE2  doub Y N 171 
TYR CD2 HD2  sing N N 172 
TYR CE1 CZ   doub Y N 173 
TYR CE1 HE1  sing N N 174 
TYR CE2 CZ   sing Y N 175 
TYR CE2 HE2  sing N N 176 
TYR CZ  OH   sing N N 177 
TYR OH  HH   sing N N 178 
TYR OXT HXT  sing N N 179 
VAL N   CA   sing N N 180 
VAL N   H    sing N N 181 
VAL N   H2   sing N N 182 
VAL CA  C    sing N N 183 
VAL CA  CB   sing N N 184 
VAL CA  HA   sing N N 185 
VAL C   O    doub N N 186 
VAL C   OXT  sing N N 187 
VAL CB  CG1  sing N N 188 
VAL CB  CG2  sing N N 189 
VAL CB  HB   sing N N 190 
VAL CG1 HG11 sing N N 191 
VAL CG1 HG12 sing N N 192 
VAL CG1 HG13 sing N N 193 
VAL CG2 HG21 sing N N 194 
VAL CG2 HG22 sing N N 195 
VAL CG2 HG23 sing N N 196 
VAL OXT HXT  sing N N 197 
# 
_atom_sites.entry_id                    2L56 
_atom_sites.fract_transf_matrix[1][1]   1.000000 
_atom_sites.fract_transf_matrix[1][2]   0.000000 
_atom_sites.fract_transf_matrix[1][3]   0.000000 
_atom_sites.fract_transf_matrix[2][1]   0.000000 
_atom_sites.fract_transf_matrix[2][2]   1.000000 
_atom_sites.fract_transf_matrix[2][3]   0.000000 
_atom_sites.fract_transf_matrix[3][1]   0.000000 
_atom_sites.fract_transf_matrix[3][2]   0.000000 
_atom_sites.fract_transf_matrix[3][3]   1.000000 
_atom_sites.fract_transf_vector[1]      0.00000 
_atom_sites.fract_transf_vector[2]      0.00000 
_atom_sites.fract_transf_vector[3]      0.00000 
# 
loop_
_atom_type.symbol 
C 
H 
N 
O 
# 
loop_
_atom_site.group_PDB 
_atom_site.id 
_atom_site.type_symbol 
_atom_site.label_atom_id 
_atom_site.label_alt_id 
_atom_site.label_comp_id 
_atom_site.label_asym_id 
_atom_site.label_entity_id 
_atom_site.label_seq_id 
_atom_site.pdbx_PDB_ins_code 
_atom_site.Cartn_x 
_atom_site.Cartn_y 
_atom_site.Cartn_z 
_atom_site.occupancy 
_atom_site.B_iso_or_equiv 
_atom_site.pdbx_formal_charge 
_atom_site.auth_seq_id 
_atom_site.auth_comp_id 
_atom_site.auth_asym_id 
_atom_site.auth_atom_id 
_atom_site.pdbx_PDB_model_num 
HETATM 1    C C    . ACE A 1 1  ? -6.906  4.251  -6.845  1.00 0.00 ? 15 ACE A C    1  
HETATM 2    O O    . ACE A 1 1  ? -5.969  4.751  -6.224  1.00 0.00 ? 15 ACE A O    1  
HETATM 3    C CH3  . ACE A 1 1  ? -8.228  5.013  -6.722  1.00 0.00 ? 15 ACE A CH3  1  
ATOM   4    N N    . ASN A 1 2  ? -6.788  3.192  -7.641  1.00 0.00 ? 16 ASN A N    1  
ATOM   5    C CA   . ASN A 1 2  ? -7.835  2.582  -8.475  1.00 0.00 ? 16 ASN A CA   1  
ATOM   6    C C    . ASN A 1 2  ? -8.510  1.354  -7.864  1.00 0.00 ? 16 ASN A C    1  
ATOM   7    O O    . ASN A 1 2  ? -9.535  1.504  -7.202  1.00 0.00 ? 16 ASN A O    1  
ATOM   8    C CB   . ASN A 1 2  ? -7.423  2.506  -9.947  1.00 0.00 ? 16 ASN A CB   1  
ATOM   9    C CG   . ASN A 1 2  ? -8.517  2.117  -10.943 1.00 0.00 ? 16 ASN A CG   1  
ATOM   10   O OD1  . ASN A 1 2  ? -9.713  2.295  -10.721 1.00 0.00 ? 16 ASN A OD1  1  
ATOM   11   N ND2  . ASN A 1 2  ? -8.007  1.820  -12.136 1.00 0.00 ? 16 ASN A ND2  1  
ATOM   12   H H    . ASN A 1 2  ? -5.871  2.801  -7.721  1.00 0.00 ? 16 ASN A H    1  
ATOM   13   H HD21 . ASN A 1 2  ? -7.113  2.110  -12.477 1.00 0.00 ? 16 ASN A HD21 1  
ATOM   14   H HD22 . ASN A 1 2  ? -8.646  1.513  -12.842 1.00 0.00 ? 16 ASN A HD22 1  
ATOM   15   N N    . TYR A 1 3  ? -7.937  0.160  -7.749  1.00 0.00 ? 17 TYR A N    1  
ATOM   16   C CA   . TYR A 1 3  ? -6.776  -0.629 -8.185  1.00 0.00 ? 17 TYR A CA   1  
ATOM   17   C C    . TYR A 1 3  ? -5.373  -0.154 -7.805  1.00 0.00 ? 17 TYR A C    1  
ATOM   18   O O    . TYR A 1 3  ? -5.089  1.042  -7.770  1.00 0.00 ? 17 TYR A O    1  
ATOM   19   C CB   . TYR A 1 3  ? -6.807  -0.853 -9.698  1.00 0.00 ? 17 TYR A CB   1  
ATOM   20   C CG   . TYR A 1 3  ? -5.969  -2.037 -10.184 1.00 0.00 ? 17 TYR A CG   1  
ATOM   21   C CD1  . TYR A 1 3  ? -5.991  -3.283 -9.569  1.00 0.00 ? 17 TYR A CD1  1  
ATOM   22   C CD2  . TYR A 1 3  ? -4.868  -1.725 -10.973 1.00 0.00 ? 17 TYR A CD2  1  
ATOM   23   C CE1  . TYR A 1 3  ? -4.902  -4.145 -9.606  1.00 0.00 ? 17 TYR A CE1  1  
ATOM   24   C CE2  . TYR A 1 3  ? -3.778  -2.587 -10.995 1.00 0.00 ? 17 TYR A CE2  1  
ATOM   25   C CZ   . TYR A 1 3  ? -3.771  -3.815 -10.344 1.00 0.00 ? 17 TYR A CZ   1  
ATOM   26   O OH   . TYR A 1 3  ? -2.727  -4.680 -10.440 1.00 0.00 ? 17 TYR A OH   1  
ATOM   27   H H    . TYR A 1 3  ? -8.320  -0.378 -6.997  1.00 0.00 ? 17 TYR A H    1  
ATOM   28   H HD1  . TYR A 1 3  ? -6.878  -3.587 -9.012  1.00 0.00 ? 17 TYR A HD1  1  
ATOM   29   H HD2  . TYR A 1 3  ? -4.851  -0.894 -11.679 1.00 0.00 ? 17 TYR A HD2  1  
ATOM   30   H HE1  . TYR A 1 3  ? -5.024  -5.094 -9.082  1.00 0.00 ? 17 TYR A HE1  1  
ATOM   31   H HE2  . TYR A 1 3  ? -2.841  -2.216 -11.409 1.00 0.00 ? 17 TYR A HE2  1  
ATOM   32   H HH   . TYR A 1 3  ? -2.194  -4.415 -11.242 1.00 0.00 ? 17 TYR A HH   1  
ATOM   33   N N    . HIS A 1 4  ? -4.467  -1.125 -7.731  1.00 0.00 ? 18 HIS A N    1  
ATOM   34   C CA   . HIS A 1 4  ? -3.062  -0.941 -7.346  1.00 0.00 ? 18 HIS A CA   1  
ATOM   35   C C    . HIS A 1 4  ? -2.951  0.160  -6.290  1.00 0.00 ? 18 HIS A C    1  
ATOM   36   O O    . HIS A 1 4  ? -3.484  -0.069 -5.205  1.00 0.00 ? 18 HIS A O    1  
ATOM   37   C CB   . HIS A 1 4  ? -1.841  -1.080 -8.259  1.00 0.00 ? 18 HIS A CB   1  
ATOM   38   C CG   . HIS A 1 4  ? -1.750  -0.171 -9.486  1.00 0.00 ? 18 HIS A CG   1  
ATOM   39   N ND1  . HIS A 1 4  ? -0.873  -0.505 -10.430 1.00 0.00 ? 18 HIS A ND1  1  
ATOM   40   C CD2  . HIS A 1 4  ? -2.661  0.647  -10.007 1.00 0.00 ? 18 HIS A CD2  1  
ATOM   41   C CE1  . HIS A 1 4  ? -1.176  0.233  -11.493 1.00 0.00 ? 18 HIS A CE1  1  
ATOM   42   N NE2  . HIS A 1 4  ? -2.288  0.922  -11.254 1.00 0.00 ? 18 HIS A NE2  1  
ATOM   43   H H    . HIS A 1 4  ? -4.288  -2.042 -8.091  1.00 0.00 ? 18 HIS A H    1  
ATOM   44   H HD2  . HIS A 1 4  ? -3.255  1.261  -9.332  1.00 0.00 ? 18 HIS A HD2  1  
ATOM   45   H HE1  . HIS A 1 4  ? -0.640  0.211  -12.443 1.00 0.00 ? 18 HIS A HE1  1  
ATOM   46   H HE2  . HIS A 1 4  ? -2.885  1.289  -11.969 1.00 0.00 ? 18 HIS A HE2  1  
ATOM   47   N N    . LEU A 1 5  ? -2.102  1.165  -6.484  1.00 0.00 ? 19 LEU A N    1  
ATOM   48   C CA   . LEU A 1 5  ? -2.272  2.564  -6.064  1.00 0.00 ? 19 LEU A CA   1  
ATOM   49   C C    . LEU A 1 5  ? -2.631  2.754  -4.589  1.00 0.00 ? 19 LEU A C    1  
ATOM   50   O O    . LEU A 1 5  ? -1.774  3.053  -3.759  1.00 0.00 ? 19 LEU A O    1  
ATOM   51   C CB   . LEU A 1 5  ? -3.223  3.233  -7.058  1.00 0.00 ? 19 LEU A CB   1  
ATOM   52   C CG   . LEU A 1 5  ? -2.679  4.075  -8.215  1.00 0.00 ? 19 LEU A CG   1  
ATOM   53   C CD1  . LEU A 1 5  ? -1.260  3.662  -8.610  1.00 0.00 ? 19 LEU A CD1  1  
ATOM   54   C CD2  . LEU A 1 5  ? -3.681  3.903  -9.358  1.00 0.00 ? 19 LEU A CD2  1  
ATOM   55   H H    . LEU A 1 5  ? -1.210  0.954  -6.883  1.00 0.00 ? 19 LEU A H    1  
ATOM   56   N N    . GLU A 1 6  ? -3.878  2.362  -4.349  1.00 0.00 ? 20 GLU A N    1  
ATOM   57   C CA   . GLU A 1 6  ? -4.517  2.306  -3.027  1.00 0.00 ? 20 GLU A CA   1  
ATOM   58   C C    . GLU A 1 6  ? -4.205  1.071  -2.179  1.00 0.00 ? 20 GLU A C    1  
ATOM   59   O O    . GLU A 1 6  ? -3.405  1.168  -1.251  1.00 0.00 ? 20 GLU A O    1  
ATOM   60   C CB   . GLU A 1 6  ? -6.005  2.535  -3.301  1.00 0.00 ? 20 GLU A CB   1  
ATOM   61   C CG   . GLU A 1 6  ? -6.730  1.625  -4.294  1.00 0.00 ? 20 GLU A CG   1  
ATOM   62   C CD   . GLU A 1 6  ? -7.270  0.338  -3.667  1.00 0.00 ? 20 GLU A CD   1  
ATOM   63   O OE1  . GLU A 1 6  ? -7.800  0.234  -2.540  1.00 0.00 ? 20 GLU A OE1  1  
ATOM   64   O OE2  . GLU A 1 6  ? -7.119  -0.711 -4.330  1.00 0.00 ? 20 GLU A OE2  1  
ATOM   65   H H    . GLU A 1 6  ? -4.118  1.671  -5.032  1.00 0.00 ? 20 GLU A H    1  
ATOM   66   N N    . ASN A 1 7  ? -4.576  -0.108 -2.671  1.00 0.00 ? 21 ASN A N    1  
ATOM   67   C CA   . ASN A 1 7  ? -4.033  -1.367 -2.143  1.00 0.00 ? 21 ASN A CA   1  
ATOM   68   C C    . ASN A 1 7  ? -2.687  -1.665 -2.809  1.00 0.00 ? 21 ASN A C    1  
ATOM   69   O O    . ASN A 1 7  ? -2.508  -2.679 -3.480  1.00 0.00 ? 21 ASN A O    1  
ATOM   70   C CB   . ASN A 1 7  ? -5.124  -2.439 -2.112  1.00 0.00 ? 21 ASN A CB   1  
ATOM   71   C CG   . ASN A 1 7  ? -5.932  -2.389 -0.814  1.00 0.00 ? 21 ASN A CG   1  
ATOM   72   O OD1  . ASN A 1 7  ? -5.747  -3.200 0.093   1.00 0.00 ? 21 ASN A OD1  1  
ATOM   73   N ND2  . ASN A 1 7  ? -7.027  -1.639 -0.733  1.00 0.00 ? 21 ASN A ND2  1  
ATOM   74   H H    . ASN A 1 7  ? -5.416  -0.215 -3.203  1.00 0.00 ? 21 ASN A H    1  
ATOM   75   H HD21 . ASN A 1 7  ? -7.262  -1.046 -1.504  1.00 0.00 ? 21 ASN A HD21 1  
ATOM   76   H HD22 . ASN A 1 7  ? -7.618  -1.618 0.075   1.00 0.00 ? 21 ASN A HD22 1  
ATOM   77   N N    . GLU A 1 8  ? -1.785  -0.774 -2.407  1.00 0.00 ? 22 GLU A N    1  
ATOM   78   C CA   . GLU A 1 8  ? -0.354  -0.787 -2.744  1.00 0.00 ? 22 GLU A CA   1  
ATOM   79   C C    . GLU A 1 8  ? 0.412   0.184  -1.845  1.00 0.00 ? 22 GLU A C    1  
ATOM   80   O O    . GLU A 1 8  ? 1.437   -0.234 -1.308  1.00 0.00 ? 22 GLU A O    1  
ATOM   81   C CB   . GLU A 1 8  ? -0.074  -0.279 -4.159  1.00 0.00 ? 22 GLU A CB   1  
ATOM   82   C CG   . GLU A 1 8  ? 0.710   -1.264 -5.029  1.00 0.00 ? 22 GLU A CG   1  
ATOM   83   C CD   . GLU A 1 8  ? 2.192   -1.467 -4.711  1.00 0.00 ? 22 GLU A CD   1  
ATOM   84   O OE1  . GLU A 1 8  ? 2.885   -0.570 -4.184  1.00 0.00 ? 22 GLU A OE1  1  
ATOM   85   O OE2  . GLU A 1 8  ? 2.592   -2.629 -4.934  1.00 0.00 ? 22 GLU A OE2  1  
ATOM   86   H H    . GLU A 1 8  ? -2.249  0.069  -2.136  1.00 0.00 ? 22 GLU A H    1  
ATOM   87   N N    . VAL A 1 9  ? -0.158  1.335  -1.499  1.00 0.00 ? 23 VAL A N    1  
ATOM   88   C CA   . VAL A 1 9  ? 0.381   2.105  -0.369  1.00 0.00 ? 23 VAL A CA   1  
ATOM   89   C C    . VAL A 1 9  ? 0.026   1.465  0.976   1.00 0.00 ? 23 VAL A C    1  
ATOM   90   O O    . VAL A 1 9  ? 0.924   1.141  1.751   1.00 0.00 ? 23 VAL A O    1  
ATOM   91   C CB   . VAL A 1 9  ? -0.027  3.575  -0.472  1.00 0.00 ? 23 VAL A CB   1  
ATOM   92   C CG1  . VAL A 1 9  ? 0.582   4.354  0.694   1.00 0.00 ? 23 VAL A CG1  1  
ATOM   93   C CG2  . VAL A 1 9  ? 0.562   3.995  -1.820  1.00 0.00 ? 23 VAL A CG2  1  
ATOM   94   H H    . VAL A 1 9  ? -0.572  1.924  -2.194  1.00 0.00 ? 23 VAL A H    1  
ATOM   95   N N    . ALA A 1 10 ? -1.241  1.065  1.036   1.00 0.00 ? 24 ALA A N    1  
ATOM   96   C CA   . ALA A 1 10 ? -1.878  0.346  2.149   1.00 0.00 ? 24 ALA A CA   1  
ATOM   97   C C    . ALA A 1 10 ? -1.368  -1.087 2.318   1.00 0.00 ? 24 ALA A C    1  
ATOM   98   O O    . ALA A 1 10 ? -1.771  -1.796 3.240   1.00 0.00 ? 24 ALA A O    1  
ATOM   99   C CB   . ALA A 1 10 ? -3.357  0.304  1.755   1.00 0.00 ? 24 ALA A CB   1  
ATOM   100  H H    . ALA A 1 10 ? -1.838  1.406  0.311   1.00 0.00 ? 24 ALA A H    1  
ATOM   101  N N    . ARG A 1 11 ? -0.641  -1.553 1.307   1.00 0.00 ? 25 ARG A N    1  
ATOM   102  C CA   . ARG A 1 11 ? 0.416   -2.560 1.475   1.00 0.00 ? 25 ARG A CA   1  
ATOM   103  C C    . ARG A 1 11 ? 1.613   -1.821 2.079   1.00 0.00 ? 25 ARG A C    1  
ATOM   104  O O    . ARG A 1 11 ? 1.569   -1.513 3.269   1.00 0.00 ? 25 ARG A O    1  
ATOM   105  C CB   . ARG A 1 11 ? 0.416   -3.264 0.116   1.00 0.00 ? 25 ARG A CB   1  
ATOM   106  C CG   . ARG A 1 11 ? -0.816  -3.967 -0.456  1.00 0.00 ? 25 ARG A CG   1  
ATOM   107  C CD   . ARG A 1 11 ? -0.424  -4.675 -1.754  1.00 0.00 ? 25 ARG A CD   1  
ATOM   108  N NE   . ARG A 1 11 ? 0.036   -6.047 -1.487  1.00 0.00 ? 25 ARG A NE   1  
ATOM   109  C CZ   . ARG A 1 11 ? -0.136  -7.039 -2.372  1.00 0.00 ? 25 ARG A CZ   1  
ATOM   110  N NH1  . ARG A 1 11 ? -0.437  -6.788 -3.654  1.00 0.00 ? 25 ARG A NH1  1  
ATOM   111  N NH2  . ARG A 1 11 ? 0.046   -8.280 -1.903  1.00 0.00 ? 25 ARG A NH2  1  
ATOM   112  H H    . ARG A 1 11 ? -0.812  -1.164 0.401   1.00 0.00 ? 25 ARG A H    1  
ATOM   113  H HE   . ARG A 1 11 ? 0.491   -6.238 -0.618  1.00 0.00 ? 25 ARG A HE   1  
ATOM   114  H HH11 . ARG A 1 11 ? -0.553  -5.818 -3.869  1.00 0.00 ? 25 ARG A HH11 1  
ATOM   115  H HH12 . ARG A 1 11 ? -0.607  -7.477 -4.358  1.00 0.00 ? 25 ARG A HH12 1  
ATOM   116  H HH21 . ARG A 1 11 ? 0.073   -8.454 -0.920  1.00 0.00 ? 25 ARG A HH21 1  
ATOM   117  H HH22 . ARG A 1 11 ? -0.049  -9.051 -2.534  1.00 0.00 ? 25 ARG A HH22 1  
ATOM   118  N N    . LEU A 1 12 ? 2.821   -1.982 1.547   1.00 0.00 ? 26 LEU A N    1  
ATOM   119  C CA   . LEU A 1 12 ? 3.931   -1.028 1.685   1.00 0.00 ? 26 LEU A CA   1  
ATOM   120  C C    . LEU A 1 12 ? 4.255   -0.334 3.010   1.00 0.00 ? 26 LEU A C    1  
ATOM   121  O O    . LEU A 1 12 ? 5.025   -0.808 3.844   1.00 0.00 ? 26 LEU A O    1  
ATOM   122  C CB   . LEU A 1 12 ? 4.130   -0.096 0.489   1.00 0.00 ? 26 LEU A CB   1  
ATOM   123  C CG   . LEU A 1 12 ? 5.571   0.240  0.094   1.00 0.00 ? 26 LEU A CG   1  
ATOM   124  C CD1  . LEU A 1 12 ? 6.338   1.092  1.107   1.00 0.00 ? 26 LEU A CD1  1  
ATOM   125  C CD2  . LEU A 1 12 ? 6.302   -1.081 -0.149  1.00 0.00 ? 26 LEU A CD2  1  
ATOM   126  H H    . LEU A 1 12 ? 2.954   -2.687 0.849   1.00 0.00 ? 26 LEU A H    1  
ATOM   127  N N    . LYS A 1 13 ? 3.427   0.669  3.288   1.00 0.00 ? 27 LYS A N    1  
ATOM   128  C CA   . LYS A 1 13 ? 3.677   1.632  4.370   1.00 0.00 ? 27 LYS A CA   1  
ATOM   129  C C    . LYS A 1 13 ? 3.279   0.995  5.703   1.00 0.00 ? 27 LYS A C    1  
ATOM   130  O O    . LYS A 1 13 ? 3.835   1.306  6.755   1.00 0.00 ? 27 LYS A O    1  
ATOM   131  C CB   . LYS A 1 13 ? 2.750   2.817  4.088   1.00 0.00 ? 27 LYS A CB   1  
ATOM   132  C CG   . LYS A 1 13 ? 2.510   3.699  5.314   1.00 0.00 ? 27 LYS A CG   1  
ATOM   133  C CD   . LYS A 1 13 ? 2.453   5.180  4.937   1.00 0.00 ? 27 LYS A CD   1  
ATOM   134  C CE   . LYS A 1 13 ? 3.790   5.600  4.322   1.00 0.00 ? 27 LYS A CE   1  
ATOM   135  N NZ   . LYS A 1 13 ? 3.858   7.044  4.055   1.00 0.00 ? 27 LYS A NZ   1  
ATOM   136  H H    . LYS A 1 13 ? 2.753   0.912  2.590   1.00 0.00 ? 27 LYS A H    1  
ATOM   137  H HZ1  . LYS A 1 13 ? 4.816   7.334  4.049   1.00 0.00 ? 27 LYS A HZ1  1  
ATOM   138  H HZ2  . LYS A 1 13 ? 3.407   7.625  4.731   1.00 0.00 ? 27 LYS A HZ2  1  
ATOM   139  H HZ3  . LYS A 1 13 ? 3.441   7.206  3.160   1.00 0.00 ? 27 LYS A HZ3  1  
ATOM   140  N N    . LYS A 1 14 ? 2.379   0.017  5.659   1.00 0.00 ? 28 LYS A N    1  
ATOM   141  C CA   . LYS A 1 14 ? 1.837   -0.721 6.809   1.00 0.00 ? 28 LYS A CA   1  
ATOM   142  C C    . LYS A 1 14 ? 2.755   -1.788 7.406   1.00 0.00 ? 28 LYS A C    1  
ATOM   143  O O    . LYS A 1 14 ? 2.662   -2.204 8.560   1.00 0.00 ? 28 LYS A O    1  
ATOM   144  C CB   . LYS A 1 14 ? 0.508   -1.389 6.453   1.00 0.00 ? 28 LYS A CB   1  
ATOM   145  C CG   . LYS A 1 14 ? -0.591  -0.328 6.361   1.00 0.00 ? 28 LYS A CG   1  
ATOM   146  C CD   . LYS A 1 14 ? -1.939  -1.045 6.477   1.00 0.00 ? 28 LYS A CD   1  
ATOM   147  C CE   . LYS A 1 14 ? -3.045  -0.146 7.033   1.00 0.00 ? 28 LYS A CE   1  
ATOM   148  N NZ   . LYS A 1 14 ? -4.155  -1.011 7.455   1.00 0.00 ? 28 LYS A NZ   1  
ATOM   149  H H    . LYS A 1 14 ? 2.089   -0.307 4.759   1.00 0.00 ? 28 LYS A H    1  
ATOM   150  H HZ1  . LYS A 1 14 ? -4.970  -0.466 7.659   1.00 0.00 ? 28 LYS A HZ1  1  
ATOM   151  H HZ2  . LYS A 1 14 ? -3.978  -1.464 8.329   1.00 0.00 ? 28 LYS A HZ2  1  
ATOM   152  H HZ3  . LYS A 1 14 ? -4.360  -1.618 6.688   1.00 0.00 ? 28 LYS A HZ3  1  
ATOM   153  N N    . LEU A 1 15 ? 3.443   -2.397 6.443   1.00 0.00 ? 29 LEU A N    1  
ATOM   154  C CA   . LEU A 1 15 ? 4.546   -3.358 6.579   1.00 0.00 ? 29 LEU A CA   1  
ATOM   155  C C    . LEU A 1 15 ? 5.879   -2.660 6.856   1.00 0.00 ? 29 LEU A C    1  
ATOM   156  O O    . LEU A 1 15 ? 6.799   -3.382 7.238   1.00 0.00 ? 29 LEU A O    1  
ATOM   157  C CB   . LEU A 1 15 ? 4.748   -4.086 5.249   1.00 0.00 ? 29 LEU A CB   1  
ATOM   158  C CG   . LEU A 1 15 ? 3.427   -4.691 4.769   1.00 0.00 ? 29 LEU A CG   1  
ATOM   159  C CD1  . LEU A 1 15 ? 3.446   -5.133 3.304   1.00 0.00 ? 29 LEU A CD1  1  
ATOM   160  C CD2  . LEU A 1 15 ? 2.955   -5.867 5.625   1.00 0.00 ? 29 LEU A CD2  1  
ATOM   161  H H    . LEU A 1 15 ? 3.107   -2.208 5.520   1.00 0.00 ? 29 LEU A H    1  
ATOM   162  N N    . VAL A 1 16 ? 6.153   -1.496 6.275   1.00 0.00 ? 30 VAL A N    1  
ATOM   163  C CA   . VAL A 1 16 ? 7.414   -0.795 6.559   1.00 0.00 ? 30 VAL A CA   1  
ATOM   164  C C    . VAL A 1 16 ? 7.251   0.286  7.630   1.00 0.00 ? 30 VAL A C    1  
ATOM   165  O O    . VAL A 1 16 ? 7.492   -0.061 8.784   1.00 0.00 ? 30 VAL A O    1  
ATOM   166  C CB   . VAL A 1 16 ? 8.135   -0.349 5.285   1.00 0.00 ? 30 VAL A CB   1  
ATOM   167  C CG1  . VAL A 1 16 ? 9.518   0.202  5.637   1.00 0.00 ? 30 VAL A CG1  1  
ATOM   168  C CG2  . VAL A 1 16 ? 8.138   -1.361 4.139   1.00 0.00 ? 30 VAL A CG2  1  
ATOM   169  H H    . VAL A 1 16 ? 5.609   -1.247 5.473   1.00 0.00 ? 30 VAL A H    1  
ATOM   170  N N    . GLY A 1 17 ? 6.931   1.465  7.103   1.00 0.00 ? 31 GLY A N    1  
ATOM   171  C CA   . GLY A 1 17 ? 6.601   2.655  7.901   1.00 0.00 ? 31 GLY A CA   1  
ATOM   172  C C    . GLY A 1 17 ? 6.245   3.898  7.084   1.00 0.00 ? 31 GLY A C    1  
ATOM   173  O O    . GLY A 1 17 ? 5.866   3.807  5.918   1.00 0.00 ? 31 GLY A O    1  
ATOM   174  H H    . GLY A 1 17 ? 6.600   1.495  6.160   1.00 0.00 ? 31 GLY A H    1  
HETATM 175  N N    . NH2 A 1 18 ? 6.674   5.089  7.493   1.00 0.00 ? 32 NH2 A N    1  
HETATM 176  H HN1  . NH2 A 1 18 ? 6.069   5.825  7.192   1.00 0.00 ? 32 NH2 A HN1  1  
HETATM 177  H HN2  . NH2 A 1 18 ? 7.422   5.298  8.123   1.00 0.00 ? 32 NH2 A HN2  1  
HETATM 178  C C    . ACE A 1 1  ? -7.671  -3.770 -12.096 1.00 0.00 ? 15 ACE A C    2  
HETATM 179  O O    . ACE A 1 1  ? -8.261  -4.573 -11.374 1.00 0.00 ? 15 ACE A O    2  
HETATM 180  C CH3  . ACE A 1 1  ? -8.503  -3.411 -13.330 1.00 0.00 ? 15 ACE A CH3  2  
ATOM   181  N N    . ASN A 1 2  ? -6.538  -3.172 -11.738 1.00 0.00 ? 16 ASN A N    2  
ATOM   182  C CA   . ASN A 1 2  ? -5.771  -2.017 -12.225 1.00 0.00 ? 16 ASN A CA   2  
ATOM   183  C C    . ASN A 1 2  ? -6.336  -0.725 -11.632 1.00 0.00 ? 16 ASN A C    2  
ATOM   184  O O    . ASN A 1 2  ? -7.490  -0.377 -11.874 1.00 0.00 ? 16 ASN A O    2  
ATOM   185  C CB   . ASN A 1 2  ? -5.438  -1.909 -13.715 1.00 0.00 ? 16 ASN A CB   2  
ATOM   186  C CG   . ASN A 1 2  ? -4.441  -0.807 -14.079 1.00 0.00 ? 16 ASN A CG   2  
ATOM   187  O OD1  . ASN A 1 2  ? -3.231  -0.782 -13.860 1.00 0.00 ? 16 ASN A OD1  2  
ATOM   188  N ND2  . ASN A 1 2  ? -5.010  0.259  -14.634 1.00 0.00 ? 16 ASN A ND2  2  
ATOM   189  H H    . ASN A 1 2  ? -6.225  -3.404 -10.817 1.00 0.00 ? 16 ASN A H    2  
ATOM   190  H HD21 . ASN A 1 2  ? -5.998  0.263  -14.785 1.00 0.00 ? 16 ASN A HD21 2  
ATOM   191  H HD22 . ASN A 1 2  ? -4.435  1.021  -14.933 1.00 0.00 ? 16 ASN A HD22 2  
ATOM   192  N N    . TYR A 1 3  ? -5.498  -0.245 -10.718 1.00 0.00 ? 17 TYR A N    2  
ATOM   193  C CA   . TYR A 1 3  ? -5.840  0.918  -9.884  1.00 0.00 ? 17 TYR A CA   2  
ATOM   194  C C    . TYR A 1 3  ? -7.117  0.687  -9.071  1.00 0.00 ? 17 TYR A C    2  
ATOM   195  O O    . TYR A 1 3  ? -8.107  1.347  -9.385  1.00 0.00 ? 17 TYR A O    2  
ATOM   196  C CB   . TYR A 1 3  ? -5.784  2.220  -10.686 1.00 0.00 ? 17 TYR A CB   2  
ATOM   197  C CG   . TYR A 1 3  ? -4.341  2.663  -10.940 1.00 0.00 ? 17 TYR A CG   2  
ATOM   198  C CD1  . TYR A 1 3  ? -3.490  1.964  -11.789 1.00 0.00 ? 17 TYR A CD1  2  
ATOM   199  C CD2  . TYR A 1 3  ? -3.939  3.918  -10.498 1.00 0.00 ? 17 TYR A CD2  2  
ATOM   200  C CE1  . TYR A 1 3  ? -2.287  2.532  -12.192 1.00 0.00 ? 17 TYR A CE1  2  
ATOM   201  C CE2  . TYR A 1 3  ? -2.692  4.412  -10.864 1.00 0.00 ? 17 TYR A CE2  2  
ATOM   202  C CZ   . TYR A 1 3  ? -1.813  3.746  -11.709 1.00 0.00 ? 17 TYR A CZ   2  
ATOM   203  O OH   . TYR A 1 3  ? -0.538  4.197  -11.861 1.00 0.00 ? 17 TYR A OH   2  
ATOM   204  H H    . TYR A 1 3  ? -4.697  -0.722 -10.356 1.00 0.00 ? 17 TYR A H    2  
ATOM   205  H HD1  . TYR A 1 3  ? -3.808  0.993  -12.166 1.00 0.00 ? 17 TYR A HD1  2  
ATOM   206  H HD2  . TYR A 1 3  ? -4.671  4.536  -9.978  1.00 0.00 ? 17 TYR A HD2  2  
ATOM   207  H HE1  . TYR A 1 3  ? -1.692  1.892  -12.843 1.00 0.00 ? 17 TYR A HE1  2  
ATOM   208  H HE2  . TYR A 1 3  ? -2.391  5.390  -10.486 1.00 0.00 ? 17 TYR A HE2  2  
ATOM   209  H HH   . TYR A 1 3  ? 0.036   3.482  -12.259 1.00 0.00 ? 17 TYR A HH   2  
ATOM   210  N N    . HIS A 1 4  ? -7.152  -0.106 -8.004  1.00 0.00 ? 18 HIS A N    2  
ATOM   211  C CA   . HIS A 1 4  ? -6.164  -0.943 -7.308  1.00 0.00 ? 18 HIS A CA   2  
ATOM   212  C C    . HIS A 1 4  ? -4.966  -0.377 -6.541  1.00 0.00 ? 18 HIS A C    2  
ATOM   213  O O    . HIS A 1 4  ? -4.745  -0.753 -5.390  1.00 0.00 ? 18 HIS A O    2  
ATOM   214  C CB   . HIS A 1 4  ? -5.847  -2.257 -8.026  1.00 0.00 ? 18 HIS A CB   2  
ATOM   215  C CG   . HIS A 1 4  ? -4.356  -2.566 -8.170  1.00 0.00 ? 18 HIS A CG   2  
ATOM   216  N ND1  . HIS A 1 4  ? -3.815  -2.642 -9.384  1.00 0.00 ? 18 HIS A ND1  2  
ATOM   217  C CD2  . HIS A 1 4  ? -3.357  -2.753 -7.312  1.00 0.00 ? 18 HIS A CD2  2  
ATOM   218  C CE1  . HIS A 1 4  ? -2.530  -2.977 -9.303  1.00 0.00 ? 18 HIS A CE1  2  
ATOM   219  N NE2  . HIS A 1 4  ? -2.240  -2.967 -8.004  1.00 0.00 ? 18 HIS A NE2  2  
ATOM   220  H H    . HIS A 1 4  ? -8.079  -0.070 -7.633  1.00 0.00 ? 18 HIS A H    2  
ATOM   221  H HD2  . HIS A 1 4  ? -3.371  -2.448 -6.266  1.00 0.00 ? 18 HIS A HD2  2  
ATOM   222  H HE1  . HIS A 1 4  ? -1.841  -2.862 -10.139 1.00 0.00 ? 18 HIS A HE1  2  
ATOM   223  H HE2  . HIS A 1 4  ? -1.426  -3.362 -7.579  1.00 0.00 ? 18 HIS A HE2  2  
ATOM   224  N N    . LEU A 1 5  ? -4.134  0.459  -7.155  1.00 0.00 ? 19 LEU A N    2  
ATOM   225  C CA   . LEU A 1 5  ? -2.701  0.583  -6.858  1.00 0.00 ? 19 LEU A CA   2  
ATOM   226  C C    . LEU A 1 5  ? -2.417  1.371  -5.577  1.00 0.00 ? 19 LEU A C    2  
ATOM   227  O O    . LEU A 1 5  ? -1.458  1.166  -4.833  1.00 0.00 ? 19 LEU A O    2  
ATOM   228  C CB   . LEU A 1 5  ? -2.044  0.966  -8.186  1.00 0.00 ? 19 LEU A CB   2  
ATOM   229  C CG   . LEU A 1 5  ? -0.547  1.220  -8.372  1.00 0.00 ? 19 LEU A CG   2  
ATOM   230  C CD1  . LEU A 1 5  ? 0.168   2.311  -7.571  1.00 0.00 ? 19 LEU A CD1  2  
ATOM   231  C CD2  . LEU A 1 5  ? 0.181   -0.127 -8.352  1.00 0.00 ? 19 LEU A CD2  2  
ATOM   232  H H    . LEU A 1 5  ? -4.415  1.187  -7.781  1.00 0.00 ? 19 LEU A H    2  
ATOM   233  N N    . GLU A 1 6  ? -3.476  2.000  -5.073  1.00 0.00 ? 20 GLU A N    2  
ATOM   234  C CA   . GLU A 1 6  ? -3.579  2.643  -3.755  1.00 0.00 ? 20 GLU A CA   2  
ATOM   235  C C    . GLU A 1 6  ? -3.328  1.698  -2.578  1.00 0.00 ? 20 GLU A C    2  
ATOM   236  O O    . GLU A 1 6  ? -3.066  2.127  -1.457  1.00 0.00 ? 20 GLU A O    2  
ATOM   237  C CB   . GLU A 1 6  ? -5.040  3.083  -3.641  1.00 0.00 ? 20 GLU A CB   2  
ATOM   238  C CG   . GLU A 1 6  ? -6.137  2.027  -3.795  1.00 0.00 ? 20 GLU A CG   2  
ATOM   239  C CD   . GLU A 1 6  ? -7.527  2.639  -3.977  1.00 0.00 ? 20 GLU A CD   2  
ATOM   240  O OE1  . GLU A 1 6  ? -8.108  2.869  -2.894  1.00 0.00 ? 20 GLU A OE1  2  
ATOM   241  O OE2  . GLU A 1 6  ? -8.020  2.724  -5.121  1.00 0.00 ? 20 GLU A OE2  2  
ATOM   242  H H    . GLU A 1 6  ? -4.285  2.173  -5.634  1.00 0.00 ? 20 GLU A H    2  
ATOM   243  N N    . ASN A 1 7  ? -3.523  0.403  -2.808  1.00 0.00 ? 21 ASN A N    2  
ATOM   244  C CA   . ASN A 1 7  ? -3.467  -0.638 -1.772  1.00 0.00 ? 21 ASN A CA   2  
ATOM   245  C C    . ASN A 1 7  ? -2.011  -1.027 -1.509  1.00 0.00 ? 21 ASN A C    2  
ATOM   246  O O    . ASN A 1 7  ? -1.638  -1.256 -0.359  1.00 0.00 ? 21 ASN A O    2  
ATOM   247  C CB   . ASN A 1 7  ? -4.263  -1.880 -2.175  1.00 0.00 ? 21 ASN A CB   2  
ATOM   248  C CG   . ASN A 1 7  ? -4.395  -2.900 -1.042  1.00 0.00 ? 21 ASN A CG   2  
ATOM   249  O OD1  . ASN A 1 7  ? -4.026  -4.060 -1.215  1.00 0.00 ? 21 ASN A OD1  2  
ATOM   250  N ND2  . ASN A 1 7  ? -5.205  -2.756 0.004   1.00 0.00 ? 21 ASN A ND2  2  
ATOM   251  H H    . ASN A 1 7  ? -3.982  0.047  -3.622  1.00 0.00 ? 21 ASN A H    2  
ATOM   252  H HD21 . ASN A 1 7  ? -5.708  -1.916 0.201   1.00 0.00 ? 21 ASN A HD21 2  
ATOM   253  H HD22 . ASN A 1 7  ? -5.120  -3.428 0.740   1.00 0.00 ? 21 ASN A HD22 2  
ATOM   254  N N    . GLU A 1 8  ? -1.136  -0.830 -2.492  1.00 0.00 ? 22 GLU A N    2  
ATOM   255  C CA   . GLU A 1 8  ? 0.310   -1.096 -2.489  1.00 0.00 ? 22 GLU A CA   2  
ATOM   256  C C    . GLU A 1 8  ? 1.060   -0.101 -1.600  1.00 0.00 ? 22 GLU A C    2  
ATOM   257  O O    . GLU A 1 8  ? 2.076   -0.383 -0.969  1.00 0.00 ? 22 GLU A O    2  
ATOM   258  C CB   . GLU A 1 8  ? 0.748   -1.016 -3.954  1.00 0.00 ? 22 GLU A CB   2  
ATOM   259  C CG   . GLU A 1 8  ? -0.039  -1.930 -4.897  1.00 0.00 ? 22 GLU A CG   2  
ATOM   260  C CD   . GLU A 1 8  ? 0.484   -3.290 -5.366  1.00 0.00 ? 22 GLU A CD   2  
ATOM   261  O OE1  . GLU A 1 8  ? 1.655   -3.697 -5.214  1.00 0.00 ? 22 GLU A OE1  2  
ATOM   262  O OE2  . GLU A 1 8  ? -0.287  -4.019 -6.025  1.00 0.00 ? 22 GLU A OE2  2  
ATOM   263  H H    . GLU A 1 8  ? -1.390  -0.433 -3.373  1.00 0.00 ? 22 GLU A H    2  
ATOM   264  N N    . VAL A 1 9  ? 0.367   1.029  -1.481  1.00 0.00 ? 23 VAL A N    2  
ATOM   265  C CA   . VAL A 1 9  ? 0.760   2.012  -0.461  1.00 0.00 ? 23 VAL A CA   2  
ATOM   266  C C    . VAL A 1 9  ? 0.407   1.617  0.975   1.00 0.00 ? 23 VAL A C    2  
ATOM   267  O O    . VAL A 1 9  ? 1.336   1.273  1.705   1.00 0.00 ? 23 VAL A O    2  
ATOM   268  C CB   . VAL A 1 9  ? 0.220   3.404  -0.795  1.00 0.00 ? 23 VAL A CB   2  
ATOM   269  C CG1  . VAL A 1 9  ? 0.773   4.475  0.146   1.00 0.00 ? 23 VAL A CG1  2  
ATOM   270  C CG2  . VAL A 1 9  ? 0.405   3.728  -2.279  1.00 0.00 ? 23 VAL A CG2  2  
ATOM   271  H H    . VAL A 1 9  ? -0.118  1.416  -2.265  1.00 0.00 ? 23 VAL A H    2  
ATOM   272  N N    . ALA A 1 10 ? -0.870  1.314  1.193   1.00 0.00 ? 24 ALA A N    2  
ATOM   273  C CA   . ALA A 1 10 ? -1.330  0.807  2.494   1.00 0.00 ? 24 ALA A CA   2  
ATOM   274  C C    . ALA A 1 10 ? -0.855  -0.607 2.834   1.00 0.00 ? 24 ALA A C    2  
ATOM   275  O O    . ALA A 1 10 ? -0.774  -1.029 3.988   1.00 0.00 ? 24 ALA A O    2  
ATOM   276  C CB   . ALA A 1 10 ? -2.847  0.966  2.617   1.00 0.00 ? 24 ALA A CB   2  
ATOM   277  H H    . ALA A 1 10 ? -1.583  1.450  0.507   1.00 0.00 ? 24 ALA A H    2  
ATOM   278  N N    . ARG A 1 11 ? -0.354  -1.372 1.869   1.00 0.00 ? 25 ARG A N    2  
ATOM   279  C CA   . ARG A 1 11 ? 0.424   -2.603 2.067   1.00 0.00 ? 25 ARG A CA   2  
ATOM   280  C C    . ARG A 1 11 ? 1.833   -2.370 2.616   1.00 0.00 ? 25 ARG A C    2  
ATOM   281  O O    . ARG A 1 11 ? 2.472   -3.286 3.134   1.00 0.00 ? 25 ARG A O    2  
ATOM   282  C CB   . ARG A 1 11 ? 0.419   -3.367 0.740   1.00 0.00 ? 25 ARG A CB   2  
ATOM   283  C CG   . ARG A 1 11 ? -0.920  -4.045 0.450   1.00 0.00 ? 25 ARG A CG   2  
ATOM   284  C CD   . ARG A 1 11 ? -0.758  -4.800 -0.870  1.00 0.00 ? 25 ARG A CD   2  
ATOM   285  N NE   . ARG A 1 11 ? -1.482  -6.071 -0.721  1.00 0.00 ? 25 ARG A NE   2  
ATOM   286  C CZ   . ARG A 1 11 ? -1.033  -7.325 -0.860  1.00 0.00 ? 25 ARG A CZ   2  
ATOM   287  N NH1  . ARG A 1 11 ? 0.266   -7.584 -0.656  1.00 0.00 ? 25 ARG A NH1  2  
ATOM   288  N NH2  . ARG A 1 11 ? -1.930  -8.315 -0.772  1.00 0.00 ? 25 ARG A NH2  2  
ATOM   289  H H    . ARG A 1 11 ? -0.666  -1.231 0.930   1.00 0.00 ? 25 ARG A H    2  
ATOM   290  H HE   . ARG A 1 11 ? -2.434  -5.992 -0.420  1.00 0.00 ? 25 ARG A HE   2  
ATOM   291  H HH11 . ARG A 1 11 ? 0.891   -6.805 -0.636  1.00 0.00 ? 25 ARG A HH11 2  
ATOM   292  H HH12 . ARG A 1 11 ? 0.640   -8.509 -0.735  1.00 0.00 ? 25 ARG A HH12 2  
ATOM   293  H HH21 . ARG A 1 11 ? -2.817  -8.176 -0.331  1.00 0.00 ? 25 ARG A HH21 2  
ATOM   294  H HH22 . ARG A 1 11 ? -1.649  -9.264 -0.913  1.00 0.00 ? 25 ARG A HH22 2  
ATOM   295  N N    . LEU A 1 12 ? 2.463   -1.368 2.011   1.00 0.00 ? 26 LEU A N    2  
ATOM   296  C CA   . LEU A 1 12 ? 3.764   -0.903 2.512   1.00 0.00 ? 26 LEU A CA   2  
ATOM   297  C C    . LEU A 1 12 ? 3.826   -0.134 3.833   1.00 0.00 ? 26 LEU A C    2  
ATOM   298  O O    . LEU A 1 12 ? 4.535   -0.642 4.701   1.00 0.00 ? 26 LEU A O    2  
ATOM   299  C CB   . LEU A 1 12 ? 4.580   -0.296 1.370   1.00 0.00 ? 26 LEU A CB   2  
ATOM   300  C CG   . LEU A 1 12 ? 5.420   -1.252 0.521   1.00 0.00 ? 26 LEU A CG   2  
ATOM   301  C CD1  . LEU A 1 12 ? 6.552   -1.918 1.307   1.00 0.00 ? 26 LEU A CD1  2  
ATOM   302  C CD2  . LEU A 1 12 ? 4.588   -2.422 -0.008  1.00 0.00 ? 26 LEU A CD2  2  
ATOM   303  H H    . LEU A 1 12 ? 2.112   -0.882 1.209   1.00 0.00 ? 26 LEU A H    2  
ATOM   304  N N    . LYS A 1 13 ? 2.873   0.768  4.052   1.00 0.00 ? 27 LYS A N    2  
ATOM   305  C CA   . LYS A 1 13 ? 2.815   1.732  5.160   1.00 0.00 ? 27 LYS A CA   2  
ATOM   306  C C    . LYS A 1 13 ? 2.133   1.070  6.359   1.00 0.00 ? 27 LYS A C    2  
ATOM   307  O O    . LYS A 1 13 ? 1.192   1.613  6.936   1.00 0.00 ? 27 LYS A O    2  
ATOM   308  C CB   . LYS A 1 13 ? 1.979   2.926  4.692   1.00 0.00 ? 27 LYS A CB   2  
ATOM   309  C CG   . LYS A 1 13 ? 2.631   3.821  3.637   1.00 0.00 ? 27 LYS A CG   2  
ATOM   310  C CD   . LYS A 1 13 ? 3.875   4.540  4.159   1.00 0.00 ? 27 LYS A CD   2  
ATOM   311  C CE   . LYS A 1 13 ? 4.291   5.311  2.904   1.00 0.00 ? 27 LYS A CE   2  
ATOM   312  N NZ   . LYS A 1 13 ? 5.735   5.577  2.953   1.00 0.00 ? 27 LYS A NZ   2  
ATOM   313  H H    . LYS A 1 13 ? 2.201   0.953  3.335   1.00 0.00 ? 27 LYS A H    2  
ATOM   314  H HZ1  . LYS A 1 13 ? 6.190   4.694  2.839   1.00 0.00 ? 27 LYS A HZ1  2  
ATOM   315  H HZ2  . LYS A 1 13 ? 6.062   6.165  3.694   1.00 0.00 ? 27 LYS A HZ2  2  
ATOM   316  H HZ3  . LYS A 1 13 ? 5.893   6.111  2.123   1.00 0.00 ? 27 LYS A HZ3  2  
ATOM   317  N N    . LYS A 1 14 ? 2.561   -0.161 6.633   1.00 0.00 ? 28 LYS A N    2  
ATOM   318  C CA   . LYS A 1 14 ? 2.238   -1.113 7.705   1.00 0.00 ? 28 LYS A CA   2  
ATOM   319  C C    . LYS A 1 14 ? 3.317   -2.173 7.931   1.00 0.00 ? 28 LYS A C    2  
ATOM   320  O O    . LYS A 1 14 ? 3.515   -2.638 9.054   1.00 0.00 ? 28 LYS A O    2  
ATOM   321  C CB   . LYS A 1 14 ? 0.923   -1.868 7.491   1.00 0.00 ? 28 LYS A CB   2  
ATOM   322  C CG   . LYS A 1 14 ? -0.197  -1.109 8.205   1.00 0.00 ? 28 LYS A CG   2  
ATOM   323  C CD   . LYS A 1 14 ? -1.450  -1.789 7.650   1.00 0.00 ? 28 LYS A CD   2  
ATOM   324  C CE   . LYS A 1 14 ? -2.809  -1.218 8.059   1.00 0.00 ? 28 LYS A CE   2  
ATOM   325  N NZ   . LYS A 1 14 ? -3.006  -1.344 9.510   1.00 0.00 ? 28 LYS A NZ   2  
ATOM   326  H H    . LYS A 1 14 ? 3.325   -0.406 6.037   1.00 0.00 ? 28 LYS A H    2  
ATOM   327  H HZ1  . LYS A 1 14 ? -2.975  -2.318 9.735   1.00 0.00 ? 28 LYS A HZ1  2  
ATOM   328  H HZ2  . LYS A 1 14 ? -3.838  -0.928 9.879   1.00 0.00 ? 28 LYS A HZ2  2  
ATOM   329  H HZ3  . LYS A 1 14 ? -2.279  -0.906 10.039  1.00 0.00 ? 28 LYS A HZ3  2  
ATOM   330  N N    . LEU A 1 15 ? 3.928   -2.679 6.865   1.00 0.00 ? 29 LEU A N    2  
ATOM   331  C CA   . LEU A 1 15 ? 5.073   -3.588 7.029   1.00 0.00 ? 29 LEU A CA   2  
ATOM   332  C C    . LEU A 1 15 ? 6.332   -2.752 7.263   1.00 0.00 ? 29 LEU A C    2  
ATOM   333  O O    . LEU A 1 15 ? 6.932   -2.818 8.336   1.00 0.00 ? 29 LEU A O    2  
ATOM   334  C CB   . LEU A 1 15 ? 5.023   -4.441 5.760   1.00 0.00 ? 29 LEU A CB   2  
ATOM   335  C CG   . LEU A 1 15 ? 6.312   -5.262 5.678   1.00 0.00 ? 29 LEU A CG   2  
ATOM   336  C CD1  . LEU A 1 15 ? 6.060   -6.483 6.564   1.00 0.00 ? 29 LEU A CD1  2  
ATOM   337  C CD2  . LEU A 1 15 ? 6.713   -5.735 4.280   1.00 0.00 ? 29 LEU A CD2  2  
ATOM   338  H H    . LEU A 1 15 ? 3.491   -2.628 5.966   1.00 0.00 ? 29 LEU A H    2  
ATOM   339  N N    . VAL A 1 16 ? 6.550   -1.768 6.397   1.00 0.00 ? 30 VAL A N    2  
ATOM   340  C CA   . VAL A 1 16 ? 7.724   -0.884 6.436   1.00 0.00 ? 30 VAL A CA   2  
ATOM   341  C C    . VAL A 1 16 ? 7.464   0.474  5.783   1.00 0.00 ? 30 VAL A C    2  
ATOM   342  O O    . VAL A 1 16 ? 7.492   0.753  4.585   1.00 0.00 ? 30 VAL A O    2  
ATOM   343  C CB   . VAL A 1 16 ? 8.989   -1.424 5.766   1.00 0.00 ? 30 VAL A CB   2  
ATOM   344  C CG1  . VAL A 1 16 ? 9.684   -2.446 6.669   1.00 0.00 ? 30 VAL A CG1  2  
ATOM   345  C CG2  . VAL A 1 16 ? 8.637   -2.174 4.480   1.00 0.00 ? 30 VAL A CG2  2  
ATOM   346  H H    . VAL A 1 16 ? 5.964   -1.693 5.589   1.00 0.00 ? 30 VAL A H    2  
ATOM   347  N N    . GLY A 1 17 ? 7.068   1.320  6.730   1.00 0.00 ? 31 GLY A N    2  
ATOM   348  C CA   . GLY A 1 17 ? 6.683   2.683  6.339   1.00 0.00 ? 31 GLY A CA   2  
ATOM   349  C C    . GLY A 1 17 ? 6.457   3.692  7.466   1.00 0.00 ? 31 GLY A C    2  
ATOM   350  O O    . GLY A 1 17 ? 5.349   3.869  7.970   1.00 0.00 ? 31 GLY A O    2  
ATOM   351  H H    . GLY A 1 17 ? 6.967   1.083  7.696   1.00 0.00 ? 31 GLY A H    2  
HETATM 352  N N    . NH2 A 1 18 ? 7.415   4.606  7.603   1.00 0.00 ? 32 NH2 A N    2  
HETATM 353  H HN1  . NH2 A 1 18 ? 7.234   5.421  8.153   1.00 0.00 ? 32 NH2 A HN1  2  
HETATM 354  H HN2  . NH2 A 1 18 ? 8.258   4.615  7.069   1.00 0.00 ? 32 NH2 A HN2  2  
HETATM 355  C C    . ACE A 1 1  ? -7.593  -2.814 -10.697 1.00 0.00 ? 15 ACE A C    3  
HETATM 356  O O    . ACE A 1 1  ? -6.872  -3.728 -10.300 1.00 0.00 ? 15 ACE A O    3  
HETATM 357  C CH3  . ACE A 1 1  ? -9.022  -3.194 -11.092 1.00 0.00 ? 15 ACE A CH3  3  
ATOM   358  N N    . ASN A 1 2  ? -7.193  -1.562 -10.497 1.00 0.00 ? 16 ASN A N    3  
ATOM   359  C CA   . ASN A 1 2  ? -7.867  -0.259 -10.420 1.00 0.00 ? 16 ASN A CA   3  
ATOM   360  C C    . ASN A 1 2  ? -9.096  -0.262 -9.508  1.00 0.00 ? 16 ASN A C    3  
ATOM   361  O O    . ASN A 1 2  ? -10.137 -0.721 -9.972  1.00 0.00 ? 16 ASN A O    3  
ATOM   362  C CB   . ASN A 1 2  ? -8.156  0.230  -11.841 1.00 0.00 ? 16 ASN A CB   3  
ATOM   363  C CG   . ASN A 1 2  ? -8.327  1.732  -12.083 1.00 0.00 ? 16 ASN A CG   3  
ATOM   364  O OD1  . ASN A 1 2  ? -7.577  2.274  -12.894 1.00 0.00 ? 16 ASN A OD1  3  
ATOM   365  N ND2  . ASN A 1 2  ? -9.311  2.329  -11.416 1.00 0.00 ? 16 ASN A ND2  3  
ATOM   366  H H    . ASN A 1 2  ? -6.257  -1.497 -10.152 1.00 0.00 ? 16 ASN A H    3  
ATOM   367  H HD21 . ASN A 1 2  ? -9.968  1.677  -11.037 1.00 0.00 ? 16 ASN A HD21 3  
ATOM   368  H HD22 . ASN A 1 2  ? -9.438  3.320  -11.401 1.00 0.00 ? 16 ASN A HD22 3  
ATOM   369  N N    . TYR A 1 3  ? -8.999  -0.014 -8.204  1.00 0.00 ? 17 TYR A N    3  
ATOM   370  C CA   . TYR A 1 3  ? -7.809  0.036  -7.342  1.00 0.00 ? 17 TYR A CA   3  
ATOM   371  C C    . TYR A 1 3  ? -7.273  -1.328 -6.900  1.00 0.00 ? 17 TYR A C    3  
ATOM   372  O O    . TYR A 1 3  ? -8.075  -2.234 -6.688  1.00 0.00 ? 17 TYR A O    3  
ATOM   373  C CB   . TYR A 1 3  ? -8.243  0.955  -6.198  1.00 0.00 ? 17 TYR A CB   3  
ATOM   374  C CG   . TYR A 1 3  ? -8.269  2.436  -6.582  1.00 0.00 ? 17 TYR A CG   3  
ATOM   375  C CD1  . TYR A 1 3  ? -8.046  3.035  -7.816  1.00 0.00 ? 17 TYR A CD1  3  
ATOM   376  C CD2  . TYR A 1 3  ? -8.099  3.267  -5.481  1.00 0.00 ? 17 TYR A CD2  3  
ATOM   377  C CE1  . TYR A 1 3  ? -7.683  4.369  -7.962  1.00 0.00 ? 17 TYR A CE1  3  
ATOM   378  C CE2  . TYR A 1 3  ? -7.622  4.565  -5.633  1.00 0.00 ? 17 TYR A CE2  3  
ATOM   379  C CZ   . TYR A 1 3  ? -7.342  5.148  -6.864  1.00 0.00 ? 17 TYR A CZ   3  
ATOM   380  O OH   . TYR A 1 3  ? -6.871  6.419  -6.970  1.00 0.00 ? 17 TYR A OH   3  
ATOM   381  H H    . TYR A 1 3  ? -9.808  0.288  -7.702  1.00 0.00 ? 17 TYR A H    3  
ATOM   382  H HD1  . TYR A 1 3  ? -8.042  2.437  -8.728  1.00 0.00 ? 17 TYR A HD1  3  
ATOM   383  H HD2  . TYR A 1 3  ? -8.291  2.883  -4.480  1.00 0.00 ? 17 TYR A HD2  3  
ATOM   384  H HE1  . TYR A 1 3  ? -7.635  4.742  -8.986  1.00 0.00 ? 17 TYR A HE1  3  
ATOM   385  H HE2  . TYR A 1 3  ? -7.239  5.078  -4.751  1.00 0.00 ? 17 TYR A HE2  3  
ATOM   386  H HH   . TYR A 1 3  ? -6.764  6.816  -6.057  1.00 0.00 ? 17 TYR A HH   3  
ATOM   387  N N    . HIS A 1 4  ? -5.993  -1.637 -6.711  1.00 0.00 ? 18 HIS A N    3  
ATOM   388  C CA   . HIS A 1 4  ? -4.747  -0.858 -6.709  1.00 0.00 ? 18 HIS A CA   3  
ATOM   389  C C    . HIS A 1 4  ? -4.596  0.517  -6.052  1.00 0.00 ? 18 HIS A C    3  
ATOM   390  O O    . HIS A 1 4  ? -5.468  0.877  -5.263  1.00 0.00 ? 18 HIS A O    3  
ATOM   391  C CB   . HIS A 1 4  ? -4.052  -0.892 -8.071  1.00 0.00 ? 18 HIS A CB   3  
ATOM   392  C CG   . HIS A 1 4  ? -4.143  0.320  -9.001  1.00 0.00 ? 18 HIS A CG   3  
ATOM   393  N ND1  . HIS A 1 4  ? -3.256  0.486  -9.976  1.00 0.00 ? 18 HIS A ND1  3  
ATOM   394  C CD2  . HIS A 1 4  ? -5.049  1.294  -9.040  1.00 0.00 ? 18 HIS A CD2  3  
ATOM   395  C CE1  . HIS A 1 4  ? -3.669  1.571  -10.624 1.00 0.00 ? 18 HIS A CE1  3  
ATOM   396  N NE2  . HIS A 1 4  ? -4.814  2.027  -10.124 1.00 0.00 ? 18 HIS A NE2  3  
ATOM   397  H H    . HIS A 1 4  ? -5.959  -2.628 -6.577  1.00 0.00 ? 18 HIS A H    3  
ATOM   398  H HD2  . HIS A 1 4  ? -5.725  1.597  -8.239  1.00 0.00 ? 18 HIS A HD2  3  
ATOM   399  H HE1  . HIS A 1 4  ? -3.039  2.244  -11.207 1.00 0.00 ? 18 HIS A HE1  3  
ATOM   400  H HE2  . HIS A 1 4  ? -5.346  2.797  -10.474 1.00 0.00 ? 18 HIS A HE2  3  
ATOM   401  N N    . LEU A 1 5  ? -3.510  1.236  -6.318  1.00 0.00 ? 19 LEU A N    3  
ATOM   402  C CA   . LEU A 1 5  ? -3.193  2.632  -5.987  1.00 0.00 ? 19 LEU A CA   3  
ATOM   403  C C    . LEU A 1 5  ? -3.023  2.940  -4.498  1.00 0.00 ? 19 LEU A C    3  
ATOM   404  O O    . LEU A 1 5  ? -1.933  3.244  -4.014  1.00 0.00 ? 19 LEU A O    3  
ATOM   405  C CB   . LEU A 1 5  ? -4.085  3.537  -6.840  1.00 0.00 ? 19 LEU A CB   3  
ATOM   406  C CG   . LEU A 1 5  ? -3.410  4.627  -7.675  1.00 0.00 ? 19 LEU A CG   3  
ATOM   407  C CD1  . LEU A 1 5  ? -2.764  5.751  -6.863  1.00 0.00 ? 19 LEU A CD1  3  
ATOM   408  C CD2  . LEU A 1 5  ? -2.237  4.077  -8.490  1.00 0.00 ? 19 LEU A CD2  3  
ATOM   409  H H    . LEU A 1 5  ? -2.689  0.732  -6.590  1.00 0.00 ? 19 LEU A H    3  
ATOM   410  N N    . GLU A 1 6  ? -4.045  2.431  -3.816  1.00 0.00 ? 20 GLU A N    3  
ATOM   411  C CA   . GLU A 1 6  ? -4.256  2.266  -2.370  1.00 0.00 ? 20 GLU A CA   3  
ATOM   412  C C    . GLU A 1 6  ? -3.565  0.968  -1.946  1.00 0.00 ? 20 GLU A C    3  
ATOM   413  O O    . GLU A 1 6  ? -2.545  1.058  -1.264  1.00 0.00 ? 20 GLU A O    3  
ATOM   414  C CB   . GLU A 1 6  ? -5.756  2.020  -2.200  1.00 0.00 ? 20 GLU A CB   3  
ATOM   415  C CG   . GLU A 1 6  ? -6.550  3.325  -2.289  1.00 0.00 ? 20 GLU A CG   3  
ATOM   416  C CD   . GLU A 1 6  ? -7.934  3.264  -1.641  1.00 0.00 ? 20 GLU A CD   3  
ATOM   417  O OE1  . GLU A 1 6  ? -8.798  2.620  -2.277  1.00 0.00 ? 20 GLU A OE1  3  
ATOM   418  O OE2  . GLU A 1 6  ? -8.070  3.909  -0.580  1.00 0.00 ? 20 GLU A OE2  3  
ATOM   419  H H    . GLU A 1 6  ? -4.656  1.867  -4.371  1.00 0.00 ? 20 GLU A H    3  
ATOM   420  N N    . ASN A 1 7  ? -3.865  -0.066 -2.726  1.00 0.00 ? 21 ASN A N    3  
ATOM   421  C CA   . ASN A 1 7  ? -3.234  -1.392 -2.662  1.00 0.00 ? 21 ASN A CA   3  
ATOM   422  C C    . ASN A 1 7  ? -2.008  -1.358 -3.577  1.00 0.00 ? 21 ASN A C    3  
ATOM   423  O O    . ASN A 1 7  ? -2.064  -1.879 -4.690  1.00 0.00 ? 21 ASN A O    3  
ATOM   424  C CB   . ASN A 1 7  ? -4.189  -2.483 -3.149  1.00 0.00 ? 21 ASN A CB   3  
ATOM   425  C CG   . ASN A 1 7  ? -5.546  -2.429 -2.446  1.00 0.00 ? 21 ASN A CG   3  
ATOM   426  O OD1  . ASN A 1 7  ? -6.406  -1.775 -3.035  1.00 0.00 ? 21 ASN A OD1  3  
ATOM   427  N ND2  . ASN A 1 7  ? -5.720  -3.007 -1.260  1.00 0.00 ? 21 ASN A ND2  3  
ATOM   428  H H    . ASN A 1 7  ? -4.753  -0.146 -3.178  1.00 0.00 ? 21 ASN A H    3  
ATOM   429  H HD21 . ASN A 1 7  ? -5.039  -3.582 -0.807  1.00 0.00 ? 21 ASN A HD21 3  
ATOM   430  H HD22 . ASN A 1 7  ? -6.560  -2.743 -0.785  1.00 0.00 ? 21 ASN A HD22 3  
ATOM   431  N N    . GLU A 1 8  ? -1.059  -0.549 -3.111  1.00 0.00 ? 22 GLU A N    3  
ATOM   432  C CA   . GLU A 1 8  ? 0.225   -0.011 -3.579  1.00 0.00 ? 22 GLU A CA   3  
ATOM   433  C C    . GLU A 1 8  ? 0.880   0.801  -2.460  1.00 0.00 ? 22 GLU A C    3  
ATOM   434  O O    . GLU A 1 8  ? 1.734   0.140  -1.872  1.00 0.00 ? 22 GLU A O    3  
ATOM   435  C CB   . GLU A 1 8  ? 0.011   0.876  -4.808  1.00 0.00 ? 22 GLU A CB   3  
ATOM   436  C CG   . GLU A 1 8  ? -0.196  0.090  -6.105  1.00 0.00 ? 22 GLU A CG   3  
ATOM   437  C CD   . GLU A 1 8  ? 1.051   -0.371 -6.863  1.00 0.00 ? 22 GLU A CD   3  
ATOM   438  O OE1  . GLU A 1 8  ? 1.528   -1.470 -6.513  1.00 0.00 ? 22 GLU A OE1  3  
ATOM   439  O OE2  . GLU A 1 8  ? 1.329   0.167  -7.956  1.00 0.00 ? 22 GLU A OE2  3  
ATOM   440  H H    . GLU A 1 8  ? -1.557  0.033  -2.470  1.00 0.00 ? 22 GLU A H    3  
ATOM   441  N N    . VAL A 1 9  ? 0.150   1.801  -1.973  1.00 0.00 ? 23 VAL A N    3  
ATOM   442  C CA   . VAL A 1 9  ? 0.671   2.471  -0.772  1.00 0.00 ? 23 VAL A CA   3  
ATOM   443  C C    . VAL A 1 9  ? 0.499   1.675  0.524   1.00 0.00 ? 23 VAL A C    3  
ATOM   444  O O    . VAL A 1 9  ? 1.477   1.371  1.205   1.00 0.00 ? 23 VAL A O    3  
ATOM   445  C CB   . VAL A 1 9  ? 0.351   3.956  -0.585  1.00 0.00 ? 23 VAL A CB   3  
ATOM   446  C CG1  . VAL A 1 9  ? 1.002   4.749  0.550   1.00 0.00 ? 23 VAL A CG1  3  
ATOM   447  C CG2  . VAL A 1 9  ? 0.676   4.739  -1.860  1.00 0.00 ? 23 VAL A CG2  3  
ATOM   448  H H    . VAL A 1 9  ? -0.464  2.491  -2.356  1.00 0.00 ? 23 VAL A H    3  
ATOM   449  N N    . ALA A 1 10 ? -0.652  1.014  0.574   1.00 0.00 ? 24 ALA A N    3  
ATOM   450  C CA   . ALA A 1 10 ? -0.952  -0.106 1.479   1.00 0.00 ? 24 ALA A CA   3  
ATOM   451  C C    . ALA A 1 10 ? -0.385  -1.433 0.975   1.00 0.00 ? 24 ALA A C    3  
ATOM   452  O O    . ALA A 1 10 ? -1.081  -2.448 0.957   1.00 0.00 ? 24 ALA A O    3  
ATOM   453  C CB   . ALA A 1 10 ? -2.477  -0.073 1.609   1.00 0.00 ? 24 ALA A CB   3  
ATOM   454  H H    . ALA A 1 10 ? -1.373  1.112  -0.112  1.00 0.00 ? 24 ALA A H    3  
ATOM   455  N N    . ARG A 1 11 ? 0.845   -1.361 0.474   1.00 0.00 ? 25 ARG A N    3  
ATOM   456  C CA   . ARG A 1 11 ? 1.680   -2.530 0.160   1.00 0.00 ? 25 ARG A CA   3  
ATOM   457  C C    . ARG A 1 11 ? 3.167   -2.176 0.199   1.00 0.00 ? 25 ARG A C    3  
ATOM   458  O O    . ARG A 1 11 ? 4.009   -3.039 -0.046  1.00 0.00 ? 25 ARG A O    3  
ATOM   459  C CB   . ARG A 1 11 ? 1.440   -2.797 -1.327  1.00 0.00 ? 25 ARG A CB   3  
ATOM   460  C CG   . ARG A 1 11 ? 0.284   -3.688 -1.787  1.00 0.00 ? 25 ARG A CG   3  
ATOM   461  C CD   . ARG A 1 11 ? 0.308   -3.933 -3.296  1.00 0.00 ? 25 ARG A CD   3  
ATOM   462  N NE   . ARG A 1 11 ? -0.462  -5.170 -3.492  1.00 0.00 ? 25 ARG A NE   3  
ATOM   463  C CZ   . ARG A 1 11 ? 0.053   -6.226 -4.137  1.00 0.00 ? 25 ARG A CZ   3  
ATOM   464  N NH1  . ARG A 1 11 ? 1.091   -6.099 -4.973  1.00 0.00 ? 25 ARG A NH1  3  
ATOM   465  N NH2  . ARG A 1 11 ? -0.658  -7.363 -4.147  1.00 0.00 ? 25 ARG A NH2  3  
ATOM   466  H H    . ARG A 1 11 ? 1.128   -0.655 -0.174  1.00 0.00 ? 25 ARG A H    3  
ATOM   467  H HE   . ARG A 1 11 ? -1.383  -5.174 -3.105  1.00 0.00 ? 25 ARG A HE   3  
ATOM   468  H HH11 . ARG A 1 11 ? 1.728   -5.330 -4.990  1.00 0.00 ? 25 ARG A HH11 3  
ATOM   469  H HH12 . ARG A 1 11 ? 1.295   -6.920 -5.508  1.00 0.00 ? 25 ARG A HH12 3  
ATOM   470  H HH21 . ARG A 1 11 ? -1.643  -7.356 -3.969  1.00 0.00 ? 25 ARG A HH21 3  
ATOM   471  H HH22 . ARG A 1 11 ? -0.262  -8.204 -4.510  1.00 0.00 ? 25 ARG A HH22 3  
ATOM   472  N N    . LEU A 1 12 ? 3.481   -1.056 0.845   1.00 0.00 ? 26 LEU A N    3  
ATOM   473  C CA   . LEU A 1 12 ? 4.810   -0.430 0.896   1.00 0.00 ? 26 LEU A CA   3  
ATOM   474  C C    . LEU A 1 12 ? 4.846   0.706  1.921   1.00 0.00 ? 26 LEU A C    3  
ATOM   475  O O    . LEU A 1 12 ? 5.672   1.619  1.927   1.00 0.00 ? 26 LEU A O    3  
ATOM   476  C CB   . LEU A 1 12 ? 5.054   0.141  -0.503  1.00 0.00 ? 26 LEU A CB   3  
ATOM   477  C CG   . LEU A 1 12 ? 6.490   0.136  -1.030  1.00 0.00 ? 26 LEU A CG   3  
ATOM   478  C CD1  . LEU A 1 12 ? 7.370   -1.073 -0.704  1.00 0.00 ? 26 LEU A CD1  3  
ATOM   479  C CD2  . LEU A 1 12 ? 6.437   0.162  -2.559  1.00 0.00 ? 26 LEU A CD2  3  
ATOM   480  H H    . LEU A 1 12 ? 2.765   -0.360 0.894   1.00 0.00 ? 26 LEU A H    3  
ATOM   481  N N    . LYS A 1 13 ? 4.024   0.592  2.960   1.00 0.00 ? 27 LYS A N    3  
ATOM   482  C CA   . LYS A 1 13 ? 3.850   1.497  4.105   1.00 0.00 ? 27 LYS A CA   3  
ATOM   483  C C    . LYS A 1 13 ? 3.330   0.864  5.398   1.00 0.00 ? 27 LYS A C    3  
ATOM   484  O O    . LYS A 1 13 ? 3.741   1.349  6.452   1.00 0.00 ? 27 LYS A O    3  
ATOM   485  C CB   . LYS A 1 13 ? 3.045   2.729  3.685   1.00 0.00 ? 27 LYS A CB   3  
ATOM   486  C CG   . LYS A 1 13 ? 3.097   4.074  4.413   1.00 0.00 ? 27 LYS A CG   3  
ATOM   487  C CD   . LYS A 1 13 ? 4.524   4.515  4.742   1.00 0.00 ? 27 LYS A CD   3  
ATOM   488  C CE   . LYS A 1 13 ? 4.576   5.963  5.234   1.00 0.00 ? 27 LYS A CE   3  
ATOM   489  N NZ   . LYS A 1 13 ? 6.006   6.217  5.459   1.00 0.00 ? 27 LYS A NZ   3  
ATOM   490  H H    . LYS A 1 13 ? 3.414   -0.195 2.873   1.00 0.00 ? 27 LYS A H    3  
ATOM   491  H HZ1  . LYS A 1 13 ? 6.485   6.344  4.590   1.00 0.00 ? 27 LYS A HZ1  3  
ATOM   492  H HZ2  . LYS A 1 13 ? 6.432   5.492  6.000   1.00 0.00 ? 27 LYS A HZ2  3  
ATOM   493  H HZ3  . LYS A 1 13 ? 6.090   7.027  6.041   1.00 0.00 ? 27 LYS A HZ3  3  
ATOM   494  N N    . LYS A 1 14 ? 2.678   -0.293 5.453   1.00 0.00 ? 28 LYS A N    3  
ATOM   495  C CA   . LYS A 1 14 ? 2.344   -0.955 6.723   1.00 0.00 ? 28 LYS A CA   3  
ATOM   496  C C    . LYS A 1 14 ? 2.240   -2.459 6.460   1.00 0.00 ? 28 LYS A C    3  
ATOM   497  O O    . LYS A 1 14 ? 1.236   -3.143 6.650   1.00 0.00 ? 28 LYS A O    3  
ATOM   498  C CB   . LYS A 1 14 ? 1.133   -0.346 7.431   1.00 0.00 ? 28 LYS A CB   3  
ATOM   499  C CG   . LYS A 1 14 ? -0.130  -0.217 6.578   1.00 0.00 ? 28 LYS A CG   3  
ATOM   500  C CD   . LYS A 1 14 ? -1.412  0.235  7.280   1.00 0.00 ? 28 LYS A CD   3  
ATOM   501  C CE   . LYS A 1 14 ? -1.595  -0.655 8.511   1.00 0.00 ? 28 LYS A CE   3  
ATOM   502  N NZ   . LYS A 1 14 ? -2.762  -0.084 9.197   1.00 0.00 ? 28 LYS A NZ   3  
ATOM   503  H H    . LYS A 1 14 ? 2.443   -0.763 4.601   1.00 0.00 ? 28 LYS A H    3  
ATOM   504  H HZ1  . LYS A 1 14 ? -2.559  0.836  9.534   1.00 0.00 ? 28 LYS A HZ1  3  
ATOM   505  H HZ2  . LYS A 1 14 ? -3.040  -0.649 9.974   1.00 0.00 ? 28 LYS A HZ2  3  
ATOM   506  H HZ3  . LYS A 1 14 ? -3.506  -0.016 8.533   1.00 0.00 ? 28 LYS A HZ3  3  
ATOM   507  N N    . LEU A 1 15 ? 3.297   -3.099 5.970   1.00 0.00 ? 29 LEU A N    3  
ATOM   508  C CA   . LEU A 1 15 ? 4.764   -2.991 6.001   1.00 0.00 ? 29 LEU A CA   3  
ATOM   509  C C    . LEU A 1 15 ? 5.646   -2.554 7.172   1.00 0.00 ? 29 LEU A C    3  
ATOM   510  O O    . LEU A 1 15 ? 5.995   -3.461 7.926   1.00 0.00 ? 29 LEU A O    3  
ATOM   511  C CB   . LEU A 1 15 ? 5.304   -2.428 4.685   1.00 0.00 ? 29 LEU A CB   3  
ATOM   512  C CG   . LEU A 1 15 ? 6.743   -2.871 4.413   1.00 0.00 ? 29 LEU A CG   3  
ATOM   513  C CD1  . LEU A 1 15 ? 6.942   -4.388 4.366   1.00 0.00 ? 29 LEU A CD1  3  
ATOM   514  C CD2  . LEU A 1 15 ? 7.344   -2.130 3.217   1.00 0.00 ? 29 LEU A CD2  3  
ATOM   515  H H    . LEU A 1 15 ? 2.994   -3.643 5.187   1.00 0.00 ? 29 LEU A H    3  
ATOM   516  N N    . VAL A 1 16 ? 5.818   -1.252 7.387   1.00 0.00 ? 30 VAL A N    3  
ATOM   517  C CA   . VAL A 1 16 ? 6.721   -0.668 8.389   1.00 0.00 ? 30 VAL A CA   3  
ATOM   518  C C    . VAL A 1 16 ? 6.319   0.782  8.667   1.00 0.00 ? 30 VAL A C    3  
ATOM   519  O O    . VAL A 1 16 ? 6.364   1.600  7.749   1.00 0.00 ? 30 VAL A O    3  
ATOM   520  C CB   . VAL A 1 16 ? 8.197   -0.553 8.002   1.00 0.00 ? 30 VAL A CB   3  
ATOM   521  C CG1  . VAL A 1 16 ? 8.989   -0.013 9.195   1.00 0.00 ? 30 VAL A CG1  3  
ATOM   522  C CG2  . VAL A 1 16 ? 8.865   -1.891 7.676   1.00 0.00 ? 30 VAL A CG2  3  
ATOM   523  H H    . VAL A 1 16 ? 5.369   -0.556 6.827   1.00 0.00 ? 30 VAL A H    3  
ATOM   524  N N    . GLY A 1 17 ? 6.153   1.093  9.949   1.00 0.00 ? 31 GLY A N    3  
ATOM   525  C CA   . GLY A 1 17 ? 5.746   2.431  10.402  1.00 0.00 ? 31 GLY A CA   3  
ATOM   526  C C    . GLY A 1 17 ? 6.756   3.158  11.294  1.00 0.00 ? 31 GLY A C    3  
ATOM   527  O O    . GLY A 1 17 ? 7.966   2.949  11.224  1.00 0.00 ? 31 GLY A O    3  
ATOM   528  H H    . GLY A 1 17 ? 6.397   0.463  10.687  1.00 0.00 ? 31 GLY A H    3  
HETATM 529  N N    . NH2 A 1 18 ? 6.231   4.053  12.124  1.00 0.00 ? 32 NH2 A N    3  
HETATM 530  H HN1  . NH2 A 1 18 ? 6.789   4.443  12.856  1.00 0.00 ? 32 NH2 A HN1  3  
HETATM 531  H HN2  . NH2 A 1 18 ? 5.246   4.218  12.158  1.00 0.00 ? 32 NH2 A HN2  3  
HETATM 532  C C    . ACE A 1 1  ? -3.323  -3.644 -11.132 1.00 0.00 ? 15 ACE A C    4  
HETATM 533  O O    . ACE A 1 1  ? -2.154  -3.287 -11.273 1.00 0.00 ? 15 ACE A O    4  
HETATM 534  C CH3  . ACE A 1 1  ? -3.718  -5.122 -11.168 1.00 0.00 ? 15 ACE A CH3  4  
ATOM   535  N N    . ASN A 1 2  ? -4.225  -2.722 -10.807 1.00 0.00 ? 16 ASN A N    4  
ATOM   536  C CA   . ASN A 1 2  ? -5.604  -2.705 -10.296 1.00 0.00 ? 16 ASN A CA   4  
ATOM   537  C C    . ASN A 1 2  ? -6.279  -3.750 -9.407  1.00 0.00 ? 16 ASN A C    4  
ATOM   538  O O    . ASN A 1 2  ? -6.687  -4.806 -9.889  1.00 0.00 ? 16 ASN A O    4  
ATOM   539  C CB   . ASN A 1 2  ? -6.527  -2.307 -11.448 1.00 0.00 ? 16 ASN A CB   4  
ATOM   540  C CG   . ASN A 1 2  ? -6.718  -3.063 -12.764 1.00 0.00 ? 16 ASN A CG   4  
ATOM   541  O OD1  . ASN A 1 2  ? -5.873  -3.581 -13.494 1.00 0.00 ? 16 ASN A OD1  4  
ATOM   542  N ND2  . ASN A 1 2  ? -7.948  -2.965 -13.260 1.00 0.00 ? 16 ASN A ND2  4  
ATOM   543  H H    . ASN A 1 2  ? -3.885  -1.782 -10.824 1.00 0.00 ? 16 ASN A H    4  
ATOM   544  H HD21 . ASN A 1 2  ? -8.645  -2.362 -12.872 1.00 0.00 ? 16 ASN A HD21 4  
ATOM   545  H HD22 . ASN A 1 2  ? -8.151  -3.439 -14.116 1.00 0.00 ? 16 ASN A HD22 4  
ATOM   546  N N    . TYR A 1 3  ? -6.467  -3.529 -8.109  1.00 0.00 ? 17 TYR A N    4  
ATOM   547  C CA   . TYR A 1 3  ? -6.280  -2.313 -7.303  1.00 0.00 ? 17 TYR A CA   4  
ATOM   548  C C    . TYR A 1 3  ? -7.251  -1.186 -7.658  1.00 0.00 ? 17 TYR A C    4  
ATOM   549  O O    . TYR A 1 3  ? -8.463  -1.405 -7.657  1.00 0.00 ? 17 TYR A O    4  
ATOM   550  C CB   . TYR A 1 3  ? -4.843  -2.183 -6.795  1.00 0.00 ? 17 TYR A CB   4  
ATOM   551  C CG   . TYR A 1 3  ? -3.835  -3.335 -6.813  1.00 0.00 ? 17 TYR A CG   4  
ATOM   552  C CD1  . TYR A 1 3  ? -3.611  -4.122 -5.690  1.00 0.00 ? 17 TYR A CD1  4  
ATOM   553  C CD2  . TYR A 1 3  ? -2.831  -3.230 -7.769  1.00 0.00 ? 17 TYR A CD2  4  
ATOM   554  C CE1  . TYR A 1 3  ? -2.390  -4.750 -5.470  1.00 0.00 ? 17 TYR A CE1  4  
ATOM   555  C CE2  . TYR A 1 3  ? -1.632  -3.881 -7.508  1.00 0.00 ? 17 TYR A CE2  4  
ATOM   556  C CZ   . TYR A 1 3  ? -1.338  -4.620 -6.367  1.00 0.00 ? 17 TYR A CZ   4  
ATOM   557  O OH   . TYR A 1 3  ? -0.021  -4.802 -6.076  1.00 0.00 ? 17 TYR A OH   4  
ATOM   558  H H    . TYR A 1 3  ? -6.798  -4.261 -7.513  1.00 0.00 ? 17 TYR A H    4  
ATOM   559  H HD1  . TYR A 1 3  ? -4.368  -4.314 -4.930  1.00 0.00 ? 17 TYR A HD1  4  
ATOM   560  H HD2  . TYR A 1 3  ? -2.984  -2.631 -8.667  1.00 0.00 ? 17 TYR A HD2  4  
ATOM   561  H HE1  . TYR A 1 3  ? -2.386  -5.602 -4.790  1.00 0.00 ? 17 TYR A HE1  4  
ATOM   562  H HE2  . TYR A 1 3  ? -0.929  -3.889 -8.340  1.00 0.00 ? 17 TYR A HE2  4  
ATOM   563  H HH   . TYR A 1 3  ? 0.496   -4.023 -6.430  1.00 0.00 ? 17 TYR A HH   4  
ATOM   564  N N    . HIS A 1 4  ? -6.888  0.075  -7.874  1.00 0.00 ? 18 HIS A N    4  
ATOM   565  C CA   . HIS A 1 4  ? -5.666  0.891  -7.905  1.00 0.00 ? 18 HIS A CA   4  
ATOM   566  C C    . HIS A 1 4  ? -5.842  2.390  -7.654  1.00 0.00 ? 18 HIS A C    4  
ATOM   567  O O    . HIS A 1 4  ? -6.567  3.048  -8.398  1.00 0.00 ? 18 HIS A O    4  
ATOM   568  C CB   . HIS A 1 4  ? -5.034  0.805  -9.295  1.00 0.00 ? 18 HIS A CB   4  
ATOM   569  C CG   . HIS A 1 4  ? -3.650  0.156  -9.384  1.00 0.00 ? 18 HIS A CG   4  
ATOM   570  N ND1  . HIS A 1 4  ? -2.981  0.185  -10.532 1.00 0.00 ? 18 HIS A ND1  4  
ATOM   571  C CD2  . HIS A 1 4  ? -2.858  -0.197 -8.374  1.00 0.00 ? 18 HIS A CD2  4  
ATOM   572  C CE1  . HIS A 1 4  ? -1.713  -0.102 -10.244 1.00 0.00 ? 18 HIS A CE1  4  
ATOM   573  N NE2  . HIS A 1 4  ? -1.683  -0.427 -8.954  1.00 0.00 ? 18 HIS A NE2  4  
ATOM   574  H H    . HIS A 1 4  ? -7.694  0.667  -7.918  1.00 0.00 ? 18 HIS A H    4  
ATOM   575  H HD2  . HIS A 1 4  ? -3.043  -0.117 -7.304  1.00 0.00 ? 18 HIS A HD2  4  
ATOM   576  H HE1  . HIS A 1 4  ? -0.776  0.093  -10.766 1.00 0.00 ? 18 HIS A HE1  4  
ATOM   577  H HE2  . HIS A 1 4  ? -0.877  -0.784 -8.484  1.00 0.00 ? 18 HIS A HE2  4  
ATOM   578  N N    . LEU A 1 5  ? -5.068  2.944  -6.726  1.00 0.00 ? 19 LEU A N    4  
ATOM   579  C CA   . LEU A 1 5  ? -3.719  2.547  -6.296  1.00 0.00 ? 19 LEU A CA   4  
ATOM   580  C C    . LEU A 1 5  ? -3.407  3.120  -4.911  1.00 0.00 ? 19 LEU A C    4  
ATOM   581  O O    . LEU A 1 5  ? -3.322  4.301  -4.581  1.00 0.00 ? 19 LEU A O    4  
ATOM   582  C CB   . LEU A 1 5  ? -2.753  2.747  -7.466  1.00 0.00 ? 19 LEU A CB   4  
ATOM   583  C CG   . LEU A 1 5  ? -1.280  3.106  -7.256  1.00 0.00 ? 19 LEU A CG   4  
ATOM   584  C CD1  . LEU A 1 5  ? -0.516  2.137  -6.351  1.00 0.00 ? 19 LEU A CD1  4  
ATOM   585  C CD2  . LEU A 1 5  ? -0.605  3.099  -8.629  1.00 0.00 ? 19 LEU A CD2  4  
ATOM   586  H H    . LEU A 1 5  ? -5.493  3.701  -6.229  1.00 0.00 ? 19 LEU A H    4  
ATOM   587  N N    . GLU A 1 6  ? -3.368  2.051  -4.119  1.00 0.00 ? 20 GLU A N    4  
ATOM   588  C CA   . GLU A 1 6  ? -3.620  2.100  -2.673  1.00 0.00 ? 20 GLU A CA   4  
ATOM   589  C C    . GLU A 1 6  ? -3.169  0.877  -1.873  1.00 0.00 ? 20 GLU A C    4  
ATOM   590  O O    . GLU A 1 6  ? -2.458  0.952  -0.871  1.00 0.00 ? 20 GLU A O    4  
ATOM   591  C CB   . GLU A 1 6  ? -5.079  2.498  -2.437  1.00 0.00 ? 20 GLU A CB   4  
ATOM   592  C CG   . GLU A 1 6  ? -6.275  1.894  -3.174  1.00 0.00 ? 20 GLU A CG   4  
ATOM   593  C CD   . GLU A 1 6  ? -6.737  0.603  -2.496  1.00 0.00 ? 20 GLU A CD   4  
ATOM   594  O OE1  . GLU A 1 6  ? -7.552  0.662  -1.550  1.00 0.00 ? 20 GLU A OE1  4  
ATOM   595  O OE2  . GLU A 1 6  ? -6.350  -0.449 -3.050  1.00 0.00 ? 20 GLU A OE2  4  
ATOM   596  H H    . GLU A 1 6  ? -3.456  1.133  -4.507  1.00 0.00 ? 20 GLU A H    4  
ATOM   597  N N    . ASN A 1 7  ? -3.557  -0.279 -2.406  1.00 0.00 ? 21 ASN A N    4  
ATOM   598  C CA   . ASN A 1 7  ? -3.243  -1.641 -1.949  1.00 0.00 ? 21 ASN A CA   4  
ATOM   599  C C    . ASN A 1 7  ? -1.919  -2.140 -2.532  1.00 0.00 ? 21 ASN A C    4  
ATOM   600  O O    . ASN A 1 7  ? -1.637  -3.194 -3.100  1.00 0.00 ? 21 ASN A O    4  
ATOM   601  C CB   . ASN A 1 7  ? -4.351  -2.479 -2.591  1.00 0.00 ? 21 ASN A CB   4  
ATOM   602  C CG   . ASN A 1 7  ? -4.638  -3.700 -1.714  1.00 0.00 ? 21 ASN A CG   4  
ATOM   603  O OD1  . ASN A 1 7  ? -4.306  -3.875 -0.544  1.00 0.00 ? 21 ASN A OD1  4  
ATOM   604  N ND2  . ASN A 1 7  ? -5.521  -4.537 -2.251  1.00 0.00 ? 21 ASN A ND2  4  
ATOM   605  H H    . ASN A 1 7  ? -4.397  -0.329 -2.945  1.00 0.00 ? 21 ASN A H    4  
ATOM   606  H HD21 . ASN A 1 7  ? -6.242  -4.184 -2.847  1.00 0.00 ? 21 ASN A HD21 4  
ATOM   607  H HD22 . ASN A 1 7  ? -5.660  -5.447 -1.858  1.00 0.00 ? 21 ASN A HD22 4  
ATOM   608  N N    . GLU A 1 8  ? -1.032  -1.171 -2.320  1.00 0.00 ? 22 GLU A N    4  
ATOM   609  C CA   . GLU A 1 8  ? 0.355   -1.001 -2.774  1.00 0.00 ? 22 GLU A CA   4  
ATOM   610  C C    . GLU A 1 8  ? 1.204   0.046  -2.052  1.00 0.00 ? 22 GLU A C    4  
ATOM   611  O O    . GLU A 1 8  ? 2.167   -0.339 -1.389  1.00 0.00 ? 22 GLU A O    4  
ATOM   612  C CB   . GLU A 1 8  ? 0.318   -0.648 -4.263  1.00 0.00 ? 22 GLU A CB   4  
ATOM   613  C CG   . GLU A 1 8  ? 0.396   -1.885 -5.159  1.00 0.00 ? 22 GLU A CG   4  
ATOM   614  C CD   . GLU A 1 8  ? 0.809   -1.720 -6.623  1.00 0.00 ? 22 GLU A CD   4  
ATOM   615  O OE1  . GLU A 1 8  ? 0.434   -0.741 -7.304  1.00 0.00 ? 22 GLU A OE1  4  
ATOM   616  O OE2  . GLU A 1 8  ? 1.407   -2.714 -7.087  1.00 0.00 ? 22 GLU A OE2  4  
ATOM   617  H H    . GLU A 1 8  ? -1.191  -0.574 -1.534  1.00 0.00 ? 22 GLU A H    4  
ATOM   618  N N    . VAL A 1 9  ? 0.599   1.185  -1.728  1.00 0.00 ? 23 VAL A N    4  
ATOM   619  C CA   . VAL A 1 9  ? 0.918   2.015  -0.557  1.00 0.00 ? 23 VAL A CA   4  
ATOM   620  C C    . VAL A 1 9  ? 0.685   1.275  0.763   1.00 0.00 ? 23 VAL A C    4  
ATOM   621  O O    . VAL A 1 9  ? 1.625   1.115  1.540   1.00 0.00 ? 23 VAL A O    4  
ATOM   622  C CB   . VAL A 1 9  ? 0.187   3.351  -0.693  1.00 0.00 ? 23 VAL A CB   4  
ATOM   623  C CG1  . VAL A 1 9  ? 0.589   4.280  0.456   1.00 0.00 ? 23 VAL A CG1  4  
ATOM   624  C CG2  . VAL A 1 9  ? 0.511   4.047  -2.017  1.00 0.00 ? 23 VAL A CG2  4  
ATOM   625  H H    . VAL A 1 9  ? 0.077   1.651  -2.443  1.00 0.00 ? 23 VAL A H    4  
ATOM   626  N N    . ALA A 1 10 ? -0.490  0.660  0.871   1.00 0.00 ? 24 ALA A N    4  
ATOM   627  C CA   . ALA A 1 10 ? -0.998  -0.189 1.958   1.00 0.00 ? 24 ALA A CA   4  
ATOM   628  C C    . ALA A 1 10 ? -0.590  -1.653 1.786   1.00 0.00 ? 24 ALA A C    4  
ATOM   629  O O    . ALA A 1 10 ? -1.044  -2.621 2.394   1.00 0.00 ? 24 ALA A O    4  
ATOM   630  C CB   . ALA A 1 10 ? -2.515  -0.016 2.061   1.00 0.00 ? 24 ALA A CB   4  
ATOM   631  H H    . ALA A 1 10 ? -1.209  0.919  0.226   1.00 0.00 ? 24 ALA A H    4  
ATOM   632  N N    . ARG A 1 11 ? 0.589   -1.693 1.169   1.00 0.00 ? 25 ARG A N    4  
ATOM   633  C CA   . ARG A 1 11 ? 1.436   -2.863 0.899   1.00 0.00 ? 25 ARG A CA   4  
ATOM   634  C C    . ARG A 1 11 ? 2.871   -2.521 0.493   1.00 0.00 ? 25 ARG A C    4  
ATOM   635  O O    . ARG A 1 11 ? 3.365   -2.738 -0.611  1.00 0.00 ? 25 ARG A O    4  
ATOM   636  C CB   . ARG A 1 11 ? 1.000   -3.787 -0.240  1.00 0.00 ? 25 ARG A CB   4  
ATOM   637  C CG   . ARG A 1 11 ? -0.413  -4.355 -0.092  1.00 0.00 ? 25 ARG A CG   4  
ATOM   638  C CD   . ARG A 1 11 ? -0.779  -5.390 -1.155  1.00 0.00 ? 25 ARG A CD   4  
ATOM   639  N NE   . ARG A 1 11 ? -0.708  -6.793 -0.721  1.00 0.00 ? 25 ARG A NE   4  
ATOM   640  C CZ   . ARG A 1 11 ? -1.265  -7.791 -1.422  1.00 0.00 ? 25 ARG A CZ   4  
ATOM   641  N NH1  . ARG A 1 11 ? -2.149  -7.547 -2.399  1.00 0.00 ? 25 ARG A NH1  4  
ATOM   642  N NH2  . ARG A 1 11 ? -1.015  -9.022 -0.956  1.00 0.00 ? 25 ARG A NH2  4  
ATOM   643  H H    . ARG A 1 11 ? 0.839   -0.925 0.578   1.00 0.00 ? 25 ARG A H    4  
ATOM   644  H HE   . ARG A 1 11 ? -0.060  -7.075 -0.014  1.00 0.00 ? 25 ARG A HE   4  
ATOM   645  H HH11 . ARG A 1 11 ? -2.449  -6.599 -2.501  1.00 0.00 ? 25 ARG A HH11 4  
ATOM   646  H HH12 . ARG A 1 11 ? -2.489  -8.255 -3.018  1.00 0.00 ? 25 ARG A HH12 4  
ATOM   647  H HH21 . ARG A 1 11 ? -0.217  -9.152 -0.370  1.00 0.00 ? 25 ARG A HH21 4  
ATOM   648  H HH22 . ARG A 1 11 ? -1.417  -9.850 -1.347  1.00 0.00 ? 25 ARG A HH22 4  
ATOM   649  N N    . LEU A 1 12 ? 3.342   -1.758 1.475   1.00 0.00 ? 26 LEU A N    4  
ATOM   650  C CA   . LEU A 1 12 ? 4.680   -1.198 1.718   1.00 0.00 ? 26 LEU A CA   4  
ATOM   651  C C    . LEU A 1 12 ? 4.837   -0.366 2.992   1.00 0.00 ? 26 LEU A C    4  
ATOM   652  O O    . LEU A 1 12 ? 5.385   -0.891 3.959   1.00 0.00 ? 26 LEU A O    4  
ATOM   653  C CB   . LEU A 1 12 ? 5.010   -0.277 0.542   1.00 0.00 ? 26 LEU A CB   4  
ATOM   654  C CG   . LEU A 1 12 ? 6.475   -0.445 0.128   1.00 0.00 ? 26 LEU A CG   4  
ATOM   655  C CD1  . LEU A 1 12 ? 6.716   -1.904 -0.262  1.00 0.00 ? 26 LEU A CD1  4  
ATOM   656  C CD2  . LEU A 1 12 ? 6.847   0.389  -1.099  1.00 0.00 ? 26 LEU A CD2  4  
ATOM   657  H H    . LEU A 1 12 ? 2.659   -1.633 2.195   1.00 0.00 ? 26 LEU A H    4  
ATOM   658  N N    . LYS A 1 13 ? 3.971   0.633  3.151   1.00 0.00 ? 27 LYS A N    4  
ATOM   659  C CA   . LYS A 1 13 ? 4.088   1.698  4.157   1.00 0.00 ? 27 LYS A CA   4  
ATOM   660  C C    . LYS A 1 13 ? 3.496   1.378  5.531   1.00 0.00 ? 27 LYS A C    4  
ATOM   661  O O    . LYS A 1 13 ? 4.060   1.727  6.566   1.00 0.00 ? 27 LYS A O    4  
ATOM   662  C CB   . LYS A 1 13 ? 3.655   3.097  3.713   1.00 0.00 ? 27 LYS A CB   4  
ATOM   663  C CG   . LYS A 1 13 ? 4.838   4.055  3.863   1.00 0.00 ? 27 LYS A CG   4  
ATOM   664  C CD   . LYS A 1 13 ? 4.164   5.420  4.011   1.00 0.00 ? 27 LYS A CD   4  
ATOM   665  C CE   . LYS A 1 13 ? 3.342   5.936  2.828   1.00 0.00 ? 27 LYS A CE   4  
ATOM   666  N NZ   . LYS A 1 13 ? 4.207   6.340  1.711   1.00 0.00 ? 27 LYS A NZ   4  
ATOM   667  H H    . LYS A 1 13 ? 3.271   0.799  2.458   1.00 0.00 ? 27 LYS A H    4  
ATOM   668  H HZ1  . LYS A 1 13 ? 3.662   6.763  0.986   1.00 0.00 ? 27 LYS A HZ1  4  
ATOM   669  H HZ2  . LYS A 1 13 ? 4.653   5.526  1.344   1.00 0.00 ? 27 LYS A HZ2  4  
ATOM   670  H HZ3  . LYS A 1 13 ? 4.935   6.972  1.981   1.00 0.00 ? 27 LYS A HZ3  4  
ATOM   671  N N    . LYS A 1 14 ? 2.485   0.517  5.613   1.00 0.00 ? 28 LYS A N    4  
ATOM   672  C CA   . LYS A 1 14 ? 1.822   0.067  6.845   1.00 0.00 ? 28 LYS A CA   4  
ATOM   673  C C    . LYS A 1 14 ? 2.666   -1.045 7.472   1.00 0.00 ? 28 LYS A C    4  
ATOM   674  O O    . LYS A 1 14 ? 2.597   -1.147 8.696   1.00 0.00 ? 28 LYS A O    4  
ATOM   675  C CB   . LYS A 1 14 ? 0.382   -0.403 6.635   1.00 0.00 ? 28 LYS A CB   4  
ATOM   676  C CG   . LYS A 1 14 ? -0.534  0.776  6.300   1.00 0.00 ? 28 LYS A CG   4  
ATOM   677  C CD   . LYS A 1 14 ? -0.630  1.896  7.338   1.00 0.00 ? 28 LYS A CD   4  
ATOM   678  C CE   . LYS A 1 14 ? -1.620  2.964  6.871   1.00 0.00 ? 28 LYS A CE   4  
ATOM   679  N NZ   . LYS A 1 14 ? -1.714  4.123  7.773   1.00 0.00 ? 28 LYS A NZ   4  
ATOM   680  H H    . LYS A 1 14 ? 2.366   -0.080 4.819   1.00 0.00 ? 28 LYS A H    4  
ATOM   681  H HZ1  . LYS A 1 14 ? -2.659  4.451  7.777   1.00 0.00 ? 28 LYS A HZ1  4  
ATOM   682  H HZ2  . LYS A 1 14 ? -1.146  4.862  7.413   1.00 0.00 ? 28 LYS A HZ2  4  
ATOM   683  H HZ3  . LYS A 1 14 ? -1.442  3.901  8.710   1.00 0.00 ? 28 LYS A HZ3  4  
ATOM   684  N N    . LEU A 1 15 ? 3.421   -1.861 6.741   1.00 0.00 ? 29 LEU A N    4  
ATOM   685  C CA   . LEU A 1 15 ? 4.513   -2.662 7.315   1.00 0.00 ? 29 LEU A CA   4  
ATOM   686  C C    . LEU A 1 15 ? 5.852   -1.945 7.496   1.00 0.00 ? 29 LEU A C    4  
ATOM   687  O O    . LEU A 1 15 ? 6.446   -2.013 8.571   1.00 0.00 ? 29 LEU A O    4  
ATOM   688  C CB   . LEU A 1 15 ? 4.608   -3.886 6.402   1.00 0.00 ? 29 LEU A CB   4  
ATOM   689  C CG   . LEU A 1 15 ? 5.604   -4.943 6.884   1.00 0.00 ? 29 LEU A CG   4  
ATOM   690  C CD1  . LEU A 1 15 ? 5.198   -5.653 8.177   1.00 0.00 ? 29 LEU A CD1  4  
ATOM   691  C CD2  . LEU A 1 15 ? 5.806   -6.127 5.933   1.00 0.00 ? 29 LEU A CD2  4  
ATOM   692  H H    . LEU A 1 15 ? 3.055   -2.240 5.890   1.00 0.00 ? 29 LEU A H    4  
ATOM   693  N N    . VAL A 1 16 ? 6.332   -1.158 6.537   1.00 0.00 ? 30 VAL A N    4  
ATOM   694  C CA   . VAL A 1 16 ? 7.565   -0.381 6.725   1.00 0.00 ? 30 VAL A CA   4  
ATOM   695  C C    . VAL A 1 16 ? 7.173   1.018  7.205   1.00 0.00 ? 30 VAL A C    4  
ATOM   696  O O    . VAL A 1 16 ? 6.858   1.905  6.413   1.00 0.00 ? 30 VAL A O    4  
ATOM   697  C CB   . VAL A 1 16 ? 8.648   -0.272 5.649   1.00 0.00 ? 30 VAL A CB   4  
ATOM   698  C CG1  . VAL A 1 16 ? 10.025  -0.091 6.290   1.00 0.00 ? 30 VAL A CG1  4  
ATOM   699  C CG2  . VAL A 1 16 ? 8.607   -1.442 4.663   1.00 0.00 ? 30 VAL A CG2  4  
ATOM   700  H H    . VAL A 1 16 ? 5.900   -1.046 5.641   1.00 0.00 ? 30 VAL A H    4  
ATOM   701  N N    . GLY A 1 17 ? 7.218   1.120  8.531   1.00 0.00 ? 31 GLY A N    4  
ATOM   702  C CA   . GLY A 1 17 ? 6.971   2.350  9.297   1.00 0.00 ? 31 GLY A CA   4  
ATOM   703  C C    . GLY A 1 17 ? 5.605   2.645  9.919   1.00 0.00 ? 31 GLY A C    4  
ATOM   704  O O    . GLY A 1 17 ? 5.402   2.988  11.083  1.00 0.00 ? 31 GLY A O    4  
ATOM   705  H H    . GLY A 1 17 ? 7.433   0.300  9.061   1.00 0.00 ? 31 GLY A H    4  
HETATM 706  N N    . NH2 A 1 18 ? 4.497   2.649  9.182   1.00 0.00 ? 32 NH2 A N    4  
HETATM 707  H HN1  . NH2 A 1 18 ? 3.717   3.057  9.655   1.00 0.00 ? 32 NH2 A HN1  4  
HETATM 708  H HN2  . NH2 A 1 18 ? 4.492   2.481  8.197   1.00 0.00 ? 32 NH2 A HN2  4  
HETATM 709  C C    . ACE A 1 1  ? -6.983  5.613  -5.322  1.00 0.00 ? 15 ACE A C    5  
HETATM 710  O O    . ACE A 1 1  ? -6.320  6.256  -4.510  1.00 0.00 ? 15 ACE A O    5  
HETATM 711  C CH3  . ACE A 1 1  ? -7.538  6.393  -6.515  1.00 0.00 ? 15 ACE A CH3  5  
ATOM   712  N N    . ASN A 1 2  ? -7.225  4.320  -5.116  1.00 0.00 ? 16 ASN A N    5  
ATOM   713  C CA   . ASN A 1 2  ? -8.055  3.341  -5.830  1.00 0.00 ? 16 ASN A CA   5  
ATOM   714  C C    . ASN A 1 2  ? -7.337  2.896  -7.106  1.00 0.00 ? 16 ASN A C    5  
ATOM   715  O O    . ASN A 1 2  ? -6.777  3.623  -7.927  1.00 0.00 ? 16 ASN A O    5  
ATOM   716  C CB   . ASN A 1 2  ? -9.540  3.650  -6.035  1.00 0.00 ? 16 ASN A CB   5  
ATOM   717  C CG   . ASN A 1 2  ? -10.313 2.507  -6.698  1.00 0.00 ? 16 ASN A CG   5  
ATOM   718  O OD1  . ASN A 1 2  ? -10.564 2.519  -7.901  1.00 0.00 ? 16 ASN A OD1  5  
ATOM   719  N ND2  . ASN A 1 2  ? -10.903 1.692  -5.829  1.00 0.00 ? 16 ASN A ND2  5  
ATOM   720  H H    . ASN A 1 2  ? -6.654  3.844  -4.448  1.00 0.00 ? 16 ASN A H    5  
ATOM   721  H HD21 . ASN A 1 2  ? -10.986 2.020  -4.888  1.00 0.00 ? 16 ASN A HD21 5  
ATOM   722  H HD22 . ASN A 1 2  ? -11.439 0.874  -6.040  1.00 0.00 ? 16 ASN A HD22 5  
ATOM   723  N N    . TYR A 1 3  ? -7.502  1.589  -7.281  1.00 0.00 ? 17 TYR A N    5  
ATOM   724  C CA   . TYR A 1 3  ? -6.819  0.714  -8.244  1.00 0.00 ? 17 TYR A CA   5  
ATOM   725  C C    . TYR A 1 3  ? -5.290  0.732  -8.213  1.00 0.00 ? 17 TYR A C    5  
ATOM   726  O O    . TYR A 1 3  ? -4.720  1.801  -8.424  1.00 0.00 ? 17 TYR A O    5  
ATOM   727  C CB   . TYR A 1 3  ? -7.136  1.182  -9.665  1.00 0.00 ? 17 TYR A CB   5  
ATOM   728  C CG   . TYR A 1 3  ? -6.335  0.453  -10.747 1.00 0.00 ? 17 TYR A CG   5  
ATOM   729  C CD1  . TYR A 1 3  ? -6.343  -0.936 -10.774 1.00 0.00 ? 17 TYR A CD1  5  
ATOM   730  C CD2  . TYR A 1 3  ? -5.333  1.104  -11.459 1.00 0.00 ? 17 TYR A CD2  5  
ATOM   731  C CE1  . TYR A 1 3  ? -5.371  -1.648 -11.469 1.00 0.00 ? 17 TYR A CE1  5  
ATOM   732  C CE2  . TYR A 1 3  ? -4.355  0.415  -12.165 1.00 0.00 ? 17 TYR A CE2  5  
ATOM   733  C CZ   . TYR A 1 3  ? -4.344  -0.974 -12.121 1.00 0.00 ? 17 TYR A CZ   5  
ATOM   734  O OH   . TYR A 1 3  ? -3.172  -1.632 -12.328 1.00 0.00 ? 17 TYR A OH   5  
ATOM   735  H H    . TYR A 1 3  ? -8.268  1.165  -6.798  1.00 0.00 ? 17 TYR A H    5  
ATOM   736  H HD1  . TYR A 1 3  ? -7.209  -1.450 -10.359 1.00 0.00 ? 17 TYR A HD1  5  
ATOM   737  H HD2  . TYR A 1 3  ? -5.305  2.192  -11.397 1.00 0.00 ? 17 TYR A HD2  5  
ATOM   738  H HE1  . TYR A 1 3  ? -5.538  -2.698 -11.704 1.00 0.00 ? 17 TYR A HE1  5  
ATOM   739  H HE2  . TYR A 1 3  ? -3.565  1.011  -12.622 1.00 0.00 ? 17 TYR A HE2  5  
ATOM   740  H HH   . TYR A 1 3  ? -2.957  -2.347 -11.662 1.00 0.00 ? 17 TYR A HH   5  
ATOM   741  N N    . HIS A 1 4  ? -4.822  -0.260 -7.460  1.00 0.00 ? 18 HIS A N    5  
ATOM   742  C CA   . HIS A 1 4  ? -3.442  -0.738 -7.284  1.00 0.00 ? 18 HIS A CA   5  
ATOM   743  C C    . HIS A 1 4  ? -2.767  0.141  -6.231  1.00 0.00 ? 18 HIS A C    5  
ATOM   744  O O    . HIS A 1 4  ? -2.064  -0.316 -5.331  1.00 0.00 ? 18 HIS A O    5  
ATOM   745  C CB   . HIS A 1 4  ? -2.698  -0.780 -8.621  1.00 0.00 ? 18 HIS A CB   5  
ATOM   746  C CG   . HIS A 1 4  ? -1.623  0.255  -8.956  1.00 0.00 ? 18 HIS A CG   5  
ATOM   747  N ND1  . HIS A 1 4  ? -1.447  0.734  -10.185 1.00 0.00 ? 18 HIS A ND1  5  
ATOM   748  C CD2  . HIS A 1 4  ? -0.567  0.685  -8.270  1.00 0.00 ? 18 HIS A CD2  5  
ATOM   749  C CE1  . HIS A 1 4  ? -0.269  1.354  -10.220 1.00 0.00 ? 18 HIS A CE1  5  
ATOM   750  N NE2  . HIS A 1 4  ? 0.310   1.342  -9.024  1.00 0.00 ? 18 HIS A NE2  5  
ATOM   751  H H    . HIS A 1 4  ? -5.425  -0.597 -6.738  1.00 0.00 ? 18 HIS A H    5  
ATOM   752  H HD2  . HIS A 1 4  ? -0.505  0.838  -7.193  1.00 0.00 ? 18 HIS A HD2  5  
ATOM   753  H HE1  . HIS A 1 4  ? -0.050  2.125  -10.958 1.00 0.00 ? 18 HIS A HE1  5  
ATOM   754  H HE2  . HIS A 1 4  ? 1.214   1.690  -8.775  1.00 0.00 ? 18 HIS A HE2  5  
ATOM   755  N N    . LEU A 1 5  ? -2.916  1.452  -6.400  1.00 0.00 ? 19 LEU A N    5  
ATOM   756  C CA   . LEU A 1 5  ? -2.459  2.601  -5.606  1.00 0.00 ? 19 LEU A CA   5  
ATOM   757  C C    . LEU A 1 5  ? -3.153  2.832  -4.262  1.00 0.00 ? 19 LEU A C    5  
ATOM   758  O O    . LEU A 1 5  ? -3.956  3.741  -4.057  1.00 0.00 ? 19 LEU A O    5  
ATOM   759  C CB   . LEU A 1 5  ? -2.569  3.822  -6.522  1.00 0.00 ? 19 LEU A CB   5  
ATOM   760  C CG   . LEU A 1 5  ? -1.417  4.829  -6.502  1.00 0.00 ? 19 LEU A CG   5  
ATOM   761  C CD1  . LEU A 1 5  ? -0.099  4.075  -6.685  1.00 0.00 ? 19 LEU A CD1  5  
ATOM   762  C CD2  . LEU A 1 5  ? -1.711  5.942  -7.511  1.00 0.00 ? 19 LEU A CD2  5  
ATOM   763  H H    . LEU A 1 5  ? -3.515  1.638  -7.180  1.00 0.00 ? 19 LEU A H    5  
ATOM   764  N N    . GLU A 1 6  ? -3.269  1.600  -3.773  1.00 0.00 ? 20 GLU A N    5  
ATOM   765  C CA   . GLU A 1 6  ? -4.040  1.156  -2.603  1.00 0.00 ? 20 GLU A CA   5  
ATOM   766  C C    . GLU A 1 6  ? -3.674  -0.202 -2.003  1.00 0.00 ? 20 GLU A C    5  
ATOM   767  O O    . GLU A 1 6  ? -2.914  -0.140 -1.037  1.00 0.00 ? 20 GLU A O    5  
ATOM   768  C CB   . GLU A 1 6  ? -5.525  1.384  -2.896  1.00 0.00 ? 20 GLU A CB   5  
ATOM   769  C CG   . GLU A 1 6  ? -6.089  0.764  -4.175  1.00 0.00 ? 20 GLU A CG   5  
ATOM   770  C CD   . GLU A 1 6  ? -6.337  -0.743 -4.103  1.00 0.00 ? 20 GLU A CD   5  
ATOM   771  O OE1  . GLU A 1 6  ? -7.132  -1.047 -3.188  1.00 0.00 ? 20 GLU A OE1  5  
ATOM   772  O OE2  . GLU A 1 6  ? -5.733  -1.435 -4.951  1.00 0.00 ? 20 GLU A OE2  5  
ATOM   773  H H    . GLU A 1 6  ? -3.174  0.889  -4.470  1.00 0.00 ? 20 GLU A H    5  
ATOM   774  N N    . ASN A 1 7  ? -3.549  -1.154 -2.924  1.00 0.00 ? 21 ASN A N    5  
ATOM   775  C CA   . ASN A 1 7  ? -2.786  -2.388 -2.691  1.00 0.00 ? 21 ASN A CA   5  
ATOM   776  C C    . ASN A 1 7  ? -1.364  -2.131 -3.190  1.00 0.00 ? 21 ASN A C    5  
ATOM   777  O O    . ASN A 1 7  ? -0.736  -2.739 -4.057  1.00 0.00 ? 21 ASN A O    5  
ATOM   778  C CB   . ASN A 1 7  ? -3.476  -3.462 -3.536  1.00 0.00 ? 21 ASN A CB   5  
ATOM   779  C CG   . ASN A 1 7  ? -3.132  -4.860 -3.016  1.00 0.00 ? 21 ASN A CG   5  
ATOM   780  O OD1  . ASN A 1 7  ? -2.436  -5.630 -3.674  1.00 0.00 ? 21 ASN A OD1  5  
ATOM   781  N ND2  . ASN A 1 7  ? -3.682  -5.114 -1.832  1.00 0.00 ? 21 ASN A ND2  5  
ATOM   782  H H    . ASN A 1 7  ? -4.293  -1.270 -3.583  1.00 0.00 ? 21 ASN A H    5  
ATOM   783  H HD21 . ASN A 1 7  ? -4.026  -4.389 -1.233  1.00 0.00 ? 21 ASN A HD21 5  
ATOM   784  H HD22 . ASN A 1 7  ? -3.633  -6.064 -1.530  1.00 0.00 ? 21 ASN A HD22 5  
ATOM   785  N N    . GLU A 1 8  ? -0.755  -1.176 -2.494  1.00 0.00 ? 22 GLU A N    5  
ATOM   786  C CA   . GLU A 1 8  ? 0.564   -0.534 -2.582  1.00 0.00 ? 22 GLU A CA   5  
ATOM   787  C C    . GLU A 1 8  ? 0.757   0.329  -1.334  1.00 0.00 ? 22 GLU A C    5  
ATOM   788  O O    . GLU A 1 8  ? 1.445   -0.159 -0.438  1.00 0.00 ? 22 GLU A O    5  
ATOM   789  C CB   . GLU A 1 8  ? 0.621   0.418  -3.779  1.00 0.00 ? 22 GLU A CB   5  
ATOM   790  C CG   . GLU A 1 8  ? 1.111   -0.364 -5.000  1.00 0.00 ? 22 GLU A CG   5  
ATOM   791  C CD   . GLU A 1 8  ? 2.611   -0.635 -4.871  1.00 0.00 ? 22 GLU A CD   5  
ATOM   792  O OE1  . GLU A 1 8  ? 3.446   0.263  -5.118  1.00 0.00 ? 22 GLU A OE1  5  
ATOM   793  O OE2  . GLU A 1 8  ? 2.950   -1.835 -4.797  1.00 0.00 ? 22 GLU A OE2  5  
ATOM   794  H H    . GLU A 1 8  ? -1.311  -0.592 -1.903  1.00 0.00 ? 22 GLU A H    5  
ATOM   795  N N    . VAL A 1 9  ? -0.210  1.221  -1.138  1.00 0.00 ? 23 VAL A N    5  
ATOM   796  C CA   . VAL A 1 9  ? -0.186  2.098  0.041   1.00 0.00 ? 23 VAL A CA   5  
ATOM   797  C C    . VAL A 1 9  ? -0.554  1.331  1.312   1.00 0.00 ? 23 VAL A C    5  
ATOM   798  O O    . VAL A 1 9  ? -0.002  1.641  2.367   1.00 0.00 ? 23 VAL A O    5  
ATOM   799  C CB   . VAL A 1 9  ? -1.161  3.268  -0.111  1.00 0.00 ? 23 VAL A CB   5  
ATOM   800  C CG1  . VAL A 1 9  ? -0.854  4.404  0.867   1.00 0.00 ? 23 VAL A CG1  5  
ATOM   801  C CG2  . VAL A 1 9  ? -1.007  3.936  -1.479  1.00 0.00 ? 23 VAL A CG2  5  
ATOM   802  H H    . VAL A 1 9  ? -0.690  1.476  -1.977  1.00 0.00 ? 23 VAL A H    5  
ATOM   803  N N    . ALA A 1 10 ? -1.384  0.295  1.212   1.00 0.00 ? 24 ALA A N    5  
ATOM   804  C CA   . ALA A 1 10 ? -1.568  -0.731 2.249   1.00 0.00 ? 24 ALA A CA   5  
ATOM   805  C C    . ALA A 1 10 ? -0.573  -1.888 2.354   1.00 0.00 ? 24 ALA A C    5  
ATOM   806  O O    . ALA A 1 10 ? -0.185  -2.289 3.451   1.00 0.00 ? 24 ALA A O    5  
ATOM   807  C CB   . ALA A 1 10 ? -2.966  -1.346 2.321   1.00 0.00 ? 24 ALA A CB   5  
ATOM   808  H H    . ALA A 1 10 ? -2.069  0.289  0.484   1.00 0.00 ? 24 ALA A H    5  
ATOM   809  N N    . ARG A 1 11 ? 0.063   -2.237 1.241   1.00 0.00 ? 25 ARG A N    5  
ATOM   810  C CA   . ARG A 1 11 ? 1.076   -3.304 1.261   1.00 0.00 ? 25 ARG A CA   5  
ATOM   811  C C    . ARG A 1 11 ? 2.371   -2.916 1.978   1.00 0.00 ? 25 ARG A C    5  
ATOM   812  O O    . ARG A 1 11 ? 3.090   -3.876 2.251   1.00 0.00 ? 25 ARG A O    5  
ATOM   813  C CB   . ARG A 1 11 ? 1.336   -3.791 -0.167  1.00 0.00 ? 25 ARG A CB   5  
ATOM   814  C CG   . ARG A 1 11 ? 0.292   -4.511 -1.023  1.00 0.00 ? 25 ARG A CG   5  
ATOM   815  C CD   . ARG A 1 11 ? 0.874   -4.699 -2.425  1.00 0.00 ? 25 ARG A CD   5  
ATOM   816  N NE   . ARG A 1 11 ? 1.460   -6.047 -2.472  1.00 0.00 ? 25 ARG A NE   5  
ATOM   817  C CZ   . ARG A 1 11 ? 1.117   -6.992 -3.357  1.00 0.00 ? 25 ARG A CZ   5  
ATOM   818  N NH1  . ARG A 1 11 ? 0.066   -6.867 -4.178  1.00 0.00 ? 25 ARG A NH1  5  
ATOM   819  N NH2  . ARG A 1 11 ? 1.760   -8.169 -3.377  1.00 0.00 ? 25 ARG A NH2  5  
ATOM   820  H H    . ARG A 1 11 ? -0.054  -1.696 0.407   1.00 0.00 ? 25 ARG A H    5  
ATOM   821  H HE   . ARG A 1 11 ? 2.290   -6.198 -1.934  1.00 0.00 ? 25 ARG A HE   5  
ATOM   822  H HH11 . ARG A 1 11 ? -0.541  -6.073 -4.154  1.00 0.00 ? 25 ARG A HH11 5  
ATOM   823  H HH12 . ARG A 1 11 ? -0.201  -7.586 -4.821  1.00 0.00 ? 25 ARG A HH12 5  
ATOM   824  H HH21 . ARG A 1 11 ? 2.633   -8.366 -2.931  1.00 0.00 ? 25 ARG A HH21 5  
ATOM   825  H HH22 . ARG A 1 11 ? 1.364   -8.805 -4.038  1.00 0.00 ? 25 ARG A HH22 5  
ATOM   826  N N    . LEU A 1 12 ? 2.841   -1.723 1.623   1.00 0.00 ? 26 LEU A N    5  
ATOM   827  C CA   . LEU A 1 12 ? 3.926   -1.027 2.330   1.00 0.00 ? 26 LEU A CA   5  
ATOM   828  C C    . LEU A 1 12 ? 3.283   -0.256 3.485   1.00 0.00 ? 26 LEU A C    5  
ATOM   829  O O    . LEU A 1 12 ? 2.441   -0.884 4.125   1.00 0.00 ? 26 LEU A O    5  
ATOM   830  C CB   . LEU A 1 12 ? 4.662   -0.149 1.315   1.00 0.00 ? 26 LEU A CB   5  
ATOM   831  C CG   . LEU A 1 12 ? 4.984   -0.852 -0.005  1.00 0.00 ? 26 LEU A CG   5  
ATOM   832  C CD1  . LEU A 1 12 ? 4.745   0.184  -1.106  1.00 0.00 ? 26 LEU A CD1  5  
ATOM   833  C CD2  . LEU A 1 12 ? 6.485   -1.132 -0.116  1.00 0.00 ? 26 LEU A CD2  5  
ATOM   834  H H    . LEU A 1 12 ? 2.416   -1.185 0.896   1.00 0.00 ? 26 LEU A H    5  
ATOM   835  N N    . LYS A 1 13 ? 3.851   0.880  3.881   1.00 0.00 ? 27 LYS A N    5  
ATOM   836  C CA   . LYS A 1 13 ? 3.347   1.995  4.696   1.00 0.00 ? 27 LYS A CA   5  
ATOM   837  C C    . LYS A 1 13 ? 2.595   1.737  6.003   1.00 0.00 ? 27 LYS A C    5  
ATOM   838  O O    . LYS A 1 13 ? 3.091   2.062  7.081   1.00 0.00 ? 27 LYS A O    5  
ATOM   839  C CB   . LYS A 1 13 ? 2.605   3.007  3.821   1.00 0.00 ? 27 LYS A CB   5  
ATOM   840  C CG   . LYS A 1 13 ? 3.746   3.594  2.990   1.00 0.00 ? 27 LYS A CG   5  
ATOM   841  C CD   . LYS A 1 13 ? 3.147   4.656  2.068   1.00 0.00 ? 27 LYS A CD   5  
ATOM   842  C CE   . LYS A 1 13 ? 4.325   5.380  1.410   1.00 0.00 ? 27 LYS A CE   5  
ATOM   843  N NZ   . LYS A 1 13 ? 3.944   6.699  0.885   1.00 0.00 ? 27 LYS A NZ   5  
ATOM   844  H H    . LYS A 1 13 ? 4.825   0.961  3.669   1.00 0.00 ? 27 LYS A H    5  
ATOM   845  H HZ1  . LYS A 1 13 ? 3.727   7.232  1.703   1.00 0.00 ? 27 LYS A HZ1  5  
ATOM   846  H HZ2  . LYS A 1 13 ? 3.109   6.635  0.337   1.00 0.00 ? 27 LYS A HZ2  5  
ATOM   847  H HZ3  . LYS A 1 13 ? 4.655   7.139  0.337   1.00 0.00 ? 27 LYS A HZ3  5  
ATOM   848  N N    . LYS A 1 14 ? 1.498   0.991  5.910   1.00 0.00 ? 28 LYS A N    5  
ATOM   849  C CA   . LYS A 1 14 ? 0.799   0.440  7.080   1.00 0.00 ? 28 LYS A CA   5  
ATOM   850  C C    . LYS A 1 14 ? 1.648   -0.665 7.710   1.00 0.00 ? 28 LYS A C    5  
ATOM   851  O O    . LYS A 1 14 ? 1.707   -0.797 8.932   1.00 0.00 ? 28 LYS A O    5  
ATOM   852  C CB   . LYS A 1 14 ? -0.599  -0.007 6.650   1.00 0.00 ? 28 LYS A CB   5  
ATOM   853  C CG   . LYS A 1 14 ? -1.483  -0.592 7.753   1.00 0.00 ? 28 LYS A CG   5  
ATOM   854  C CD   . LYS A 1 14 ? -2.076  0.629  8.459   1.00 0.00 ? 28 LYS A CD   5  
ATOM   855  C CE   . LYS A 1 14 ? -3.207  0.323  9.443   1.00 0.00 ? 28 LYS A CE   5  
ATOM   856  N NZ   . LYS A 1 14 ? -4.490  0.034  8.789   1.00 0.00 ? 28 LYS A NZ   5  
ATOM   857  H H    . LYS A 1 14 ? 1.410   0.461  5.065   1.00 0.00 ? 28 LYS A H    5  
ATOM   858  H HZ1  . LYS A 1 14 ? -5.181  0.255  9.479   1.00 0.00 ? 28 LYS A HZ1  5  
ATOM   859  H HZ2  . LYS A 1 14 ? -4.585  -0.936 8.563   1.00 0.00 ? 28 LYS A HZ2  5  
ATOM   860  H HZ3  . LYS A 1 14 ? -4.656  0.588  7.974   1.00 0.00 ? 28 LYS A HZ3  5  
ATOM   861  N N    . LEU A 1 15 ? 2.264   -1.474 6.853   1.00 0.00 ? 29 LEU A N    5  
ATOM   862  C CA   . LEU A 1 15 ? 3.111   -2.595 7.287   1.00 0.00 ? 29 LEU A CA   5  
ATOM   863  C C    . LEU A 1 15 ? 4.586   -2.291 7.552   1.00 0.00 ? 29 LEU A C    5  
ATOM   864  O O    . LEU A 1 15 ? 5.192   -2.625 8.570   1.00 0.00 ? 29 LEU A O    5  
ATOM   865  C CB   . LEU A 1 15 ? 2.890   -3.670 6.220   1.00 0.00 ? 29 LEU A CB   5  
ATOM   866  C CG   . LEU A 1 15 ? 3.985   -4.738 6.249   1.00 0.00 ? 29 LEU A CG   5  
ATOM   867  C CD1  . LEU A 1 15 ? 3.896   -5.678 7.451   1.00 0.00 ? 29 LEU A CD1  5  
ATOM   868  C CD2  . LEU A 1 15 ? 3.894   -5.624 5.003   1.00 0.00 ? 29 LEU A CD2  5  
ATOM   869  H H    . LEU A 1 15 ? 2.094   -1.496 5.868   1.00 0.00 ? 29 LEU A H    5  
ATOM   870  N N    . VAL A 1 16 ? 5.167   -1.378 6.778   1.00 0.00 ? 30 VAL A N    5  
ATOM   871  C CA   . VAL A 1 16 ? 6.544   -0.864 6.769   1.00 0.00 ? 30 VAL A CA   5  
ATOM   872  C C    . VAL A 1 16 ? 6.537   0.550  6.185   1.00 0.00 ? 30 VAL A C    5  
ATOM   873  O O    . VAL A 1 16 ? 6.281   0.663  4.986   1.00 0.00 ? 30 VAL A O    5  
ATOM   874  C CB   . VAL A 1 16 ? 7.554   -1.605 5.888   1.00 0.00 ? 30 VAL A CB   5  
ATOM   875  C CG1  . VAL A 1 16 ? 8.987   -1.077 5.963   1.00 0.00 ? 30 VAL A CG1  5  
ATOM   876  C CG2  . VAL A 1 16 ? 7.555   -3.097 6.228   1.00 0.00 ? 30 VAL A CG2  5  
ATOM   877  H H    . VAL A 1 16 ? 4.556   -1.011 6.076   1.00 0.00 ? 30 VAL A H    5  
ATOM   878  N N    . GLY A 1 17 ? 6.723   1.483  7.115   1.00 0.00 ? 31 GLY A N    5  
ATOM   879  C CA   . GLY A 1 17 ? 6.915   2.918  6.870   1.00 0.00 ? 31 GLY A CA   5  
ATOM   880  C C    . GLY A 1 17 ? 7.964   3.220  5.799   1.00 0.00 ? 31 GLY A C    5  
ATOM   881  O O    . GLY A 1 17 ? 7.764   3.606  4.647   1.00 0.00 ? 31 GLY A O    5  
ATOM   882  H H    . GLY A 1 17 ? 6.717   1.212  8.078   1.00 0.00 ? 31 GLY A H    5  
HETATM 883  N N    . NH2 A 1 18 ? 9.252   3.328  6.114   1.00 0.00 ? 32 NH2 A N    5  
HETATM 884  H HN1  . NH2 A 1 18 ? 9.706   3.775  5.343   1.00 0.00 ? 32 NH2 A HN1  5  
HETATM 885  H HN2  . NH2 A 1 18 ? 9.645   3.345  7.032   1.00 0.00 ? 32 NH2 A HN2  5  
HETATM 886  C C    . ACE A 1 1  ? -5.343  -2.101 -12.500 1.00 0.00 ? 15 ACE A C    6  
HETATM 887  O O    . ACE A 1 1  ? -6.246  -2.895 -12.241 1.00 0.00 ? 15 ACE A O    6  
HETATM 888  C CH3  . ACE A 1 1  ? -3.896  -2.555 -12.703 1.00 0.00 ? 15 ACE A CH3  6  
ATOM   889  N N    . ASN A 1 2  ? -5.495  -0.794 -12.308 1.00 0.00 ? 16 ASN A N    6  
ATOM   890  C CA   . ASN A 1 2  ? -4.442  0.232  -12.252 1.00 0.00 ? 16 ASN A CA   6  
ATOM   891  C C    . ASN A 1 2  ? -4.674  1.450  -11.356 1.00 0.00 ? 16 ASN A C    6  
ATOM   892  O O    . ASN A 1 2  ? -4.279  2.573  -11.667 1.00 0.00 ? 16 ASN A O    6  
ATOM   893  C CB   . ASN A 1 2  ? -4.049  0.756  -13.635 1.00 0.00 ? 16 ASN A CB   6  
ATOM   894  C CG   . ASN A 1 2  ? -3.763  -0.230 -14.769 1.00 0.00 ? 16 ASN A CG   6  
ATOM   895  O OD1  . ASN A 1 2  ? -2.697  -0.793 -15.013 1.00 0.00 ? 16 ASN A OD1  6  
ATOM   896  N ND2  . ASN A 1 2  ? -4.849  -0.554 -15.465 1.00 0.00 ? 16 ASN A ND2  6  
ATOM   897  H H    . ASN A 1 2  ? -6.422  -0.421 -12.289 1.00 0.00 ? 16 ASN A H    6  
ATOM   898  H HD21 . ASN A 1 2  ? -5.760  -0.285 -15.157 1.00 0.00 ? 16 ASN A HD21 6  
ATOM   899  H HD22 . ASN A 1 2  ? -4.746  -1.172 -16.245 1.00 0.00 ? 16 ASN A HD22 6  
ATOM   900  N N    . TYR A 1 3  ? -5.143  1.291  -10.122 1.00 0.00 ? 17 TYR A N    6  
ATOM   901  C CA   . TYR A 1 3  ? -5.614  0.175  -9.288  1.00 0.00 ? 17 TYR A CA   6  
ATOM   902  C C    . TYR A 1 3  ? -4.735  -1.056 -9.059  1.00 0.00 ? 17 TYR A C    6  
ATOM   903  O O    . TYR A 1 3  ? -5.006  -2.163 -9.524  1.00 0.00 ? 17 TYR A O    6  
ATOM   904  C CB   . TYR A 1 3  ? -7.111  -0.059 -9.501  1.00 0.00 ? 17 TYR A CB   6  
ATOM   905  C CG   . TYR A 1 3  ? -7.961  0.031  -8.232  1.00 0.00 ? 17 TYR A CG   6  
ATOM   906  C CD1  . TYR A 1 3  ? -7.754  1.020  -7.278  1.00 0.00 ? 17 TYR A CD1  6  
ATOM   907  C CD2  . TYR A 1 3  ? -8.808  -1.042 -7.973  1.00 0.00 ? 17 TYR A CD2  6  
ATOM   908  C CE1  . TYR A 1 3  ? -8.322  0.896  -6.016  1.00 0.00 ? 17 TYR A CE1  6  
ATOM   909  C CE2  . TYR A 1 3  ? -9.401  -1.134 -6.719  1.00 0.00 ? 17 TYR A CE2  6  
ATOM   910  C CZ   . TYR A 1 3  ? -9.096  -0.220 -5.719  1.00 0.00 ? 17 TYR A CZ   6  
ATOM   911  O OH   . TYR A 1 3  ? -9.070  -0.542 -4.398  1.00 0.00 ? 17 TYR A OH   6  
ATOM   912  H H    . TYR A 1 3  ? -5.347  2.175  -9.702  1.00 0.00 ? 17 TYR A H    6  
ATOM   913  H HD1  . TYR A 1 3  ? -7.009  1.797  -7.446  1.00 0.00 ? 17 TYR A HD1  6  
ATOM   914  H HD2  . TYR A 1 3  ? -8.917  -1.843 -8.703  1.00 0.00 ? 17 TYR A HD2  6  
ATOM   915  H HE1  . TYR A 1 3  ? -8.098  1.659  -5.270  1.00 0.00 ? 17 TYR A HE1  6  
ATOM   916  H HE2  . TYR A 1 3  ? -10.171 -1.882 -6.530  1.00 0.00 ? 17 TYR A HE2  6  
ATOM   917  H HH   . TYR A 1 3  ? -9.217  0.318  -3.909  1.00 0.00 ? 17 TYR A HH   6  
ATOM   918  N N    . HIS A 1 4  ? -4.415  -0.887 -7.779  1.00 0.00 ? 18 HIS A N    6  
ATOM   919  C CA   . HIS A 1 4  ? -3.294  -1.529 -7.079  1.00 0.00 ? 18 HIS A CA   6  
ATOM   920  C C    . HIS A 1 4  ? -1.857  -1.046 -7.289  1.00 0.00 ? 18 HIS A C    6  
ATOM   921  O O    . HIS A 1 4  ? -0.990  -1.764 -7.786  1.00 0.00 ? 18 HIS A O    6  
ATOM   922  C CB   . HIS A 1 4  ? -3.582  -2.946 -6.581  1.00 0.00 ? 18 HIS A CB   6  
ATOM   923  C CG   . HIS A 1 4  ? -4.787  -2.732 -5.662  1.00 0.00 ? 18 HIS A CG   6  
ATOM   924  N ND1  . HIS A 1 4  ? -4.740  -1.915 -4.612  1.00 0.00 ? 18 HIS A ND1  6  
ATOM   925  C CD2  . HIS A 1 4  ? -6.075  -2.689 -5.994  1.00 0.00 ? 18 HIS A CD2  6  
ATOM   926  C CE1  . HIS A 1 4  ? -5.922  -1.341 -4.407  1.00 0.00 ? 18 HIS A CE1  6  
ATOM   927  N NE2  . HIS A 1 4  ? -6.819  -1.986 -5.147  1.00 0.00 ? 18 HIS A NE2  6  
ATOM   928  H H    . HIS A 1 4  ? -4.963  -0.234 -7.257  1.00 0.00 ? 18 HIS A H    6  
ATOM   929  H HD2  . HIS A 1 4  ? -6.436  -3.033 -6.964  1.00 0.00 ? 18 HIS A HD2  6  
ATOM   930  H HE1  . HIS A 1 4  ? -6.125  -0.272 -4.341  1.00 0.00 ? 18 HIS A HE1  6  
ATOM   931  H HE2  . HIS A 1 4  ? -7.804  -1.809 -5.150  1.00 0.00 ? 18 HIS A HE2  6  
ATOM   932  N N    . LEU A 1 5  ? -1.634  0.125  -6.700  1.00 0.00 ? 19 LEU A N    6  
ATOM   933  C CA   . LEU A 1 5  ? -2.444  1.332  -6.483  1.00 0.00 ? 19 LEU A CA   6  
ATOM   934  C C    . LEU A 1 5  ? -3.706  1.535  -5.641  1.00 0.00 ? 19 LEU A C    6  
ATOM   935  O O    . LEU A 1 5  ? -4.778  0.967  -5.846  1.00 0.00 ? 19 LEU A O    6  
ATOM   936  C CB   . LEU A 1 5  ? -2.462  2.116  -7.798  1.00 0.00 ? 19 LEU A CB   6  
ATOM   937  C CG   . LEU A 1 5  ? -2.761  3.616  -7.855  1.00 0.00 ? 19 LEU A CG   6  
ATOM   938  C CD1  . LEU A 1 5  ? -2.665  3.949  -9.346  1.00 0.00 ? 19 LEU A CD1  6  
ATOM   939  C CD2  . LEU A 1 5  ? -4.171  4.032  -7.429  1.00 0.00 ? 19 LEU A CD2  6  
ATOM   940  H H    . LEU A 1 5  ? -0.672  0.290  -6.479  1.00 0.00 ? 19 LEU A H    6  
ATOM   941  N N    . GLU A 1 6  ? -3.345  2.077  -4.481  1.00 0.00 ? 20 GLU A N    6  
ATOM   942  C CA   . GLU A 1 6  ? -4.122  2.608  -3.354  1.00 0.00 ? 20 GLU A CA   6  
ATOM   943  C C    . GLU A 1 6  ? -4.872  1.791  -2.300  1.00 0.00 ? 20 GLU A C    6  
ATOM   944  O O    . GLU A 1 6  ? -5.445  2.404  -1.401  1.00 0.00 ? 20 GLU A O    6  
ATOM   945  C CB   . GLU A 1 6  ? -5.078  3.722  -3.786  1.00 0.00 ? 20 GLU A CB   6  
ATOM   946  C CG   . GLU A 1 6  ? -6.369  3.323  -4.500  1.00 0.00 ? 20 GLU A CG   6  
ATOM   947  C CD   . GLU A 1 6  ? -7.464  4.393  -4.457  1.00 0.00 ? 20 GLU A CD   6  
ATOM   948  O OE1  . GLU A 1 6  ? -7.879  4.866  -3.377  1.00 0.00 ? 20 GLU A OE1  6  
ATOM   949  O OE2  . GLU A 1 6  ? -7.941  4.709  -5.569  1.00 0.00 ? 20 GLU A OE2  6  
ATOM   950  H H    . GLU A 1 6  ? -2.365  1.998  -4.298  1.00 0.00 ? 20 GLU A H    6  
ATOM   951  N N    . ASN A 1 7  ? -4.650  0.483  -2.395  1.00 0.00 ? 21 ASN A N    6  
ATOM   952  C CA   . ASN A 1 7  ? -4.543  -0.181 -1.088  1.00 0.00 ? 21 ASN A CA   6  
ATOM   953  C C    . ASN A 1 7  ? -3.059  0.081  -0.825  1.00 0.00 ? 21 ASN A C    6  
ATOM   954  O O    . ASN A 1 7  ? -2.849  0.860  0.104   1.00 0.00 ? 21 ASN A O    6  
ATOM   955  C CB   . ASN A 1 7  ? -4.991  -1.633 -1.266  1.00 0.00 ? 21 ASN A CB   6  
ATOM   956  C CG   . ASN A 1 7  ? -5.023  -2.368 0.075   1.00 0.00 ? 21 ASN A CG   6  
ATOM   957  O OD1  . ASN A 1 7  ? -4.389  -1.972 1.051   1.00 0.00 ? 21 ASN A OD1  6  
ATOM   958  N ND2  . ASN A 1 7  ? -5.836  -3.411 0.220   1.00 0.00 ? 21 ASN A ND2  6  
ATOM   959  H H    . ASN A 1 7  ? -4.663  -0.063 -3.232  1.00 0.00 ? 21 ASN A H    6  
ATOM   960  H HD21 . ASN A 1 7  ? -6.585  -3.441 -0.443  1.00 0.00 ? 21 ASN A HD21 6  
ATOM   961  H HD22 . ASN A 1 7  ? -6.072  -3.770 1.123   1.00 0.00 ? 21 ASN A HD22 6  
ATOM   962  N N    . GLU A 1 8  ? -2.128  -0.700 -1.364  1.00 0.00 ? 22 GLU A N    6  
ATOM   963  C CA   . GLU A 1 8  ? -0.702  -0.376 -1.506  1.00 0.00 ? 22 GLU A CA   6  
ATOM   964  C C    . GLU A 1 8  ? -0.041  0.300  -0.302  1.00 0.00 ? 22 GLU A C    6  
ATOM   965  O O    . GLU A 1 8  ? 0.684   -0.335 0.462   1.00 0.00 ? 22 GLU A O    6  
ATOM   966  C CB   . GLU A 1 8  ? -0.474  0.359  -2.828  1.00 0.00 ? 22 GLU A CB   6  
ATOM   967  C CG   . GLU A 1 8  ? -0.777  -0.708 -3.882  1.00 0.00 ? 22 GLU A CG   6  
ATOM   968  C CD   . GLU A 1 8  ? 0.046   -1.998 -3.863  1.00 0.00 ? 22 GLU A CD   6  
ATOM   969  O OE1  . GLU A 1 8  ? 1.026   -1.945 -4.637  1.00 0.00 ? 22 GLU A OE1  6  
ATOM   970  O OE2  . GLU A 1 8  ? -0.378  -3.042 -3.322  1.00 0.00 ? 22 GLU A OE2  6  
ATOM   971  H H    . GLU A 1 8  ? -2.566  -1.324 -2.011  1.00 0.00 ? 22 GLU A H    6  
ATOM   972  N N    . VAL A 1 9  ? 0.065   1.625  -0.263  1.00 0.00 ? 23 VAL A N    6  
ATOM   973  C CA   . VAL A 1 9  ? -0.142  2.346  1.001   1.00 0.00 ? 23 VAL A CA   6  
ATOM   974  C C    . VAL A 1 9  ? -0.166  1.659  2.367   1.00 0.00 ? 23 VAL A C    6  
ATOM   975  O O    . VAL A 1 9  ? 0.780   1.433  3.122   1.00 0.00 ? 23 VAL A O    6  
ATOM   976  C CB   . VAL A 1 9  ? -1.120  3.523  0.971   1.00 0.00 ? 23 VAL A CB   6  
ATOM   977  C CG1  . VAL A 1 9  ? -0.675  4.609  1.952   1.00 0.00 ? 23 VAL A CG1  6  
ATOM   978  C CG2  . VAL A 1 9  ? -1.360  4.240  -0.359  1.00 0.00 ? 23 VAL A CG2  6  
ATOM   979  H H    . VAL A 1 9  ? -0.026  2.194  -1.080  1.00 0.00 ? 23 VAL A H    6  
ATOM   980  N N    . ALA A 1 10 ? -1.353  1.067  2.474   1.00 0.00 ? 24 ALA A N    6  
ATOM   981  C CA   . ALA A 1 10 ? -1.818  0.081  3.459   1.00 0.00 ? 24 ALA A CA   6  
ATOM   982  C C    . ALA A 1 10 ? -1.322  -1.356 3.281   1.00 0.00 ? 24 ALA A C    6  
ATOM   983  O O    . ALA A 1 10 ? -1.964  -2.342 3.640   1.00 0.00 ? 24 ALA A O    6  
ATOM   984  C CB   . ALA A 1 10 ? -3.325  0.070  3.720   1.00 0.00 ? 24 ALA A CB   6  
ATOM   985  H H    . ALA A 1 10 ? -2.023  1.245  1.753   1.00 0.00 ? 24 ALA A H    6  
ATOM   986  N N    . ARG A 1 11 ? -0.071  -1.509 2.855   1.00 0.00 ? 25 ARG A N    6  
ATOM   987  C CA   . ARG A 1 11 ? 0.607   -2.790 2.604   1.00 0.00 ? 25 ARG A CA   6  
ATOM   988  C C    . ARG A 1 11 ? 2.119   -2.573 2.518   1.00 0.00 ? 25 ARG A C    6  
ATOM   989  O O    . ARG A 1 11 ? 2.832   -3.335 3.168   1.00 0.00 ? 25 ARG A O    6  
ATOM   990  C CB   . ARG A 1 11 ? 0.370   -3.284 1.176   1.00 0.00 ? 25 ARG A CB   6  
ATOM   991  C CG   . ARG A 1 11 ? -1.075  -3.500 0.719   1.00 0.00 ? 25 ARG A CG   6  
ATOM   992  C CD   . ARG A 1 11 ? -1.192  -4.441 -0.480  1.00 0.00 ? 25 ARG A CD   6  
ATOM   993  N NE   . ARG A 1 11 ? -1.359  -5.817 0.011   1.00 0.00 ? 25 ARG A NE   6  
ATOM   994  C CZ   . ARG A 1 11 ? -1.525  -6.855 -0.819  1.00 0.00 ? 25 ARG A CZ   6  
ATOM   995  N NH1  . ARG A 1 11 ? -1.704  -6.729 -2.141  1.00 0.00 ? 25 ARG A NH1  6  
ATOM   996  N NH2  . ARG A 1 11 ? -1.589  -8.070 -0.260  1.00 0.00 ? 25 ARG A NH2  6  
ATOM   997  H H    . ARG A 1 11 ? 0.342   -0.732 2.380   1.00 0.00 ? 25 ARG A H    6  
ATOM   998  H HE   . ARG A 1 11 ? -1.343  -5.995 0.995   1.00 0.00 ? 25 ARG A HE   6  
ATOM   999  H HH11 . ARG A 1 11 ? -1.895  -5.830 -2.535  1.00 0.00 ? 25 ARG A HH11 6  
ATOM   1000 H HH12 . ARG A 1 11 ? -1.834  -7.509 -2.753  1.00 0.00 ? 25 ARG A HH12 6  
ATOM   1001 H HH21 . ARG A 1 11 ? -1.376  -8.110 0.717   1.00 0.00 ? 25 ARG A HH21 6  
ATOM   1002 H HH22 . ARG A 1 11 ? -1.740  -8.890 -0.812  1.00 0.00 ? 25 ARG A HH22 6  
ATOM   1003 N N    . LEU A 1 12 ? 2.550   -1.581 1.743   1.00 0.00 ? 26 LEU A N    6  
ATOM   1004 C CA   . LEU A 1 12 ? 3.925   -1.066 1.811   1.00 0.00 ? 26 LEU A CA   6  
ATOM   1005 C C    . LEU A 1 12 ? 4.015   -0.160 3.040   1.00 0.00 ? 26 LEU A C    6  
ATOM   1006 O O    . LEU A 1 12 ? 3.645   -0.544 4.149   1.00 0.00 ? 26 LEU A O    6  
ATOM   1007 C CB   . LEU A 1 12 ? 4.151   -0.326 0.492   1.00 0.00 ? 26 LEU A CB   6  
ATOM   1008 C CG   . LEU A 1 12 ? 3.909   -1.256 -0.699  1.00 0.00 ? 26 LEU A CG   6  
ATOM   1009 C CD1  . LEU A 1 12 ? 3.611   -0.502 -1.996  1.00 0.00 ? 26 LEU A CD1  6  
ATOM   1010 C CD2  . LEU A 1 12 ? 5.072   -2.240 -0.836  1.00 0.00 ? 26 LEU A CD2  6  
ATOM   1011 H H    . LEU A 1 12 ? 1.961   -1.108 1.089   1.00 0.00 ? 26 LEU A H    6  
ATOM   1012 N N    . LYS A 1 13 ? 4.503   1.071  2.912   1.00 0.00 ? 27 LYS A N    6  
ATOM   1013 C CA   . LYS A 1 13 ? 4.246   2.271  3.720   1.00 0.00 ? 27 LYS A CA   6  
ATOM   1014 C C    . LYS A 1 13 ? 3.761   2.073  5.158   1.00 0.00 ? 27 LYS A C    6  
ATOM   1015 O O    . LYS A 1 13 ? 4.568   1.764  6.033   1.00 0.00 ? 27 LYS A O    6  
ATOM   1016 C CB   . LYS A 1 13 ? 3.479   3.342  2.939   1.00 0.00 ? 27 LYS A CB   6  
ATOM   1017 C CG   . LYS A 1 13 ? 4.306   4.127  1.919   1.00 0.00 ? 27 LYS A CG   6  
ATOM   1018 C CD   . LYS A 1 13 ? 3.719   5.465  1.463   1.00 0.00 ? 27 LYS A CD   6  
ATOM   1019 C CE   . LYS A 1 13 ? 4.817   6.171  0.663   1.00 0.00 ? 27 LYS A CE   6  
ATOM   1020 N NZ   . LYS A 1 13 ? 5.021   5.613  -0.681  1.00 0.00 ? 27 LYS A NZ   6  
ATOM   1021 H H    . LYS A 1 13 ? 4.936   1.439  2.089   1.00 0.00 ? 27 LYS A H    6  
ATOM   1022 H HZ1  . LYS A 1 13 ? 4.210   5.794  -1.238  1.00 0.00 ? 27 LYS A HZ1  6  
ATOM   1023 H HZ2  . LYS A 1 13 ? 5.296   4.652  -0.700  1.00 0.00 ? 27 LYS A HZ2  6  
ATOM   1024 H HZ3  . LYS A 1 13 ? 5.752   6.169  -1.075  1.00 0.00 ? 27 LYS A HZ3  6  
ATOM   1025 N N    . LYS A 1 14 ? 2.504   1.657  5.279   1.00 0.00 ? 28 LYS A N    6  
ATOM   1026 C CA   . LYS A 1 14 ? 1.700   1.571  6.508   1.00 0.00 ? 28 LYS A CA   6  
ATOM   1027 C C    . LYS A 1 14 ? 1.736   0.247  7.274   1.00 0.00 ? 28 LYS A C    6  
ATOM   1028 O O    . LYS A 1 14 ? 0.839   -0.095 8.040   1.00 0.00 ? 28 LYS A O    6  
ATOM   1029 C CB   . LYS A 1 14 ? 0.286   2.148  6.435   1.00 0.00 ? 28 LYS A CB   6  
ATOM   1030 C CG   . LYS A 1 14 ? 0.249   3.666  6.246   1.00 0.00 ? 28 LYS A CG   6  
ATOM   1031 C CD   . LYS A 1 14 ? -1.228  4.043  6.111   1.00 0.00 ? 28 LYS A CD   6  
ATOM   1032 C CE   . LYS A 1 14 ? -2.201  3.478  7.148   1.00 0.00 ? 28 LYS A CE   6  
ATOM   1033 N NZ   . LYS A 1 14 ? -3.484  4.169  6.965   1.00 0.00 ? 28 LYS A NZ   6  
ATOM   1034 H H    . LYS A 1 14 ? 2.187   1.087  4.520   1.00 0.00 ? 28 LYS A H    6  
ATOM   1035 H HZ1  . LYS A 1 14 ? -4.112  3.908  7.698   1.00 0.00 ? 28 LYS A HZ1  6  
ATOM   1036 H HZ2  . LYS A 1 14 ? -3.895  3.909  6.091   1.00 0.00 ? 28 LYS A HZ2  6  
ATOM   1037 H HZ3  . LYS A 1 14 ? -3.355  5.160  6.923   1.00 0.00 ? 28 LYS A HZ3  6  
ATOM   1038 N N    . LEU A 1 15 ? 2.734   -0.519 6.842   1.00 0.00 ? 29 LEU A N    6  
ATOM   1039 C CA   . LEU A 1 15 ? 2.914   -1.894 7.332   1.00 0.00 ? 29 LEU A CA   6  
ATOM   1040 C C    . LEU A 1 15 ? 4.407   -2.224 7.301   1.00 0.00 ? 29 LEU A C    6  
ATOM   1041 O O    . LEU A 1 15 ? 4.964   -2.654 8.310   1.00 0.00 ? 29 LEU A O    6  
ATOM   1042 C CB   . LEU A 1 15 ? 2.241   -2.912 6.409   1.00 0.00 ? 29 LEU A CB   6  
ATOM   1043 C CG   . LEU A 1 15 ? 2.533   -4.386 6.707   1.00 0.00 ? 29 LEU A CG   6  
ATOM   1044 C CD1  . LEU A 1 15 ? 2.151   -4.852 8.113   1.00 0.00 ? 29 LEU A CD1  6  
ATOM   1045 C CD2  . LEU A 1 15 ? 1.975   -5.410 5.718   1.00 0.00 ? 29 LEU A CD2  6  
ATOM   1046 H H    . LEU A 1 15 ? 3.263   -0.305 6.021   1.00 0.00 ? 29 LEU A H    6  
ATOM   1047 N N    . VAL A 1 16 ? 5.083   -1.939 6.193   1.00 0.00 ? 30 VAL A N    6  
ATOM   1048 C CA   . VAL A 1 16 ? 6.517   -2.207 6.000   1.00 0.00 ? 30 VAL A CA   6  
ATOM   1049 C C    . VAL A 1 16 ? 7.414   -1.084 6.519   1.00 0.00 ? 30 VAL A C    6  
ATOM   1050 O O    . VAL A 1 16 ? 8.293   -1.374 7.329   1.00 0.00 ? 30 VAL A O    6  
ATOM   1051 C CB   . VAL A 1 16 ? 6.835   -2.539 4.540   1.00 0.00 ? 30 VAL A CB   6  
ATOM   1052 C CG1  . VAL A 1 16 ? 8.304   -2.866 4.262   1.00 0.00 ? 30 VAL A CG1  6  
ATOM   1053 C CG2  . VAL A 1 16 ? 5.924   -3.713 4.182   1.00 0.00 ? 30 VAL A CG2  6  
ATOM   1054 H H    . VAL A 1 16 ? 4.524   -1.723 5.393   1.00 0.00 ? 30 VAL A H    6  
ATOM   1055 N N    . GLY A 1 17 ? 7.276   0.182  6.131   1.00 0.00 ? 31 GLY A N    6  
ATOM   1056 C CA   . GLY A 1 17 ? 8.195   1.273  6.482   1.00 0.00 ? 31 GLY A CA   6  
ATOM   1057 C C    . GLY A 1 17 ? 8.130   2.505  5.578   1.00 0.00 ? 31 GLY A C    6  
ATOM   1058 O O    . GLY A 1 17 ? 7.314   3.422  5.665   1.00 0.00 ? 31 GLY A O    6  
ATOM   1059 H H    . GLY A 1 17 ? 6.549   0.455  5.501   1.00 0.00 ? 31 GLY A H    6  
HETATM 1060 N N    . NH2 A 1 18 ? 8.916   2.405  4.511   1.00 0.00 ? 32 NH2 A N    6  
HETATM 1061 H HN1  . NH2 A 1 18 ? 8.718   3.059  3.780   1.00 0.00 ? 32 NH2 A HN1  6  
HETATM 1062 H HN2  . NH2 A 1 18 ? 9.446   1.578  4.319   1.00 0.00 ? 32 NH2 A HN2  6  
HETATM 1063 C C    . ACE A 1 1  ? -1.900  3.814  -11.326 1.00 0.00 ? 15 ACE A C    7  
HETATM 1064 O O    . ACE A 1 1  ? -0.846  4.422  -11.512 1.00 0.00 ? 15 ACE A O    7  
HETATM 1065 C CH3  . ACE A 1 1  ? -2.454  2.898  -12.419 1.00 0.00 ? 15 ACE A CH3  7  
ATOM   1066 N N    . ASN A 1 2  ? -2.541  3.964  -10.169 1.00 0.00 ? 16 ASN A N    7  
ATOM   1067 C CA   . ASN A 1 2  ? -3.868  3.571  -9.678  1.00 0.00 ? 16 ASN A CA   7  
ATOM   1068 C C    . ASN A 1 2  ? -4.006  2.078  -9.376  1.00 0.00 ? 16 ASN A C    7  
ATOM   1069 O O    . ASN A 1 2  ? -3.332  1.578  -8.475  1.00 0.00 ? 16 ASN A O    7  
ATOM   1070 C CB   . ASN A 1 2  ? -5.031  4.291  -10.364 1.00 0.00 ? 16 ASN A CB   7  
ATOM   1071 C CG   . ASN A 1 2  ? -5.518  5.593  -9.724  1.00 0.00 ? 16 ASN A CG   7  
ATOM   1072 O OD1  . ASN A 1 2  ? -5.359  6.693  -10.250 1.00 0.00 ? 16 ASN A OD1  7  
ATOM   1073 N ND2  . ASN A 1 2  ? -6.265  5.426  -8.637  1.00 0.00 ? 16 ASN A ND2  7  
ATOM   1074 H H    . ASN A 1 2  ? -1.973  4.128  -9.363  1.00 0.00 ? 16 ASN A H    7  
ATOM   1075 H HD21 . ASN A 1 2  ? -6.524  4.518  -8.310  1.00 0.00 ? 16 ASN A HD21 7  
ATOM   1076 H HD22 . ASN A 1 2  ? -6.681  6.223  -8.197  1.00 0.00 ? 16 ASN A HD22 7  
ATOM   1077 N N    . TYR A 1 3  ? -4.876  1.339  -10.057 1.00 0.00 ? 17 TYR A N    7  
ATOM   1078 C CA   . TYR A 1 3  ? -4.989  -0.126 -10.001 1.00 0.00 ? 17 TYR A CA   7  
ATOM   1079 C C    . TYR A 1 3  ? -5.087  -1.104 -8.828  1.00 0.00 ? 17 TYR A C    7  
ATOM   1080 O O    . TYR A 1 3  ? -6.173  -1.636 -8.603  1.00 0.00 ? 17 TYR A O    7  
ATOM   1081 C CB   . TYR A 1 3  ? -4.182  -0.537 -11.233 1.00 0.00 ? 17 TYR A CB   7  
ATOM   1082 C CG   . TYR A 1 3  ? -2.785  -1.125 -11.013 1.00 0.00 ? 17 TYR A CG   7  
ATOM   1083 C CD1  . TYR A 1 3  ? -1.664  -0.342 -10.763 1.00 0.00 ? 17 TYR A CD1  7  
ATOM   1084 C CD2  . TYR A 1 3  ? -2.515  -2.420 -11.439 1.00 0.00 ? 17 TYR A CD2  7  
ATOM   1085 C CE1  . TYR A 1 3  ? -0.356  -0.781 -10.930 1.00 0.00 ? 17 TYR A CE1  7  
ATOM   1086 C CE2  . TYR A 1 3  ? -1.229  -2.904 -11.647 1.00 0.00 ? 17 TYR A CE2  7  
ATOM   1087 C CZ   . TYR A 1 3  ? -0.146  -2.098 -11.318 1.00 0.00 ? 17 TYR A CZ   7  
ATOM   1088 O OH   . TYR A 1 3  ? 1.145   -2.528 -11.328 1.00 0.00 ? 17 TYR A OH   7  
ATOM   1089 H H    . TYR A 1 3  ? -5.504  1.606  -10.788 1.00 0.00 ? 17 TYR A H    7  
ATOM   1090 H HD1  . TYR A 1 3  ? -1.863  0.639  -10.332 1.00 0.00 ? 17 TYR A HD1  7  
ATOM   1091 H HD2  . TYR A 1 3  ? -3.304  -3.008 -11.906 1.00 0.00 ? 17 TYR A HD2  7  
ATOM   1092 H HE1  . TYR A 1 3  ? 0.415   -0.245 -10.376 1.00 0.00 ? 17 TYR A HE1  7  
ATOM   1093 H HE2  . TYR A 1 3  ? -1.145  -3.941 -11.971 1.00 0.00 ? 17 TYR A HE2  7  
ATOM   1094 H HH   . TYR A 1 3  ? 1.148   -3.513 -11.494 1.00 0.00 ? 17 TYR A HH   7  
ATOM   1095 N N    . HIS A 1 4  ? -3.948  -1.143 -8.142  1.00 0.00 ? 18 HIS A N    7  
ATOM   1096 C CA   . HIS A 1 4  ? -3.682  -1.900 -6.910  1.00 0.00 ? 18 HIS A CA   7  
ATOM   1097 C C    . HIS A 1 4  ? -2.653  -1.106 -6.103  1.00 0.00 ? 18 HIS A C    7  
ATOM   1098 O O    . HIS A 1 4  ? -2.891  -1.050 -4.898  1.00 0.00 ? 18 HIS A O    7  
ATOM   1099 C CB   . HIS A 1 4  ? -3.133  -3.312 -7.121  1.00 0.00 ? 18 HIS A CB   7  
ATOM   1100 C CG   . HIS A 1 4  ? -1.827  -3.610 -7.862  1.00 0.00 ? 18 HIS A CG   7  
ATOM   1101 N ND1  . HIS A 1 4  ? -1.284  -4.817 -7.998  1.00 0.00 ? 18 HIS A ND1  7  
ATOM   1102 C CD2  . HIS A 1 4  ? -0.904  -2.708 -8.177  1.00 0.00 ? 18 HIS A CD2  7  
ATOM   1103 C CE1  . HIS A 1 4  ? -0.033  -4.654 -8.420  1.00 0.00 ? 18 HIS A CE1  7  
ATOM   1104 N NE2  . HIS A 1 4  ? 0.197   -3.352 -8.553  1.00 0.00 ? 18 HIS A NE2  7  
ATOM   1105 H H    . HIS A 1 4  ? -3.346  -0.384 -8.394  1.00 0.00 ? 18 HIS A H    7  
ATOM   1106 H HD2  . HIS A 1 4  ? -1.127  -1.641 -8.155  1.00 0.00 ? 18 HIS A HD2  7  
ATOM   1107 H HE1  . HIS A 1 4  ? 0.631   -5.515 -8.508  1.00 0.00 ? 18 HIS A HE1  7  
ATOM   1108 H HE2  . HIS A 1 4  ? 1.134   -3.023 -8.670  1.00 0.00 ? 18 HIS A HE2  7  
ATOM   1109 N N    . LEU A 1 5  ? -2.040  -0.092 -6.706  1.00 0.00 ? 19 LEU A N    7  
ATOM   1110 C CA   . LEU A 1 5  ? -0.907  0.703  -6.212  1.00 0.00 ? 19 LEU A CA   7  
ATOM   1111 C C    . LEU A 1 5  ? -1.228  1.778  -5.172  1.00 0.00 ? 19 LEU A C    7  
ATOM   1112 O O    . LEU A 1 5  ? -0.534  2.062  -4.197  1.00 0.00 ? 19 LEU A O    7  
ATOM   1113 C CB   . LEU A 1 5  ? -0.119  1.236  -7.410  1.00 0.00 ? 19 LEU A CB   7  
ATOM   1114 C CG   . LEU A 1 5  ? 1.358   0.853  -7.297  1.00 0.00 ? 19 LEU A CG   7  
ATOM   1115 C CD1  . LEU A 1 5  ? 1.529   -0.630 -6.960  1.00 0.00 ? 19 LEU A CD1  7  
ATOM   1116 C CD2  . LEU A 1 5  ? 2.032   1.114  -8.645  1.00 0.00 ? 19 LEU A CD2  7  
ATOM   1117 H H    . LEU A 1 5  ? -2.521  0.471  -7.379  1.00 0.00 ? 19 LEU A H    7  
ATOM   1118 N N    . GLU A 1 6  ? -2.528  2.037  -5.281  1.00 0.00 ? 20 GLU A N    7  
ATOM   1119 C CA   . GLU A 1 6  ? -3.304  2.698  -4.221  1.00 0.00 ? 20 GLU A CA   7  
ATOM   1120 C C    . GLU A 1 6  ? -3.714  1.989  -2.929  1.00 0.00 ? 20 GLU A C    7  
ATOM   1121 O O    . GLU A 1 6  ? -3.141  2.352  -1.903  1.00 0.00 ? 20 GLU A O    7  
ATOM   1122 C CB   . GLU A 1 6  ? -4.585  3.201  -4.887  1.00 0.00 ? 20 GLU A CB   7  
ATOM   1123 C CG   . GLU A 1 6  ? -5.266  2.327  -5.942  1.00 0.00 ? 20 GLU A CG   7  
ATOM   1124 C CD   . GLU A 1 6  ? -6.430  3.052  -6.620  1.00 0.00 ? 20 GLU A CD   7  
ATOM   1125 O OE1  . GLU A 1 6  ? -6.909  4.027  -6.002  1.00 0.00 ? 20 GLU A OE1  7  
ATOM   1126 O OE2  . GLU A 1 6  ? -6.769  2.727  -7.780  1.00 0.00 ? 20 GLU A OE2  7  
ATOM   1127 H H    . GLU A 1 6  ? -3.005  1.699  -6.093  1.00 0.00 ? 20 GLU A H    7  
ATOM   1128 N N    . ASN A 1 7  ? -4.257  0.783  -3.078  1.00 0.00 ? 21 ASN A N    7  
ATOM   1129 C CA   . ASN A 1 7  ? -4.454  -0.134 -1.946  1.00 0.00 ? 21 ASN A CA   7  
ATOM   1130 C C    . ASN A 1 7  ? -3.293  -1.129 -1.917  1.00 0.00 ? 21 ASN A C    7  
ATOM   1131 O O    . ASN A 1 7  ? -3.363  -2.358 -1.930  1.00 0.00 ? 21 ASN A O    7  
ATOM   1132 C CB   . ASN A 1 7  ? -5.751  -0.871 -2.286  1.00 0.00 ? 21 ASN A CB   7  
ATOM   1133 C CG   . ASN A 1 7  ? -7.037  -0.072 -2.066  1.00 0.00 ? 21 ASN A CG   7  
ATOM   1134 O OD1  . ASN A 1 7  ? -7.392  0.193  -0.919  1.00 0.00 ? 21 ASN A OD1  7  
ATOM   1135 N ND2  . ASN A 1 7  ? -7.932  -0.130 -3.047  1.00 0.00 ? 21 ASN A ND2  7  
ATOM   1136 H H    . ASN A 1 7  ? -4.467  0.402  -3.977  1.00 0.00 ? 21 ASN A H    7  
ATOM   1137 H HD21 . ASN A 1 7  ? -7.771  -0.705 -3.849  1.00 0.00 ? 21 ASN A HD21 7  
ATOM   1138 H HD22 . ASN A 1 7  ? -8.800  0.367  -3.061  1.00 0.00 ? 21 ASN A HD22 7  
ATOM   1139 N N    . GLU A 1 8  ? -2.150  -0.471 -1.746  1.00 0.00 ? 22 GLU A N    7  
ATOM   1140 C CA   . GLU A 1 8  ? -0.833  -1.122 -1.680  1.00 0.00 ? 22 GLU A CA   7  
ATOM   1141 C C    . GLU A 1 8  ? 0.234   -0.203 -1.080  1.00 0.00 ? 22 GLU A C    7  
ATOM   1142 O O    . GLU A 1 8  ? 0.776   -0.581 -0.042  1.00 0.00 ? 22 GLU A O    7  
ATOM   1143 C CB   . GLU A 1 8  ? -0.260  -1.484 -3.051  1.00 0.00 ? 22 GLU A CB   7  
ATOM   1144 C CG   . GLU A 1 8  ? -0.652  -2.868 -3.576  1.00 0.00 ? 22 GLU A CG   7  
ATOM   1145 C CD   . GLU A 1 8  ? 0.507   -3.866 -3.583  1.00 0.00 ? 22 GLU A CD   7  
ATOM   1146 O OE1  . GLU A 1 8  ? 0.720   -4.523 -2.541  1.00 0.00 ? 22 GLU A OE1  7  
ATOM   1147 O OE2  . GLU A 1 8  ? 1.259   -3.838 -4.581  1.00 0.00 ? 22 GLU A OE2  7  
ATOM   1148 H H    . GLU A 1 8  ? -2.136  0.526  -1.799  1.00 0.00 ? 22 GLU A H    7  
ATOM   1149 N N    . VAL A 1 9  ? 0.161   1.071  -1.451  1.00 0.00 ? 23 VAL A N    7  
ATOM   1150 C CA   . VAL A 1 9  ? 0.731   2.102  -0.570  1.00 0.00 ? 23 VAL A CA   7  
ATOM   1151 C C    . VAL A 1 9  ? -0.140  2.173  0.686   1.00 0.00 ? 23 VAL A C    7  
ATOM   1152 O O    . VAL A 1 9  ? 0.512   1.917  1.696   1.00 0.00 ? 23 VAL A O    7  
ATOM   1153 C CB   . VAL A 1 9  ? 0.941   3.471  -1.218  1.00 0.00 ? 23 VAL A CB   7  
ATOM   1154 C CG1  . VAL A 1 9  ? 1.500   4.592  -0.339  1.00 0.00 ? 23 VAL A CG1  7  
ATOM   1155 C CG2  . VAL A 1 9  ? 2.034   3.277  -2.269  1.00 0.00 ? 23 VAL A CG2  7  
ATOM   1156 H H    . VAL A 1 9  ? -0.134  1.293  -2.380  1.00 0.00 ? 23 VAL A H    7  
ATOM   1157 N N    . ALA A 1 10 ? -1.466  2.186  0.595   1.00 0.00 ? 24 ALA A N    7  
ATOM   1158 C CA   . ALA A 1 10 ? -2.304  1.802  1.740   1.00 0.00 ? 24 ALA A CA   7  
ATOM   1159 C C    . ALA A 1 10 ? -2.526  0.304  1.960   1.00 0.00 ? 24 ALA A C    7  
ATOM   1160 O O    . ALA A 1 10 ? -3.570  -0.287 1.690   1.00 0.00 ? 24 ALA A O    7  
ATOM   1161 C CB   . ALA A 1 10 ? -3.607  2.604  1.707   1.00 0.00 ? 24 ALA A CB   7  
ATOM   1162 H H    . ALA A 1 10 ? -1.923  2.569  -0.209  1.00 0.00 ? 24 ALA A H    7  
ATOM   1163 N N    . ARG A 1 11 ? -1.373  -0.223 2.364   1.00 0.00 ? 25 ARG A N    7  
ATOM   1164 C CA   . ARG A 1 11 ? -1.081  -1.602 2.783   1.00 0.00 ? 25 ARG A CA   7  
ATOM   1165 C C    . ARG A 1 11 ? 0.337   -1.680 3.349   1.00 0.00 ? 25 ARG A C    7  
ATOM   1166 O O    . ARG A 1 11 ? 0.593   -1.785 4.547   1.00 0.00 ? 25 ARG A O    7  
ATOM   1167 C CB   . ARG A 1 11 ? -1.213  -2.692 1.718   1.00 0.00 ? 25 ARG A CB   7  
ATOM   1168 C CG   . ARG A 1 11 ? -2.519  -3.100 1.033   1.00 0.00 ? 25 ARG A CG   7  
ATOM   1169 C CD   . ARG A 1 11 ? -2.154  -4.295 0.150   1.00 0.00 ? 25 ARG A CD   7  
ATOM   1170 N NE   . ARG A 1 11 ? -3.388  -5.064 -0.065  1.00 0.00 ? 25 ARG A NE   7  
ATOM   1171 C CZ   . ARG A 1 11 ? -3.563  -6.321 0.362   1.00 0.00 ? 25 ARG A CZ   7  
ATOM   1172 N NH1  . ARG A 1 11 ? -2.654  -7.116 0.942   1.00 0.00 ? 25 ARG A NH1  7  
ATOM   1173 N NH2  . ARG A 1 11 ? -4.824  -6.765 0.260   1.00 0.00 ? 25 ARG A NH2  7  
ATOM   1174 H H    . ARG A 1 11 ? -0.528  0.296  2.231   1.00 0.00 ? 25 ARG A H    7  
ATOM   1175 H HE   . ARG A 1 11 ? -4.144  -4.573 -0.497  1.00 0.00 ? 25 ARG A HE   7  
ATOM   1176 H HH11 . ARG A 1 11 ? -1.715  -6.777 1.018   1.00 0.00 ? 25 ARG A HH11 7  
ATOM   1177 H HH12 . ARG A 1 11 ? -2.900  -8.034 1.250   1.00 0.00 ? 25 ARG A HH12 7  
ATOM   1178 H HH21 . ARG A 1 11 ? -5.518  -6.095 0.000   1.00 0.00 ? 25 ARG A HH21 7  
ATOM   1179 H HH22 . ARG A 1 11 ? -5.095  -7.663 0.607   1.00 0.00 ? 25 ARG A HH22 7  
ATOM   1180 N N    . LEU A 1 12 ? 1.311   -1.192 2.583   1.00 0.00 ? 26 LEU A N    7  
ATOM   1181 C CA   . LEU A 1 12 ? 2.724   -1.459 2.888   1.00 0.00 ? 26 LEU A CA   7  
ATOM   1182 C C    . LEU A 1 12 ? 3.242   -0.480 3.943   1.00 0.00 ? 26 LEU A C    7  
ATOM   1183 O O    . LEU A 1 12 ? 3.782   -1.016 4.910   1.00 0.00 ? 26 LEU A O    7  
ATOM   1184 C CB   . LEU A 1 12 ? 3.605   -1.406 1.637   1.00 0.00 ? 26 LEU A CB   7  
ATOM   1185 C CG   . LEU A 1 12 ? 3.156   -2.517 0.685   1.00 0.00 ? 26 LEU A CG   7  
ATOM   1186 C CD1  . LEU A 1 12 ? 3.912   -2.260 -0.621  1.00 0.00 ? 26 LEU A CD1  7  
ATOM   1187 C CD2  . LEU A 1 12 ? 3.767   -3.849 1.122   1.00 0.00 ? 26 LEU A CD2  7  
ATOM   1188 H H    . LEU A 1 12 ? 1.174   -0.752 1.696   1.00 0.00 ? 26 LEU A H    7  
ATOM   1189 N N    . LYS A 1 13 ? 2.656   0.711  4.032   1.00 0.00 ? 27 LYS A N    7  
ATOM   1190 C CA   . LYS A 1 13 ? 3.341   1.680  4.897   1.00 0.00 ? 27 LYS A CA   7  
ATOM   1191 C C    . LYS A 1 13 ? 2.942   1.437  6.353   1.00 0.00 ? 27 LYS A C    7  
ATOM   1192 O O    . LYS A 1 13 ? 3.672   1.842  7.257   1.00 0.00 ? 27 LYS A O    7  
ATOM   1193 C CB   . LYS A 1 13 ? 2.877   3.021  4.325   1.00 0.00 ? 27 LYS A CB   7  
ATOM   1194 C CG   . LYS A 1 13 ? 3.617   4.188  4.981   1.00 0.00 ? 27 LYS A CG   7  
ATOM   1195 C CD   . LYS A 1 13 ? 5.140   4.189  4.828   1.00 0.00 ? 27 LYS A CD   7  
ATOM   1196 C CE   . LYS A 1 13 ? 5.704   5.605  4.968   1.00 0.00 ? 27 LYS A CE   7  
ATOM   1197 N NZ   . LYS A 1 13 ? 5.560   6.082  6.350   1.00 0.00 ? 27 LYS A NZ   7  
ATOM   1198 H H    . LYS A 1 13 ? 1.797   0.967  3.588   1.00 0.00 ? 27 LYS A H    7  
ATOM   1199 H HZ1  . LYS A 1 13 ? 6.016   6.969  6.432   1.00 0.00 ? 27 LYS A HZ1  7  
ATOM   1200 H HZ2  . LYS A 1 13 ? 5.941   5.421  6.996   1.00 0.00 ? 27 LYS A HZ2  7  
ATOM   1201 H HZ3  . LYS A 1 13 ? 4.598   6.267  6.551   1.00 0.00 ? 27 LYS A HZ3  7  
ATOM   1202 N N    . LYS A 1 14 ? 1.757   0.900  6.628   1.00 0.00 ? 28 LYS A N    7  
ATOM   1203 C CA   . LYS A 1 14 ? 1.289   0.337  7.903   1.00 0.00 ? 28 LYS A CA   7  
ATOM   1204 C C    . LYS A 1 14 ? 1.658   -1.121 8.179   1.00 0.00 ? 28 LYS A C    7  
ATOM   1205 O O    . LYS A 1 14 ? 0.972   -1.854 8.888   1.00 0.00 ? 28 LYS A O    7  
ATOM   1206 C CB   . LYS A 1 14 ? -0.207  0.583  8.112   1.00 0.00 ? 28 LYS A CB   7  
ATOM   1207 C CG   . LYS A 1 14 ? -0.335  2.069  8.451   1.00 0.00 ? 28 LYS A CG   7  
ATOM   1208 C CD   . LYS A 1 14 ? -1.750  2.600  8.212   1.00 0.00 ? 28 LYS A CD   7  
ATOM   1209 C CE   . LYS A 1 14 ? -1.687  4.128  8.277   1.00 0.00 ? 28 LYS A CE   7  
ATOM   1210 N NZ   . LYS A 1 14 ? -3.052  4.647  8.109   1.00 0.00 ? 28 LYS A NZ   7  
ATOM   1211 H H    . LYS A 1 14 ? 1.042   1.060  5.945   1.00 0.00 ? 28 LYS A H    7  
ATOM   1212 H HZ1  . LYS A 1 14 ? -3.363  4.374  7.199   1.00 0.00 ? 28 LYS A HZ1  7  
ATOM   1213 H HZ2  . LYS A 1 14 ? -2.950  5.640  8.055   1.00 0.00 ? 28 LYS A HZ2  7  
ATOM   1214 H HZ3  . LYS A 1 14 ? -3.762  4.403  8.768   1.00 0.00 ? 28 LYS A HZ3  7  
ATOM   1215 N N    . LEU A 1 15 ? 2.769   -1.521 7.564   1.00 0.00 ? 29 LEU A N    7  
ATOM   1216 C CA   . LEU A 1 15 ? 3.539   -2.686 8.024   1.00 0.00 ? 29 LEU A CA   7  
ATOM   1217 C C    . LEU A 1 15 ? 5.049   -2.568 7.802   1.00 0.00 ? 29 LEU A C    7  
ATOM   1218 O O    . LEU A 1 15 ? 5.757   -2.963 8.728   1.00 0.00 ? 29 LEU A O    7  
ATOM   1219 C CB   . LEU A 1 15 ? 2.902   -4.023 7.643   1.00 0.00 ? 29 LEU A CB   7  
ATOM   1220 C CG   . LEU A 1 15 ? 2.522   -4.238 6.175   1.00 0.00 ? 29 LEU A CG   7  
ATOM   1221 C CD1  . LEU A 1 15 ? 3.825   -4.476 5.413   1.00 0.00 ? 29 LEU A CD1  7  
ATOM   1222 C CD2  . LEU A 1 15 ? 1.671   -5.510 6.187   1.00 0.00 ? 29 LEU A CD2  7  
ATOM   1223 H H    . LEU A 1 15 ? 2.896   -1.247 6.611   1.00 0.00 ? 29 LEU A H    7  
ATOM   1224 N N    . VAL A 1 16 ? 5.518   -1.724 6.888   1.00 0.00 ? 30 VAL A N    7  
ATOM   1225 C CA   . VAL A 1 16 ? 6.940   -1.382 6.738   1.00 0.00 ? 30 VAL A CA   7  
ATOM   1226 C C    . VAL A 1 16 ? 7.133   0.024  6.168   1.00 0.00 ? 30 VAL A C    7  
ATOM   1227 O O    . VAL A 1 16 ? 6.681   0.298  5.056   1.00 0.00 ? 30 VAL A O    7  
ATOM   1228 C CB   . VAL A 1 16 ? 7.746   -2.359 5.881   1.00 0.00 ? 30 VAL A CB   7  
ATOM   1229 C CG1  . VAL A 1 16 ? 8.133   -3.482 6.845   1.00 0.00 ? 30 VAL A CG1  7  
ATOM   1230 C CG2  . VAL A 1 16 ? 7.168   -2.984 4.608   1.00 0.00 ? 30 VAL A CG2  7  
ATOM   1231 H H    . VAL A 1 16 ? 4.988   -1.465 6.081   1.00 0.00 ? 30 VAL A H    7  
ATOM   1232 N N    . GLY A 1 17 ? 8.186   0.699  6.620   1.00 0.00 ? 31 GLY A N    7  
ATOM   1233 C CA   . GLY A 1 17 ? 8.647   2.037  6.225   1.00 0.00 ? 31 GLY A CA   7  
ATOM   1234 C C    . GLY A 1 17 ? 9.828   1.972  5.257   1.00 0.00 ? 31 GLY A C    7  
ATOM   1235 O O    . GLY A 1 17 ? 9.943   2.724  4.290   1.00 0.00 ? 31 GLY A O    7  
ATOM   1236 H H    . GLY A 1 17 ? 8.878   0.176  7.118   1.00 0.00 ? 31 GLY A H    7  
HETATM 1237 N N    . NH2 A 1 18 ? 10.854  1.139  5.411   1.00 0.00 ? 32 NH2 A N    7  
HETATM 1238 H HN1  . NH2 A 1 18 ? 11.416  1.005  4.595   1.00 0.00 ? 32 NH2 A HN1  7  
HETATM 1239 H HN2  . NH2 A 1 18 ? 10.942  0.561  6.223   1.00 0.00 ? 32 NH2 A HN2  7  
HETATM 1240 C C    . ACE A 1 1  ? -9.996  3.184  -1.885  1.00 0.00 ? 15 ACE A C    8  
HETATM 1241 O O    . ACE A 1 1  ? -9.359  3.629  -0.932  1.00 0.00 ? 15 ACE A O    8  
HETATM 1242 C CH3  . ACE A 1 1  ? -10.650 4.176  -2.849  1.00 0.00 ? 15 ACE A CH3  8  
ATOM   1243 N N    . ASN A 1 2  ? -10.104 1.870  -2.054  1.00 0.00 ? 16 ASN A N    8  
ATOM   1244 C CA   . ASN A 1 2  ? -10.729 0.998  -3.060  1.00 0.00 ? 16 ASN A CA   8  
ATOM   1245 C C    . ASN A 1 2  ? -10.574 1.301  -4.552  1.00 0.00 ? 16 ASN A C    8  
ATOM   1246 O O    . ASN A 1 2  ? -11.390 2.082  -5.040  1.00 0.00 ? 16 ASN A O    8  
ATOM   1247 C CB   . ASN A 1 2  ? -12.154 0.615  -2.657  1.00 0.00 ? 16 ASN A CB   8  
ATOM   1248 C CG   . ASN A 1 2  ? -12.906 -0.381 -3.543  1.00 0.00 ? 16 ASN A CG   8  
ATOM   1249 O OD1  . ASN A 1 2  ? -13.550 0.005  -4.515  1.00 0.00 ? 16 ASN A OD1  8  
ATOM   1250 N ND2  . ASN A 1 2  ? -12.789 -1.670 -3.234  1.00 0.00 ? 16 ASN A ND2  8  
ATOM   1251 H H    . ASN A 1 2  ? -9.788  1.327  -1.276  1.00 0.00 ? 16 ASN A H    8  
ATOM   1252 H HD21 . ASN A 1 2  ? -12.131 -1.963 -2.539  1.00 0.00 ? 16 ASN A HD21 8  
ATOM   1253 H HD22 . ASN A 1 2  ? -13.293 -2.331 -3.790  1.00 0.00 ? 16 ASN A HD22 8  
ATOM   1254 N N    . TYR A 1 3  ? -9.592  0.832  -5.316  1.00 0.00 ? 17 TYR A N    8  
ATOM   1255 C CA   . TYR A 1 3  ? -8.614  -0.229 -5.027  1.00 0.00 ? 17 TYR A CA   8  
ATOM   1256 C C    . TYR A 1 3  ? -7.429  -0.118 -5.986  1.00 0.00 ? 17 TYR A C    8  
ATOM   1257 O O    . TYR A 1 3  ? -7.679  -0.313 -7.176  1.00 0.00 ? 17 TYR A O    8  
ATOM   1258 C CB   . TYR A 1 3  ? -9.234  -1.627 -5.063  1.00 0.00 ? 17 TYR A CB   8  
ATOM   1259 C CG   . TYR A 1 3  ? -8.210  -2.745 -4.857  1.00 0.00 ? 17 TYR A CG   8  
ATOM   1260 C CD1  . TYR A 1 3  ? -7.362  -2.814 -3.757  1.00 0.00 ? 17 TYR A CD1  8  
ATOM   1261 C CD2  . TYR A 1 3  ? -7.789  -3.371 -6.024  1.00 0.00 ? 17 TYR A CD2  8  
ATOM   1262 C CE1  . TYR A 1 3  ? -6.119  -3.431 -3.851  1.00 0.00 ? 17 TYR A CE1  8  
ATOM   1263 C CE2  . TYR A 1 3  ? -6.526  -3.922 -6.204  1.00 0.00 ? 17 TYR A CE2  8  
ATOM   1264 C CZ   . TYR A 1 3  ? -5.691  -3.883 -5.094  1.00 0.00 ? 17 TYR A CZ   8  
ATOM   1265 O OH   . TYR A 1 3  ? -4.487  -4.509 -5.029  1.00 0.00 ? 17 TYR A OH   8  
ATOM   1266 H H    . TYR A 1 3  ? -9.530  1.150  -6.261  1.00 0.00 ? 17 TYR A H    8  
ATOM   1267 H HD1  . TYR A 1 3  ? -7.840  -2.926 -2.784  1.00 0.00 ? 17 TYR A HD1  8  
ATOM   1268 H HD2  . TYR A 1 3  ? -8.427  -3.344 -6.908  1.00 0.00 ? 17 TYR A HD2  8  
ATOM   1269 H HE1  . TYR A 1 3  ? -5.429  -3.448 -3.007  1.00 0.00 ? 17 TYR A HE1  8  
ATOM   1270 H HE2  . TYR A 1 3  ? -6.254  -4.350 -7.169  1.00 0.00 ? 17 TYR A HE2  8  
ATOM   1271 H HH   . TYR A 1 3  ? -4.377  -4.969 -5.911  1.00 0.00 ? 17 TYR A HH   8  
ATOM   1272 N N    . HIS A 1 4  ? -6.266  -0.352 -5.388  1.00 0.00 ? 18 HIS A N    8  
ATOM   1273 C CA   . HIS A 1 4  ? -4.852  -0.317 -5.793  1.00 0.00 ? 18 HIS A CA   8  
ATOM   1274 C C    . HIS A 1 4  ? -3.955  0.909  -5.981  1.00 0.00 ? 18 HIS A C    8  
ATOM   1275 O O    . HIS A 1 4  ? -3.217  1.024  -6.959  1.00 0.00 ? 18 HIS A O    8  
ATOM   1276 C CB   . HIS A 1 4  ? -4.570  -1.191 -7.017  1.00 0.00 ? 18 HIS A CB   8  
ATOM   1277 C CG   . HIS A 1 4  ? -5.135  -0.764 -8.373  1.00 0.00 ? 18 HIS A CG   8  
ATOM   1278 N ND1  . HIS A 1 4  ? -5.303  -1.514 -9.459  1.00 0.00 ? 18 HIS A ND1  8  
ATOM   1279 C CD2  . HIS A 1 4  ? -5.585  0.454  -8.662  1.00 0.00 ? 18 HIS A CD2  8  
ATOM   1280 C CE1  . HIS A 1 4  ? -5.883  -0.794 -10.414 1.00 0.00 ? 18 HIS A CE1  8  
ATOM   1281 N NE2  . HIS A 1 4  ? -6.021  0.431  -9.917  1.00 0.00 ? 18 HIS A NE2  8  
ATOM   1282 H H    . HIS A 1 4  ? -6.468  -0.986 -4.641  1.00 0.00 ? 18 HIS A H    8  
ATOM   1283 H HD2  . HIS A 1 4  ? -5.878  1.130  -7.857  1.00 0.00 ? 18 HIS A HD2  8  
ATOM   1284 H HE1  . HIS A 1 4  ? -5.987  -1.089 -11.459 1.00 0.00 ? 18 HIS A HE1  8  
ATOM   1285 H HE2  . HIS A 1 4  ? -6.425  1.212  -10.395 1.00 0.00 ? 18 HIS A HE2  8  
ATOM   1286 N N    . LEU A 1 5  ? -4.097  2.052  -5.316  1.00 0.00 ? 19 LEU A N    8  
ATOM   1287 C CA   . LEU A 1 5  ? -5.027  2.863  -4.515  1.00 0.00 ? 19 LEU A CA   8  
ATOM   1288 C C    . LEU A 1 5  ? -5.237  2.344  -3.091  1.00 0.00 ? 19 LEU A C    8  
ATOM   1289 O O    . LEU A 1 5  ? -5.541  3.132  -2.197  1.00 0.00 ? 19 LEU A O    8  
ATOM   1290 C CB   . LEU A 1 5  ? -6.420  2.973  -5.136  1.00 0.00 ? 19 LEU A CB   8  
ATOM   1291 C CG   . LEU A 1 5  ? -6.585  3.867  -6.367  1.00 0.00 ? 19 LEU A CG   8  
ATOM   1292 C CD1  . LEU A 1 5  ? -5.423  4.041  -7.347  1.00 0.00 ? 19 LEU A CD1  8  
ATOM   1293 C CD2  . LEU A 1 5  ? -7.652  3.133  -7.181  1.00 0.00 ? 19 LEU A CD2  8  
ATOM   1294 H H    . LEU A 1 5  ? -3.429  2.770  -5.507  1.00 0.00 ? 19 LEU A H    8  
ATOM   1295 N N    . GLU A 1 6  ? -4.519  1.256  -2.833  1.00 0.00 ? 20 GLU A N    8  
ATOM   1296 C CA   . GLU A 1 6  ? -4.606  0.455  -1.604  1.00 0.00 ? 20 GLU A CA   8  
ATOM   1297 C C    . GLU A 1 6  ? -3.449  -0.518 -1.367  1.00 0.00 ? 20 GLU A C    8  
ATOM   1298 O O    . GLU A 1 6  ? -2.442  -0.093 -0.803  1.00 0.00 ? 20 GLU A O    8  
ATOM   1299 C CB   . GLU A 1 6  ? -5.899  -0.365 -1.625  1.00 0.00 ? 20 GLU A CB   8  
ATOM   1300 C CG   . GLU A 1 6  ? -7.180  0.411  -1.320  1.00 0.00 ? 20 GLU A CG   8  
ATOM   1301 C CD   . GLU A 1 6  ? -8.238  -0.404 -0.573  1.00 0.00 ? 20 GLU A CD   8  
ATOM   1302 O OE1  . GLU A 1 6  ? -8.461  -1.596 -0.876  1.00 0.00 ? 20 GLU A OE1  8  
ATOM   1303 O OE2  . GLU A 1 6  ? -8.961  0.187  0.258   1.00 0.00 ? 20 GLU A OE2  8  
ATOM   1304 H H    . GLU A 1 6  ? -3.849  0.975  -3.520  1.00 0.00 ? 20 GLU A H    8  
ATOM   1305 N N    . ASN A 1 7  ? -3.450  -1.644 -2.075  1.00 0.00 ? 21 ASN A N    8  
ATOM   1306 C CA   . ASN A 1 7  ? -2.266  -2.507 -2.202  1.00 0.00 ? 21 ASN A CA   8  
ATOM   1307 C C    . ASN A 1 7  ? -1.399  -2.001 -3.359  1.00 0.00 ? 21 ASN A C    8  
ATOM   1308 O O    . ASN A 1 7  ? -1.298  -2.659 -4.394  1.00 0.00 ? 21 ASN A O    8  
ATOM   1309 C CB   . ASN A 1 7  ? -2.678  -3.978 -2.290  1.00 0.00 ? 21 ASN A CB   8  
ATOM   1310 C CG   . ASN A 1 7  ? -1.409  -4.805 -2.076  1.00 0.00 ? 21 ASN A CG   8  
ATOM   1311 O OD1  . ASN A 1 7  ? -0.954  -5.398 -3.054  1.00 0.00 ? 21 ASN A OD1  8  
ATOM   1312 N ND2  . ASN A 1 7  ? -1.201  -5.137 -0.805  1.00 0.00 ? 21 ASN A ND2  8  
ATOM   1313 H H    . ASN A 1 7  ? -4.328  -1.860 -2.502  1.00 0.00 ? 21 ASN A H    8  
ATOM   1314 H HD21 . ASN A 1 7  ? -1.854  -4.996 -0.061  1.00 0.00 ? 21 ASN A HD21 8  
ATOM   1315 H HD22 . ASN A 1 7  ? -0.394  -5.721 -0.724  1.00 0.00 ? 21 ASN A HD22 8  
ATOM   1316 N N    . GLU A 1 8  ? -0.712  -0.939 -2.951  1.00 0.00 ? 22 GLU A N    8  
ATOM   1317 C CA   . GLU A 1 8  ? 0.398   -0.096 -3.417  1.00 0.00 ? 22 GLU A CA   8  
ATOM   1318 C C    . GLU A 1 8  ? 0.854   0.699  -2.191  1.00 0.00 ? 22 GLU A C    8  
ATOM   1319 O O    . GLU A 1 8  ? 2.012   0.567  -1.800  1.00 0.00 ? 22 GLU A O    8  
ATOM   1320 C CB   . GLU A 1 8  ? 0.066   0.829  -4.589  1.00 0.00 ? 22 GLU A CB   8  
ATOM   1321 C CG   . GLU A 1 8  ? -0.401  0.085  -5.842  1.00 0.00 ? 22 GLU A CG   8  
ATOM   1322 C CD   . GLU A 1 8  ? -0.032  0.805  -7.139  1.00 0.00 ? 22 GLU A CD   8  
ATOM   1323 O OE1  . GLU A 1 8  ? 0.297   2.009  -7.070  1.00 0.00 ? 22 GLU A OE1  8  
ATOM   1324 O OE2  . GLU A 1 8  ? 0.030   0.123  -8.186  1.00 0.00 ? 22 GLU A OE2  8  
ATOM   1325 H H    . GLU A 1 8  ? -1.235  -0.582 -2.177  1.00 0.00 ? 22 GLU A H    8  
ATOM   1326 N N    . VAL A 1 9  ? -0.039  1.416  -1.516  1.00 0.00 ? 23 VAL A N    8  
ATOM   1327 C CA   . VAL A 1 9  ? 0.489   1.941  -0.250  1.00 0.00 ? 23 VAL A CA   8  
ATOM   1328 C C    . VAL A 1 9  ? 0.670   0.894  0.850   1.00 0.00 ? 23 VAL A C    8  
ATOM   1329 O O    . VAL A 1 9  ? 1.854   0.698  1.113   1.00 0.00 ? 23 VAL A O    8  
ATOM   1330 C CB   . VAL A 1 9  ? -0.175  3.257  0.164   1.00 0.00 ? 23 VAL A CB   8  
ATOM   1331 C CG1  . VAL A 1 9  ? -0.100  3.512  1.670   1.00 0.00 ? 23 VAL A CG1  8  
ATOM   1332 C CG2  . VAL A 1 9  ? 0.399   4.500  -0.521  1.00 0.00 ? 23 VAL A CG2  8  
ATOM   1333 H H    . VAL A 1 9  ? -0.907  1.810  -1.821  1.00 0.00 ? 23 VAL A H    8  
ATOM   1334 N N    . ALA A 1 10 ? -0.260  -0.059 0.859   1.00 0.00 ? 24 ALA A N    8  
ATOM   1335 C CA   . ALA A 1 10 ? -0.161  -1.299 1.643   1.00 0.00 ? 24 ALA A CA   8  
ATOM   1336 C C    . ALA A 1 10 ? 0.719   -2.337 0.942   1.00 0.00 ? 24 ALA A C    8  
ATOM   1337 O O    . ALA A 1 10 ? 0.606   -3.550 1.098   1.00 0.00 ? 24 ALA A O    8  
ATOM   1338 C CB   . ALA A 1 10 ? -1.558  -1.860 1.920   1.00 0.00 ? 24 ALA A CB   8  
ATOM   1339 H H    . ALA A 1 10 ? -1.075  0.232  0.360   1.00 0.00 ? 24 ALA A H    8  
ATOM   1340 N N    . ARG A 1 11 ? 1.902   -1.849 0.582   1.00 0.00 ? 25 ARG A N    8  
ATOM   1341 C CA   . ARG A 1 11 ? 3.031   -2.515 -0.083  1.00 0.00 ? 25 ARG A CA   8  
ATOM   1342 C C    . ARG A 1 11 ? 4.417   -1.865 -0.066  1.00 0.00 ? 25 ARG A C    8  
ATOM   1343 O O    . ARG A 1 11 ? 5.423   -2.455 -0.456  1.00 0.00 ? 25 ARG A O    8  
ATOM   1344 C CB   . ARG A 1 11 ? 2.823   -2.668 -1.591  1.00 0.00 ? 25 ARG A CB   8  
ATOM   1345 C CG   . ARG A 1 11 ? 1.685   -3.515 -2.162  1.00 0.00 ? 25 ARG A CG   8  
ATOM   1346 C CD   . ARG A 1 11 ? 1.950   -3.761 -3.649  1.00 0.00 ? 25 ARG A CD   8  
ATOM   1347 N NE   . ARG A 1 11 ? 2.857   -4.896 -3.877  1.00 0.00 ? 25 ARG A NE   8  
ATOM   1348 C CZ   . ARG A 1 11 ? 2.555   -6.189 -4.062  1.00 0.00 ? 25 ARG A CZ   8  
ATOM   1349 N NH1  . ARG A 1 11 ? 1.314   -6.591 -4.371  1.00 0.00 ? 25 ARG A NH1  8  
ATOM   1350 N NH2  . ARG A 1 11 ? 3.516   -7.119 -4.134  1.00 0.00 ? 25 ARG A NH2  8  
ATOM   1351 H H    . ARG A 1 11 ? 1.946   -0.850 0.594   1.00 0.00 ? 25 ARG A H    8  
ATOM   1352 H HE   . ARG A 1 11 ? 3.819   -4.638 -3.967  1.00 0.00 ? 25 ARG A HE   8  
ATOM   1353 H HH11 . ARG A 1 11 ? 0.485   -6.077 -4.153  1.00 0.00 ? 25 ARG A HH11 8  
ATOM   1354 H HH12 . ARG A 1 11 ? 1.256   -7.565 -4.583  1.00 0.00 ? 25 ARG A HH12 8  
ATOM   1355 H HH21 . ARG A 1 11 ? 4.473   -6.826 -4.124  1.00 0.00 ? 25 ARG A HH21 8  
ATOM   1356 H HH22 . ARG A 1 11 ? 3.328   -8.093 -4.250  1.00 0.00 ? 25 ARG A HH22 8  
ATOM   1357 N N    . LEU A 1 12 ? 4.428   -0.610 0.376   1.00 0.00 ? 26 LEU A N    8  
ATOM   1358 C CA   . LEU A 1 12 ? 5.699   0.116  0.493   1.00 0.00 ? 26 LEU A CA   8  
ATOM   1359 C C    . LEU A 1 12 ? 5.707   1.379  1.358   1.00 0.00 ? 26 LEU A C    8  
ATOM   1360 O O    . LEU A 1 12 ? 6.747   2.003  1.558   1.00 0.00 ? 26 LEU A O    8  
ATOM   1361 C CB   . LEU A 1 12 ? 6.173   0.532  -0.900  1.00 0.00 ? 26 LEU A CB   8  
ATOM   1362 C CG   . LEU A 1 12 ? 5.154   1.184  -1.837  1.00 0.00 ? 26 LEU A CG   8  
ATOM   1363 C CD1  . LEU A 1 12 ? 4.653   2.573  -1.434  1.00 0.00 ? 26 LEU A CD1  8  
ATOM   1364 C CD2  . LEU A 1 12 ? 5.737   1.281  -3.249  1.00 0.00 ? 26 LEU A CD2  8  
ATOM   1365 H H    . LEU A 1 12 ? 3.640   -0.024 0.186   1.00 0.00 ? 26 LEU A H    8  
ATOM   1366 N N    . LYS A 1 13 ? 4.690   1.413  2.215   1.00 0.00 ? 27 LYS A N    8  
ATOM   1367 C CA   . LYS A 1 13 ? 4.394   2.529  3.123   1.00 0.00 ? 27 LYS A CA   8  
ATOM   1368 C C    . LYS A 1 13 ? 3.582   1.919  4.268   1.00 0.00 ? 27 LYS A C    8  
ATOM   1369 O O    . LYS A 1 13 ? 2.817   2.618  4.931   1.00 0.00 ? 27 LYS A O    8  
ATOM   1370 C CB   . LYS A 1 13 ? 3.535   3.489  2.296   1.00 0.00 ? 27 LYS A CB   8  
ATOM   1371 C CG   . LYS A 1 13 ? 3.976   4.954  2.230   1.00 0.00 ? 27 LYS A CG   8  
ATOM   1372 C CD   . LYS A 1 13 ? 4.700   5.590  3.419   1.00 0.00 ? 27 LYS A CD   8  
ATOM   1373 C CE   . LYS A 1 13 ? 5.308   6.939  3.036   1.00 0.00 ? 27 LYS A CE   8  
ATOM   1374 N NZ   . LYS A 1 13 ? 6.119   7.596  4.072   1.00 0.00 ? 27 LYS A NZ   8  
ATOM   1375 H H    . LYS A 1 13 ? 3.949   0.753  2.103   1.00 0.00 ? 27 LYS A H    8  
ATOM   1376 H HZ1  . LYS A 1 13 ? 5.643   7.829  4.918   1.00 0.00 ? 27 LYS A HZ1  8  
ATOM   1377 H HZ2  . LYS A 1 13 ? 6.447   8.477  3.728   1.00 0.00 ? 27 LYS A HZ2  8  
ATOM   1378 H HZ3  . LYS A 1 13 ? 6.896   7.013  4.310   1.00 0.00 ? 27 LYS A HZ3  8  
ATOM   1379 N N    . LYS A 1 14 ? 4.100   0.780  4.718   1.00 0.00 ? 28 LYS A N    8  
ATOM   1380 C CA   . LYS A 1 14 ? 3.511   -0.396 5.374   1.00 0.00 ? 28 LYS A CA   8  
ATOM   1381 C C    . LYS A 1 14 ? 3.816   -1.622 4.511   1.00 0.00 ? 28 LYS A C    8  
ATOM   1382 O O    . LYS A 1 14 ? 3.334   -1.554 3.381   1.00 0.00 ? 28 LYS A O    8  
ATOM   1383 C CB   . LYS A 1 14 ? 2.001   -0.222 5.551   1.00 0.00 ? 28 LYS A CB   8  
ATOM   1384 C CG   . LYS A 1 14 ? 1.242   -1.369 6.223   1.00 0.00 ? 28 LYS A CG   8  
ATOM   1385 C CD   . LYS A 1 14 ? 1.454   -1.177 7.725   1.00 0.00 ? 28 LYS A CD   8  
ATOM   1386 C CE   . LYS A 1 14 ? 0.574   -2.128 8.538   1.00 0.00 ? 28 LYS A CE   8  
ATOM   1387 N NZ   . LYS A 1 14 ? 0.688   -1.939 9.991   1.00 0.00 ? 28 LYS A NZ   8  
ATOM   1388 H H    . LYS A 1 14 ? 5.096   0.693  4.757   1.00 0.00 ? 28 LYS A H    8  
ATOM   1389 H HZ1  . LYS A 1 14 ? 1.241   -2.676 10.382  1.00 0.00 ? 28 LYS A HZ1  8  
ATOM   1390 H HZ2  . LYS A 1 14 ? -0.208  -2.036 10.422  1.00 0.00 ? 28 LYS A HZ2  8  
ATOM   1391 H HZ3  . LYS A 1 14 ? 1.102   -1.055 10.210  1.00 0.00 ? 28 LYS A HZ3  8  
ATOM   1392 N N    . LEU A 1 15 ? 5.054   -2.079 4.679   1.00 0.00 ? 29 LEU A N    8  
ATOM   1393 C CA   . LEU A 1 15 ? 6.302   -1.889 5.432   1.00 0.00 ? 29 LEU A CA   8  
ATOM   1394 C C    . LEU A 1 15 ? 6.213   -1.558 6.925   1.00 0.00 ? 29 LEU A C    8  
ATOM   1395 O O    . LEU A 1 15 ? 5.835   -2.433 7.703   1.00 0.00 ? 29 LEU A O    8  
ATOM   1396 C CB   . LEU A 1 15 ? 7.290   -1.232 4.468   1.00 0.00 ? 29 LEU A CB   8  
ATOM   1397 C CG   . LEU A 1 15 ? 8.728   -1.072 4.964   1.00 0.00 ? 29 LEU A CG   8  
ATOM   1398 C CD1  . LEU A 1 15 ? 9.341   -2.471 5.074   1.00 0.00 ? 29 LEU A CD1  8  
ATOM   1399 C CD2  . LEU A 1 15 ? 9.471   -0.301 3.873   1.00 0.00 ? 29 LEU A CD2  8  
ATOM   1400 H H    . LEU A 1 15 ? 5.278   -2.654 3.892   1.00 0.00 ? 29 LEU A H    8  
ATOM   1401 N N    . VAL A 1 16 ? 6.753   -0.385 7.248   1.00 0.00 ? 30 VAL A N    8  
ATOM   1402 C CA   . VAL A 1 16 ? 6.708   0.353  8.519   1.00 0.00 ? 30 VAL A CA   8  
ATOM   1403 C C    . VAL A 1 16 ? 5.465   1.230  8.679   1.00 0.00 ? 30 VAL A C    8  
ATOM   1404 O O    . VAL A 1 16 ? 5.117   1.875  7.692   1.00 0.00 ? 30 VAL A O    8  
ATOM   1405 C CB   . VAL A 1 16 ? 7.909   1.301  8.528   1.00 0.00 ? 30 VAL A CB   8  
ATOM   1406 C CG1  . VAL A 1 16 ? 8.055   2.135  9.802   1.00 0.00 ? 30 VAL A CG1  8  
ATOM   1407 C CG2  . VAL A 1 16 ? 9.197   0.488  8.669   1.00 0.00 ? 30 VAL A CG2  8  
ATOM   1408 H H    . VAL A 1 16 ? 7.236   0.121  6.534   1.00 0.00 ? 30 VAL A H    8  
ATOM   1409 N N    . GLY A 1 17 ? 4.728   1.112  9.779   1.00 0.00 ? 31 GLY A N    8  
ATOM   1410 C CA   . GLY A 1 17 ? 3.526   1.933  9.984   1.00 0.00 ? 31 GLY A CA   8  
ATOM   1411 C C    . GLY A 1 17 ? 2.399   1.240  10.754  1.00 0.00 ? 31 GLY A C    8  
ATOM   1412 O O    . GLY A 1 17 ? 1.405   0.683  10.290  1.00 0.00 ? 31 GLY A O    8  
ATOM   1413 H H    . GLY A 1 17 ? 5.006   0.537  10.548  1.00 0.00 ? 31 GLY A H    8  
HETATM 1414 N N    . NH2 A 1 18 ? 2.441   1.369  12.077  1.00 0.00 ? 32 NH2 A N    8  
HETATM 1415 H HN1  . NH2 A 1 18 ? 1.816   0.968  12.745  1.00 0.00 ? 32 NH2 A HN1  8  
HETATM 1416 H HN2  . NH2 A 1 18 ? 3.232   1.855  12.448  1.00 0.00 ? 32 NH2 A HN2  8  
HETATM 1417 C C    . ACE A 1 1  ? -4.563  -6.924 -7.111  1.00 0.00 ? 15 ACE A C    9  
HETATM 1418 O O    . ACE A 1 1  ? -3.351  -6.945 -7.321  1.00 0.00 ? 15 ACE A O    9  
HETATM 1419 C CH3  . ACE A 1 1  ? -5.125  -7.981 -6.158  1.00 0.00 ? 15 ACE A CH3  9  
ATOM   1420 N N    . ASN A 1 2  ? -5.270  -5.901 -7.580  1.00 0.00 ? 16 ASN A N    9  
ATOM   1421 C CA   . ASN A 1 2  ? -6.649  -5.537 -7.222  1.00 0.00 ? 16 ASN A CA   9  
ATOM   1422 C C    . ASN A 1 2  ? -7.297  -5.545 -5.837  1.00 0.00 ? 16 ASN A C    9  
ATOM   1423 O O    . ASN A 1 2  ? -8.074  -6.453 -5.544  1.00 0.00 ? 16 ASN A O    9  
ATOM   1424 C CB   . ASN A 1 2  ? -7.710  -5.952 -8.244  1.00 0.00 ? 16 ASN A CB   9  
ATOM   1425 C CG   . ASN A 1 2  ? -7.927  -7.413 -8.643  1.00 0.00 ? 16 ASN A CG   9  
ATOM   1426 O OD1  . ASN A 1 2  ? -7.762  -8.377 -7.897  1.00 0.00 ? 16 ASN A OD1  9  
ATOM   1427 N ND2  . ASN A 1 2  ? -8.502  -7.519 -9.837  1.00 0.00 ? 16 ASN A ND2  9  
ATOM   1428 H H    . ASN A 1 2  ? -4.816  -5.440 -8.343  1.00 0.00 ? 16 ASN A H    9  
ATOM   1429 H HD21 . ASN A 1 2  ? -8.205  -6.996 -10.636 1.00 0.00 ? 16 ASN A HD21 9  
ATOM   1430 H HD22 . ASN A 1 2  ? -8.945  -8.375 -10.105 1.00 0.00 ? 16 ASN A HD22 9  
ATOM   1431 N N    . TYR A 1 3  ? -7.217  -4.544 -4.964  1.00 0.00 ? 17 TYR A N    9  
ATOM   1432 C CA   . TYR A 1 3  ? -6.843  -3.123 -4.998  1.00 0.00 ? 17 TYR A CA   9  
ATOM   1433 C C    . TYR A 1 3  ? -7.647  -2.150 -5.863  1.00 0.00 ? 17 TYR A C    9  
ATOM   1434 O O    . TYR A 1 3  ? -8.793  -1.857 -5.529  1.00 0.00 ? 17 TYR A O    9  
ATOM   1435 C CB   . TYR A 1 3  ? -5.421  -2.918 -4.470  1.00 0.00 ? 17 TYR A CB   9  
ATOM   1436 C CG   . TYR A 1 3  ? -4.589  -4.154 -4.122  1.00 0.00 ? 17 TYR A CG   9  
ATOM   1437 C CD1  . TYR A 1 3  ? -4.956  -5.151 -3.225  1.00 0.00 ? 17 TYR A CD1  9  
ATOM   1438 C CD2  . TYR A 1 3  ? -3.288  -4.179 -4.608  1.00 0.00 ? 17 TYR A CD2  9  
ATOM   1439 C CE1  . TYR A 1 3  ? -4.088  -6.198 -2.944  1.00 0.00 ? 17 TYR A CE1  9  
ATOM   1440 C CE2  . TYR A 1 3  ? -2.398  -5.213 -4.340  1.00 0.00 ? 17 TYR A CE2  9  
ATOM   1441 C CZ   . TYR A 1 3  ? -2.816  -6.241 -3.504  1.00 0.00 ? 17 TYR A CZ   9  
ATOM   1442 O OH   . TYR A 1 3  ? -1.936  -7.229 -3.188  1.00 0.00 ? 17 TYR A OH   9  
ATOM   1443 H H    . TYR A 1 3  ? -7.436  -4.750 -4.010  1.00 0.00 ? 17 TYR A H    9  
ATOM   1444 H HD1  . TYR A 1 3  ? -5.899  -5.147 -2.677  1.00 0.00 ? 17 TYR A HD1  9  
ATOM   1445 H HD2  . TYR A 1 3  ? -2.901  -3.207 -4.912  1.00 0.00 ? 17 TYR A HD2  9  
ATOM   1446 H HE1  . TYR A 1 3  ? -4.329  -6.823 -2.083  1.00 0.00 ? 17 TYR A HE1  9  
ATOM   1447 H HE2  . TYR A 1 3  ? -1.351  -5.003 -4.555  1.00 0.00 ? 17 TYR A HE2  9  
ATOM   1448 H HH   . TYR A 1 3  ? -1.099  -7.129 -3.724  1.00 0.00 ? 17 TYR A HH   9  
ATOM   1449 N N    . HIS A 1 4  ? -7.141  -1.413 -6.849  1.00 0.00 ? 18 HIS A N    9  
ATOM   1450 C CA   . HIS A 1 4  ? -5.812  -1.259 -7.456  1.00 0.00 ? 18 HIS A CA   9  
ATOM   1451 C C    . HIS A 1 4  ? -5.557  0.133  -8.037  1.00 0.00 ? 18 HIS A C    9  
ATOM   1452 O O    . HIS A 1 4  ? -6.072  0.556  -9.071  1.00 0.00 ? 18 HIS A O    9  
ATOM   1453 C CB   . HIS A 1 4  ? -5.600  -2.160 -8.674  1.00 0.00 ? 18 HIS A CB   9  
ATOM   1454 C CG   . HIS A 1 4  ? -4.356  -3.051 -8.689  1.00 0.00 ? 18 HIS A CG   9  
ATOM   1455 N ND1  . HIS A 1 4  ? -3.986  -3.563 -9.860  1.00 0.00 ? 18 HIS A ND1  9  
ATOM   1456 C CD2  . HIS A 1 4  ? -3.409  -3.295 -7.788  1.00 0.00 ? 18 HIS A CD2  9  
ATOM   1457 C CE1  . HIS A 1 4  ? -2.835  -4.193 -9.646  1.00 0.00 ? 18 HIS A CE1  9  
ATOM   1458 N NE2  . HIS A 1 4  ? -2.500  -4.077 -8.364  1.00 0.00 ? 18 HIS A NE2  9  
ATOM   1459 H H    . HIS A 1 4  ? -7.853  -0.953 -7.380  1.00 0.00 ? 18 HIS A H    9  
ATOM   1460 H HD2  . HIS A 1 4  ? -3.399  -2.831 -6.803  1.00 0.00 ? 18 HIS A HD2  9  
ATOM   1461 H HE1  . HIS A 1 4  ? -2.219  -4.598 -10.450 1.00 0.00 ? 18 HIS A HE1  9  
ATOM   1462 H HE2  . HIS A 1 4  ? -1.629  -4.412 -8.003  1.00 0.00 ? 18 HIS A HE2  9  
ATOM   1463 N N    . LEU A 1 5  ? -4.640  0.888  -7.438  1.00 0.00 ? 19 LEU A N    9  
ATOM   1464 C CA   . LEU A 1 5  ? -3.650  0.493  -6.427  1.00 0.00 ? 19 LEU A CA   9  
ATOM   1465 C C    . LEU A 1 5  ? -3.165  1.573  -5.459  1.00 0.00 ? 19 LEU A C    9  
ATOM   1466 O O    . LEU A 1 5  ? -1.973  1.630  -5.160  1.00 0.00 ? 19 LEU A O    9  
ATOM   1467 C CB   . LEU A 1 5  ? -2.463  -0.246 -7.048  1.00 0.00 ? 19 LEU A CB   9  
ATOM   1468 C CG   . LEU A 1 5  ? -1.873  0.286  -8.355  1.00 0.00 ? 19 LEU A CG   9  
ATOM   1469 C CD1  . LEU A 1 5  ? -1.171  1.623  -8.107  1.00 0.00 ? 19 LEU A CD1  9  
ATOM   1470 C CD2  . LEU A 1 5  ? -0.818  -0.718 -8.823  1.00 0.00 ? 19 LEU A CD2  9  
ATOM   1471 H H    . LEU A 1 5  ? -4.471  1.831  -7.724  1.00 0.00 ? 19 LEU A H    9  
ATOM   1472 N N    . GLU A 1 6  ? -4.091  1.568  -4.503  1.00 0.00 ? 20 GLU A N    9  
ATOM   1473 C CA   . GLU A 1 6  ? -3.986  2.131  -3.149  1.00 0.00 ? 20 GLU A CA   9  
ATOM   1474 C C    . GLU A 1 6  ? -3.145  1.259  -2.213  1.00 0.00 ? 20 GLU A C    9  
ATOM   1475 O O    . GLU A 1 6  ? -1.992  1.610  -1.968  1.00 0.00 ? 20 GLU A O    9  
ATOM   1476 C CB   . GLU A 1 6  ? -5.361  2.406  -2.536  1.00 0.00 ? 20 GLU A CB   9  
ATOM   1477 C CG   . GLU A 1 6  ? -6.254  1.186  -2.769  1.00 0.00 ? 20 GLU A CG   9  
ATOM   1478 C CD   . GLU A 1 6  ? -7.594  1.396  -2.061  1.00 0.00 ? 20 GLU A CD   9  
ATOM   1479 O OE1  . GLU A 1 6  ? -8.331  2.125  -2.760  1.00 0.00 ? 20 GLU A OE1  9  
ATOM   1480 O OE2  . GLU A 1 6  ? -7.836  0.897  -0.941  1.00 0.00 ? 20 GLU A OE2  9  
ATOM   1481 H H    . GLU A 1 6  ? -4.931  1.092  -4.764  1.00 0.00 ? 20 GLU A H    9  
ATOM   1482 N N    . ASN A 1 7  ? -3.501  -0.022 -2.174  1.00 0.00 ? 21 ASN A N    9  
ATOM   1483 C CA   . ASN A 1 7  ? -2.664  -1.050 -1.542  1.00 0.00 ? 21 ASN A CA   9  
ATOM   1484 C C    . ASN A 1 7  ? -1.593  -1.591 -2.492  1.00 0.00 ? 21 ASN A C    9  
ATOM   1485 O O    . ASN A 1 7  ? -1.616  -2.783 -2.795  1.00 0.00 ? 21 ASN A O    9  
ATOM   1486 C CB   . ASN A 1 7  ? -3.624  -2.093 -0.962  1.00 0.00 ? 21 ASN A CB   9  
ATOM   1487 C CG   . ASN A 1 7  ? -3.302  -2.604 0.443   1.00 0.00 ? 21 ASN A CG   9  
ATOM   1488 O OD1  . ASN A 1 7  ? -2.354  -2.077 1.021   1.00 0.00 ? 21 ASN A OD1  9  
ATOM   1489 N ND2  . ASN A 1 7  ? -4.078  -3.600 0.863   1.00 0.00 ? 21 ASN A ND2  9  
ATOM   1490 H H    . ASN A 1 7  ? -4.395  -0.363 -2.462  1.00 0.00 ? 21 ASN A H    9  
ATOM   1491 H HD21 . ASN A 1 7  ? -4.836  -4.026 0.367   1.00 0.00 ? 21 ASN A HD21 9  
ATOM   1492 H HD22 . ASN A 1 7  ? -3.800  -4.004 1.735   1.00 0.00 ? 21 ASN A HD22 9  
ATOM   1493 N N    . GLU A 1 8  ? -0.734  -0.622 -2.796  1.00 0.00 ? 22 GLU A N    9  
ATOM   1494 C CA   . GLU A 1 8  ? 0.576   -0.741 -3.453  1.00 0.00 ? 22 GLU A CA   9  
ATOM   1495 C C    . GLU A 1 8  ? 1.407   0.531  -3.273  1.00 0.00 ? 22 GLU A C    9  
ATOM   1496 O O    . GLU A 1 8  ? 2.455   0.429  -2.637  1.00 0.00 ? 22 GLU A O    9  
ATOM   1497 C CB   . GLU A 1 8  ? 0.569   -1.126 -4.934  1.00 0.00 ? 22 GLU A CB   9  
ATOM   1498 C CG   . GLU A 1 8  ? 0.713   -2.639 -5.109  1.00 0.00 ? 22 GLU A CG   9  
ATOM   1499 C CD   . GLU A 1 8  ? 2.156   -3.111 -4.923  1.00 0.00 ? 22 GLU A CD   9  
ATOM   1500 O OE1  . GLU A 1 8  ? 3.086   -2.661 -5.626  1.00 0.00 ? 22 GLU A OE1  9  
ATOM   1501 O OE2  . GLU A 1 8  ? 2.378   -4.127 -4.229  1.00 0.00 ? 22 GLU A OE2  9  
ATOM   1502 H H    . GLU A 1 8  ? -0.812  0.273  -2.357  1.00 0.00 ? 22 GLU A H    9  
ATOM   1503 N N    . VAL A 1 9  ? 0.680   1.643  -3.313  1.00 0.00 ? 23 VAL A N    9  
ATOM   1504 C CA   . VAL A 1 9  ? 1.150   2.924  -2.764  1.00 0.00 ? 23 VAL A CA   9  
ATOM   1505 C C    . VAL A 1 9  ? 1.155   3.122  -1.247  1.00 0.00 ? 23 VAL A C    9  
ATOM   1506 O O    . VAL A 1 9  ? 2.081   3.826  -0.850  1.00 0.00 ? 23 VAL A O    9  
ATOM   1507 C CB   . VAL A 1 9  ? 0.418   4.060  -3.482  1.00 0.00 ? 23 VAL A CB   9  
ATOM   1508 C CG1  . VAL A 1 9  ? 0.717   5.495  -3.045  1.00 0.00 ? 23 VAL A CG1  9  
ATOM   1509 C CG2  . VAL A 1 9  ? 0.591   4.039  -5.002  1.00 0.00 ? 23 VAL A CG2  9  
ATOM   1510 H H    . VAL A 1 9  ? -0.149  1.684  -3.872  1.00 0.00 ? 23 VAL A H    9  
ATOM   1511 N N    . ALA A 1 10 ? 0.253   2.402  -0.585  1.00 0.00 ? 24 ALA A N    9  
ATOM   1512 C CA   . ALA A 1 10 ? 0.242   2.258  0.877   1.00 0.00 ? 24 ALA A CA   9  
ATOM   1513 C C    . ALA A 1 10 ? -0.711  1.084  1.111   1.00 0.00 ? 24 ALA A C    9  
ATOM   1514 O O    . ALA A 1 10 ? -1.919  1.314  1.094   1.00 0.00 ? 24 ALA A O    9  
ATOM   1515 C CB   . ALA A 1 10 ? -0.487  3.437  1.524   1.00 0.00 ? 24 ALA A CB   9  
ATOM   1516 H H    . ALA A 1 10 ? -0.620  2.218  -1.037  1.00 0.00 ? 24 ALA A H    9  
ATOM   1517 N N    . ARG A 1 11 ? -0.215  -0.145 1.229   1.00 0.00 ? 25 ARG A N    9  
ATOM   1518 C CA   . ARG A 1 11 ? 1.098   -0.791 1.092   1.00 0.00 ? 25 ARG A CA   9  
ATOM   1519 C C    . ARG A 1 11 ? 2.476   -0.341 1.581   1.00 0.00 ? 25 ARG A C    9  
ATOM   1520 O O    . ARG A 1 11 ? 3.038   -0.817 2.566   1.00 0.00 ? 25 ARG A O    9  
ATOM   1521 C CB   . ARG A 1 11 ? 1.274   -1.746 -0.091  1.00 0.00 ? 25 ARG A CB   9  
ATOM   1522 C CG   . ARG A 1 11 ? 0.541   -3.030 0.305   1.00 0.00 ? 25 ARG A CG   9  
ATOM   1523 C CD   . ARG A 1 11 ? 0.670   -4.218 -0.650  1.00 0.00 ? 25 ARG A CD   9  
ATOM   1524 N NE   . ARG A 1 11 ? 0.492   -5.442 0.148   1.00 0.00 ? 25 ARG A NE   9  
ATOM   1525 C CZ   . ARG A 1 11 ? -0.703  -5.982 0.425   1.00 0.00 ? 25 ARG A CZ   9  
ATOM   1526 N NH1  . ARG A 1 11 ? -1.839  -5.474 -0.073  1.00 0.00 ? 25 ARG A NH1  9  
ATOM   1527 N NH2  . ARG A 1 11 ? -0.588  -6.940 1.354   1.00 0.00 ? 25 ARG A NH2  9  
ATOM   1528 H H    . ARG A 1 11 ? -0.977  -0.734 0.963   1.00 0.00 ? 25 ARG A H    9  
ATOM   1529 H HE   . ARG A 1 11 ? 1.299   -5.908 0.509   1.00 0.00 ? 25 ARG A HE   9  
ATOM   1530 H HH11 . ARG A 1 11 ? -1.788  -4.877 -0.873  1.00 0.00 ? 25 ARG A HH11 9  
ATOM   1531 H HH12 . ARG A 1 11 ? -2.706  -5.907 0.170   1.00 0.00 ? 25 ARG A HH12 9  
ATOM   1532 H HH21 . ARG A 1 11 ? 0.224   -7.036 1.929   1.00 0.00 ? 25 ARG A HH21 9  
ATOM   1533 H HH22 . ARG A 1 11 ? -1.421  -7.362 1.715   1.00 0.00 ? 25 ARG A HH22 9  
ATOM   1534 N N    . LEU A 1 12 ? 3.084   0.629  0.903   1.00 0.00 ? 26 LEU A N    9  
ATOM   1535 C CA   . LEU A 1 12 ? 4.489   1.042  1.026   1.00 0.00 ? 26 LEU A CA   9  
ATOM   1536 C C    . LEU A 1 12 ? 4.688   1.944  2.245   1.00 0.00 ? 26 LEU A C    9  
ATOM   1537 O O    . LEU A 1 12 ? 5.673   2.677  2.341   1.00 0.00 ? 26 LEU A O    9  
ATOM   1538 C CB   . LEU A 1 12 ? 4.719   1.452  -0.430  1.00 0.00 ? 26 LEU A CB   9  
ATOM   1539 C CG   . LEU A 1 12 ? 6.078   2.020  -0.845  1.00 0.00 ? 26 LEU A CG   9  
ATOM   1540 C CD1  . LEU A 1 12 ? 7.095   0.906  -0.593  1.00 0.00 ? 26 LEU A CD1  9  
ATOM   1541 C CD2  . LEU A 1 12 ? 6.000   2.391  -2.327  1.00 0.00 ? 26 LEU A CD2  9  
ATOM   1542 H H    . LEU A 1 12 ? 2.585   1.110  0.182   1.00 0.00 ? 26 LEU A H    9  
ATOM   1543 N N    . LYS A 1 13 ? 3.706   2.085  3.130   1.00 0.00 ? 27 LYS A N    9  
ATOM   1544 C CA   . LYS A 1 13 ? 3.701   2.812  4.408   1.00 0.00 ? 27 LYS A CA   9  
ATOM   1545 C C    . LYS A 1 13 ? 2.664   2.222  5.366   1.00 0.00 ? 27 LYS A C    9  
ATOM   1546 O O    . LYS A 1 13 ? 2.412   2.720  6.462   1.00 0.00 ? 27 LYS A O    9  
ATOM   1547 C CB   . LYS A 1 13 ? 3.456   4.300  4.153   1.00 0.00 ? 27 LYS A CB   9  
ATOM   1548 C CG   . LYS A 1 13 ? 3.945   5.183  5.304   1.00 0.00 ? 27 LYS A CG   9  
ATOM   1549 C CD   . LYS A 1 13 ? 5.465   5.347  5.304   1.00 0.00 ? 27 LYS A CD   9  
ATOM   1550 C CE   . LYS A 1 13 ? 5.881   6.404  6.330   1.00 0.00 ? 27 LYS A CE   9  
ATOM   1551 N NZ   . LYS A 1 13 ? 7.336   6.314  6.519   1.00 0.00 ? 27 LYS A NZ   9  
ATOM   1552 H H    . LYS A 1 13 ? 2.753   1.935  2.865   1.00 0.00 ? 27 LYS A H    9  
ATOM   1553 H HZ1  . LYS A 1 13 ? 7.767   6.732  5.720   1.00 0.00 ? 27 LYS A HZ1  9  
ATOM   1554 H HZ2  . LYS A 1 13 ? 7.734   5.400  6.593   1.00 0.00 ? 27 LYS A HZ2  9  
ATOM   1555 H HZ3  . LYS A 1 13 ? 7.672   6.789  7.332   1.00 0.00 ? 27 LYS A HZ3  9  
ATOM   1556 N N    . LYS A 1 14 ? 2.529   0.913  5.169   1.00 0.00 ? 28 LYS A N    9  
ATOM   1557 C CA   . LYS A 1 14 ? 1.598   0.019  5.873   1.00 0.00 ? 28 LYS A CA   9  
ATOM   1558 C C    . LYS A 1 14 ? 2.071   -1.418 6.101   1.00 0.00 ? 28 LYS A C    9  
ATOM   1559 O O    . LYS A 1 14 ? 1.302   -2.324 6.418   1.00 0.00 ? 28 LYS A O    9  
ATOM   1560 C CB   . LYS A 1 14 ? 0.367   -0.006 4.966   1.00 0.00 ? 28 LYS A CB   9  
ATOM   1561 C CG   . LYS A 1 14 ? -0.718  0.836  5.641   1.00 0.00 ? 28 LYS A CG   9  
ATOM   1562 C CD   . LYS A 1 14 ? -1.508  0.116  6.736   1.00 0.00 ? 28 LYS A CD   9  
ATOM   1563 C CE   . LYS A 1 14 ? -2.499  1.146  7.284   1.00 0.00 ? 28 LYS A CE   9  
ATOM   1564 N NZ   . LYS A 1 14 ? -3.329  0.501  8.310   1.00 0.00 ? 28 LYS A NZ   9  
ATOM   1565 H H    . LYS A 1 14 ? 3.289   0.492  4.674   1.00 0.00 ? 28 LYS A H    9  
ATOM   1566 H HZ1  . LYS A 1 14 ? -4.210  0.974  8.312   1.00 0.00 ? 28 LYS A HZ1  9  
ATOM   1567 H HZ2  . LYS A 1 14 ? -2.977  0.553  9.244   1.00 0.00 ? 28 LYS A HZ2  9  
ATOM   1568 H HZ3  . LYS A 1 14 ? -3.388  -0.471 8.081   1.00 0.00 ? 28 LYS A HZ3  9  
ATOM   1569 N N    . LEU A 1 15 ? 3.381   -1.520 6.306   1.00 0.00 ? 29 LEU A N    9  
ATOM   1570 C CA   . LEU A 1 15 ? 4.061   -2.823 6.285   1.00 0.00 ? 29 LEU A CA   9  
ATOM   1571 C C    . LEU A 1 15 ? 5.352   -2.790 7.108   1.00 0.00 ? 29 LEU A C    9  
ATOM   1572 O O    . LEU A 1 15 ? 5.819   -3.818 7.594   1.00 0.00 ? 29 LEU A O    9  
ATOM   1573 C CB   . LEU A 1 15 ? 4.258   -3.301 4.845   1.00 0.00 ? 29 LEU A CB   9  
ATOM   1574 C CG   . LEU A 1 15 ? 5.208   -4.459 4.535   1.00 0.00 ? 29 LEU A CG   9  
ATOM   1575 C CD1  . LEU A 1 15 ? 4.673   -5.740 5.180   1.00 0.00 ? 29 LEU A CD1  9  
ATOM   1576 C CD2  . LEU A 1 15 ? 5.485   -4.624 3.038   1.00 0.00 ? 29 LEU A CD2  9  
ATOM   1577 H H    . LEU A 1 15 ? 3.745   -0.697 6.743   1.00 0.00 ? 29 LEU A H    9  
ATOM   1578 N N    . VAL A 1 16 ? 6.140   -1.748 6.859   1.00 0.00 ? 30 VAL A N    9  
ATOM   1579 C CA   . VAL A 1 16 ? 7.326   -1.462 7.679   1.00 0.00 ? 30 VAL A CA   9  
ATOM   1580 C C    . VAL A 1 16 ? 7.020   -0.692 8.965   1.00 0.00 ? 30 VAL A C    9  
ATOM   1581 O O    . VAL A 1 16 ? 6.647   0.479  8.961   1.00 0.00 ? 30 VAL A O    9  
ATOM   1582 C CB   . VAL A 1 16 ? 8.330   -0.678 6.832   1.00 0.00 ? 30 VAL A CB   9  
ATOM   1583 C CG1  . VAL A 1 16 ? 9.649   -0.525 7.593   1.00 0.00 ? 30 VAL A CG1  9  
ATOM   1584 C CG2  . VAL A 1 16 ? 8.607   -1.403 5.514   1.00 0.00 ? 30 VAL A CG2  9  
ATOM   1585 H H    . VAL A 1 16 ? 6.023   -1.322 5.963   1.00 0.00 ? 30 VAL A H    9  
ATOM   1586 N N    . GLY A 1 17 ? 7.052   -1.531 9.997   1.00 0.00 ? 31 GLY A N    9  
ATOM   1587 C CA   . GLY A 1 17 ? 6.415   -1.370 11.313  1.00 0.00 ? 31 GLY A CA   9  
ATOM   1588 C C    . GLY A 1 17 ? 7.210   -0.537 12.321  1.00 0.00 ? 31 GLY A C    9  
ATOM   1589 O O    . GLY A 1 17 ? 8.055   -0.916 13.130  1.00 0.00 ? 31 GLY A O    9  
ATOM   1590 H H    . GLY A 1 17 ? 7.544   -2.399 9.947   1.00 0.00 ? 31 GLY A H    9  
HETATM 1591 N N    . NH2 A 1 18 ? 6.709   0.676  12.533  1.00 0.00 ? 32 NH2 A N    9  
HETATM 1592 H HN1  . NH2 A 1 18 ? 7.335   1.219  13.092  1.00 0.00 ? 32 NH2 A HN1  9  
HETATM 1593 H HN2  . NH2 A 1 18 ? 5.891   1.075  12.117  1.00 0.00 ? 32 NH2 A HN2  9  
HETATM 1594 C C    . ACE A 1 1  ? -3.871  1.277  -10.175 1.00 0.00 ? 15 ACE A C    10 
HETATM 1595 O O    . ACE A 1 1  ? -2.770  1.528  -9.690  1.00 0.00 ? 15 ACE A O    10 
HETATM 1596 C CH3  . ACE A 1 1  ? -4.826  2.248  -10.874 1.00 0.00 ? 15 ACE A CH3  10 
ATOM   1597 N N    . ASN A 1 2  ? -4.299  0.018  -10.206 1.00 0.00 ? 16 ASN A N    10 
ATOM   1598 C CA   . ASN A 1 2  ? -5.522  -0.443 -10.880 1.00 0.00 ? 16 ASN A CA   10 
ATOM   1599 C C    . ASN A 1 2  ? -6.814  -0.676 -10.093 1.00 0.00 ? 16 ASN A C    10 
ATOM   1600 O O    . ASN A 1 2  ? -7.744  0.087  -10.353 1.00 0.00 ? 16 ASN A O    10 
ATOM   1601 C CB   . ASN A 1 2  ? -5.142  -1.459 -11.959 1.00 0.00 ? 16 ASN A CB   10 
ATOM   1602 C CG   . ASN A 1 2  ? -6.223  -1.901 -12.948 1.00 0.00 ? 16 ASN A CG   10 
ATOM   1603 O OD1  . ASN A 1 2  ? -7.015  -2.832 -12.813 1.00 0.00 ? 16 ASN A OD1  10 
ATOM   1604 N ND2  . ASN A 1 2  ? -6.385  -1.265 -14.103 1.00 0.00 ? 16 ASN A ND2  10 
ATOM   1605 H H    . ASN A 1 2  ? -3.784  -0.692 -9.726  1.00 0.00 ? 16 ASN A H    10 
ATOM   1606 H HD21 . ASN A 1 2  ? -5.817  -0.462 -14.285 1.00 0.00 ? 16 ASN A HD21 10 
ATOM   1607 H HD22 . ASN A 1 2  ? -7.049  -1.480 -14.821 1.00 0.00 ? 16 ASN A HD22 10 
ATOM   1608 N N    . TYR A 1 3  ? -7.034  -1.668 -9.234  1.00 0.00 ? 17 TYR A N    10 
ATOM   1609 C CA   . TYR A 1 3  ? -6.312  -2.757 -8.560  1.00 0.00 ? 17 TYR A CA   10 
ATOM   1610 C C    . TYR A 1 3  ? -5.102  -2.501 -7.659  1.00 0.00 ? 17 TYR A C    10 
ATOM   1611 O O    . TYR A 1 3  ? -4.398  -1.549 -7.992  1.00 0.00 ? 17 TYR A O    10 
ATOM   1612 C CB   . TYR A 1 3  ? -6.056  -3.853 -9.597  1.00 0.00 ? 17 TYR A CB   10 
ATOM   1613 C CG   . TYR A 1 3  ? -6.046  -5.309 -9.127  1.00 0.00 ? 17 TYR A CG   10 
ATOM   1614 C CD1  . TYR A 1 3  ? -6.584  -5.603 -7.879  1.00 0.00 ? 17 TYR A CD1  10 
ATOM   1615 C CD2  . TYR A 1 3  ? -5.099  -6.135 -9.720  1.00 0.00 ? 17 TYR A CD2  10 
ATOM   1616 C CE1  . TYR A 1 3  ? -5.955  -6.527 -7.052  1.00 0.00 ? 17 TYR A CE1  10 
ATOM   1617 C CE2  . TYR A 1 3  ? -4.499  -7.091 -8.908  1.00 0.00 ? 17 TYR A CE2  10 
ATOM   1618 C CZ   . TYR A 1 3  ? -4.880  -7.232 -7.579  1.00 0.00 ? 17 TYR A CZ   10 
ATOM   1619 O OH   . TYR A 1 3  ? -4.143  -8.019 -6.751  1.00 0.00 ? 17 TYR A OH   10 
ATOM   1620 H H    . TYR A 1 3  ? -7.979  -1.648 -8.908  1.00 0.00 ? 17 TYR A H    10 
ATOM   1621 H HD1  . TYR A 1 3  ? -7.493  -5.152 -7.481  1.00 0.00 ? 17 TYR A HD1  10 
ATOM   1622 H HD2  . TYR A 1 3  ? -4.898  -6.034 -10.786 1.00 0.00 ? 17 TYR A HD2  10 
ATOM   1623 H HE1  . TYR A 1 3  ? -6.435  -6.808 -6.115  1.00 0.00 ? 17 TYR A HE1  10 
ATOM   1624 H HE2  . TYR A 1 3  ? -3.658  -7.663 -9.301  1.00 0.00 ? 17 TYR A HE2  10 
ATOM   1625 H HH   . TYR A 1 3  ? -4.297  -7.721 -5.809  1.00 0.00 ? 17 TYR A HH   10 
ATOM   1626 N N    . HIS A 1 4  ? -5.090  -3.176 -6.513  1.00 0.00 ? 18 HIS A N    10 
ATOM   1627 C CA   . HIS A 1 4  ? -3.975  -3.291 -5.560  1.00 0.00 ? 18 HIS A CA   10 
ATOM   1628 C C    . HIS A 1 4  ? -3.099  -2.041 -5.459  1.00 0.00 ? 18 HIS A C    10 
ATOM   1629 O O    . HIS A 1 4  ? -3.407  -1.270 -4.550  1.00 0.00 ? 18 HIS A O    10 
ATOM   1630 C CB   . HIS A 1 4  ? -3.373  -4.696 -5.614  1.00 0.00 ? 18 HIS A CB   10 
ATOM   1631 C CG   . HIS A 1 4  ? -2.202  -4.843 -6.588  1.00 0.00 ? 18 HIS A CG   10 
ATOM   1632 N ND1  . HIS A 1 4  ? -1.016  -5.384 -6.327  1.00 0.00 ? 18 HIS A ND1  10 
ATOM   1633 C CD2  . HIS A 1 4  ? -2.224  -4.509 -7.874  1.00 0.00 ? 18 HIS A CD2  10 
ATOM   1634 C CE1  . HIS A 1 4  ? -0.303  -5.431 -7.449  1.00 0.00 ? 18 HIS A CE1  10 
ATOM   1635 N NE2  . HIS A 1 4  ? -1.099  -4.973 -8.410  1.00 0.00 ? 18 HIS A NE2  10 
ATOM   1636 H H    . HIS A 1 4  ? -5.923  -3.589 -6.147  1.00 0.00 ? 18 HIS A H    10 
ATOM   1637 H HD2  . HIS A 1 4  ? -2.774  -3.660 -8.281  1.00 0.00 ? 18 HIS A HD2  10 
ATOM   1638 H HE1  . HIS A 1 4  ? 0.697   -5.838 -7.597  1.00 0.00 ? 18 HIS A HE1  10 
ATOM   1639 H HE2  . HIS A 1 4  ? -1.018  -5.257 -9.366  1.00 0.00 ? 18 HIS A HE2  10 
ATOM   1640 N N    . LEU A 1 5  ? -1.825  -2.090 -5.837  1.00 0.00 ? 19 LEU A N    10 
ATOM   1641 C CA   . LEU A 1 5  ? -1.053  -1.077 -6.571  1.00 0.00 ? 19 LEU A CA   10 
ATOM   1642 C C    . LEU A 1 5  ? -1.188  0.300  -5.917  1.00 0.00 ? 19 LEU A C    10 
ATOM   1643 O O    . LEU A 1 5  ? -0.398  0.876  -5.172  1.00 0.00 ? 19 LEU A O    10 
ATOM   1644 C CB   . LEU A 1 5  ? -1.516  -0.991 -8.027  1.00 0.00 ? 19 LEU A CB   10 
ATOM   1645 C CG   . LEU A 1 5  ? -0.334  -1.021 -8.999  1.00 0.00 ? 19 LEU A CG   10 
ATOM   1646 C CD1  . LEU A 1 5  ? 0.708   -2.072 -8.609  1.00 0.00 ? 19 LEU A CD1  10 
ATOM   1647 C CD2  . LEU A 1 5  ? -0.924  -1.384 -10.362 1.00 0.00 ? 19 LEU A CD2  10 
ATOM   1648 H H    . LEU A 1 5  ? -1.319  -2.953 -5.812  1.00 0.00 ? 19 LEU A H    10 
ATOM   1649 N N    . GLU A 1 6  ? -2.410  0.789  -6.105  1.00 0.00 ? 20 GLU A N    10 
ATOM   1650 C CA   . GLU A 1 6  ? -3.002  2.083  -5.737  1.00 0.00 ? 20 GLU A CA   10 
ATOM   1651 C C    . GLU A 1 6  ? -3.283  2.343  -4.256  1.00 0.00 ? 20 GLU A C    10 
ATOM   1652 O O    . GLU A 1 6  ? -2.785  3.349  -3.754  1.00 0.00 ? 20 GLU A O    10 
ATOM   1653 C CB   . GLU A 1 6  ? -4.284  2.076  -6.572  1.00 0.00 ? 20 GLU A CB   10 
ATOM   1654 C CG   . GLU A 1 6  ? -5.412  1.048  -6.459  1.00 0.00 ? 20 GLU A CG   10 
ATOM   1655 C CD   . GLU A 1 6  ? -6.547  1.537  -5.557  1.00 0.00 ? 20 GLU A CD   10 
ATOM   1656 O OE1  . GLU A 1 6  ? -6.737  2.763  -5.413  1.00 0.00 ? 20 GLU A OE1  10 
ATOM   1657 O OE2  . GLU A 1 6  ? -7.290  0.703  -4.995  1.00 0.00 ? 20 GLU A OE2  10 
ATOM   1658 H H    . GLU A 1 6  ? -3.171  0.203  -6.384  1.00 0.00 ? 20 GLU A H    10 
ATOM   1659 N N    . ASN A 1 7  ? -3.901  1.347  -3.628  1.00 0.00 ? 21 ASN A N    10 
ATOM   1660 C CA   . ASN A 1 7  ? -4.098  1.341  -2.170  1.00 0.00 ? 21 ASN A CA   10 
ATOM   1661 C C    . ASN A 1 7  ? -3.004  0.603  -1.396  1.00 0.00 ? 21 ASN A C    10 
ATOM   1662 O O    . ASN A 1 7  ? -2.696  1.145  -0.336  1.00 0.00 ? 21 ASN A O    10 
ATOM   1663 C CB   . ASN A 1 7  ? -5.390  0.612  -1.794  1.00 0.00 ? 21 ASN A CB   10 
ATOM   1664 C CG   . ASN A 1 7  ? -6.459  1.642  -1.426  1.00 0.00 ? 21 ASN A CG   10 
ATOM   1665 O OD1  . ASN A 1 7  ? -6.791  1.808  -0.254  1.00 0.00 ? 21 ASN A OD1  10 
ATOM   1666 N ND2  . ASN A 1 7  ? -7.147  2.204  -2.416  1.00 0.00 ? 21 ASN A ND2  10 
ATOM   1667 H H    . ASN A 1 7  ? -4.381  0.564  -4.023  1.00 0.00 ? 21 ASN A H    10 
ATOM   1668 H HD21 . ASN A 1 7  ? -7.072  1.730  -3.293  1.00 0.00 ? 21 ASN A HD21 10 
ATOM   1669 H HD22 . ASN A 1 7  ? -7.748  2.985  -2.244  1.00 0.00 ? 21 ASN A HD22 10 
ATOM   1670 N N    . GLU A 1 8  ? -2.186  -0.137 -2.138  1.00 0.00 ? 22 GLU A N    10 
ATOM   1671 C CA   . GLU A 1 8  ? -0.902  -0.674 -1.663  1.00 0.00 ? 22 GLU A CA   10 
ATOM   1672 C C    . GLU A 1 8  ? 0.020   0.504  -1.349  1.00 0.00 ? 22 GLU A C    10 
ATOM   1673 O O    . GLU A 1 8  ? 0.468   0.721  -0.223  1.00 0.00 ? 22 GLU A O    10 
ATOM   1674 C CB   . GLU A 1 8  ? -0.180  -1.666 -2.575  1.00 0.00 ? 22 GLU A CB   10 
ATOM   1675 C CG   . GLU A 1 8  ? -0.851  -3.021 -2.810  1.00 0.00 ? 22 GLU A CG   10 
ATOM   1676 C CD   . GLU A 1 8  ? -0.517  -4.023 -1.704  1.00 0.00 ? 22 GLU A CD   10 
ATOM   1677 O OE1  . GLU A 1 8  ? 0.640   -4.019 -1.231  1.00 0.00 ? 22 GLU A OE1  10 
ATOM   1678 O OE2  . GLU A 1 8  ? -1.405  -4.874 -1.483  1.00 0.00 ? 22 GLU A OE2  10 
ATOM   1679 H H    . GLU A 1 8  ? -2.183  -0.336 -3.119  1.00 0.00 ? 22 GLU A H    10 
ATOM   1680 N N    . VAL A 1 9  ? -0.018  1.500  -2.231  1.00 0.00 ? 23 VAL A N    10 
ATOM   1681 C CA   . VAL A 1 9  ? 0.575   2.806  -1.904  1.00 0.00 ? 23 VAL A CA   10 
ATOM   1682 C C    . VAL A 1 9  ? -0.275  3.712  -1.012  1.00 0.00 ? 23 VAL A C    10 
ATOM   1683 O O    . VAL A 1 9  ? -0.896  4.636  -1.533  1.00 0.00 ? 23 VAL A O    10 
ATOM   1684 C CB   . VAL A 1 9  ? 1.058   3.488  -3.186  1.00 0.00 ? 23 VAL A CB   10 
ATOM   1685 C CG1  . VAL A 1 9  ? 1.744   4.838  -2.967  1.00 0.00 ? 23 VAL A CG1  10 
ATOM   1686 C CG2  . VAL A 1 9  ? 2.141   2.658  -3.878  1.00 0.00 ? 23 VAL A CG2  10 
ATOM   1687 H H    . VAL A 1 9  ? -0.300  1.299  -3.168  1.00 0.00 ? 23 VAL A H    10 
ATOM   1688 N N    . ALA A 1 10 ? -0.582  3.200  0.177   1.00 0.00 ? 24 ALA A N    10 
ATOM   1689 C CA   . ALA A 1 10 ? -1.345  3.678  1.339   1.00 0.00 ? 24 ALA A CA   10 
ATOM   1690 C C    . ALA A 1 10 ? -1.356  2.594  2.419   1.00 0.00 ? 24 ALA A C    10 
ATOM   1691 O O    . ALA A 1 10 ? -1.622  2.930  3.571   1.00 0.00 ? 24 ALA A O    10 
ATOM   1692 C CB   . ALA A 1 10 ? -2.779  4.128  1.047   1.00 0.00 ? 24 ALA A CB   10 
ATOM   1693 H H    . ALA A 1 10 ? -0.369  2.252  0.417   1.00 0.00 ? 24 ALA A H    10 
ATOM   1694 N N    . ARG A 1 11 ? -1.367  1.329  2.005   1.00 0.00 ? 25 ARG A N    10 
ATOM   1695 C CA   . ARG A 1 11 ? -1.102  0.209  2.920   1.00 0.00 ? 25 ARG A CA   10 
ATOM   1696 C C    . ARG A 1 11 ? 0.359   0.118  3.366   1.00 0.00 ? 25 ARG A C    10 
ATOM   1697 O O    . ARG A 1 11 ? 0.617   0.432  4.526   1.00 0.00 ? 25 ARG A O    10 
ATOM   1698 C CB   . ARG A 1 11 ? -1.658  -0.994 2.159   1.00 0.00 ? 25 ARG A CB   10 
ATOM   1699 C CG   . ARG A 1 11 ? -3.120  -1.123 1.725   1.00 0.00 ? 25 ARG A CG   10 
ATOM   1700 C CD   . ARG A 1 11 ? -3.325  -2.580 1.308   1.00 0.00 ? 25 ARG A CD   10 
ATOM   1701 N NE   . ARG A 1 11 ? -3.786  -3.379 2.453   1.00 0.00 ? 25 ARG A NE   10 
ATOM   1702 C CZ   . ARG A 1 11 ? -5.052  -3.726 2.723   1.00 0.00 ? 25 ARG A CZ   10 
ATOM   1703 N NH1  . ARG A 1 11 ? -6.058  -3.430 1.888   1.00 0.00 ? 25 ARG A NH1  10 
ATOM   1704 N NH2  . ARG A 1 11 ? -5.273  -4.546 3.760   1.00 0.00 ? 25 ARG A NH2  10 
ATOM   1705 H H    . ARG A 1 11 ? -1.623  1.016  1.090   1.00 0.00 ? 25 ARG A H    10 
ATOM   1706 H HE   . ARG A 1 11 ? -3.127  -3.575 3.178   1.00 0.00 ? 25 ARG A HE   10 
ATOM   1707 H HH11 . ARG A 1 11 ? -5.830  -3.019 1.004   1.00 0.00 ? 25 ARG A HH11 10 
ATOM   1708 H HH12 . ARG A 1 11 ? -7.023  -3.585 2.101   1.00 0.00 ? 25 ARG A HH12 10 
ATOM   1709 H HH21 . ARG A 1 11 ? -4.534  -5.031 4.226   1.00 0.00 ? 25 ARG A HH21 10 
ATOM   1710 H HH22 . ARG A 1 11 ? -6.200  -4.897 3.893   1.00 0.00 ? 25 ARG A HH22 10 
ATOM   1711 N N    . LEU A 1 12 ? 1.283   -0.341 2.526   1.00 0.00 ? 26 LEU A N    10 
ATOM   1712 C CA   . LEU A 1 12 ? 2.719   -0.021 2.519   1.00 0.00 ? 26 LEU A CA   10 
ATOM   1713 C C    . LEU A 1 12 ? 3.612   0.137  3.752   1.00 0.00 ? 26 LEU A C    10 
ATOM   1714 O O    . LEU A 1 12 ? 3.949   -0.825 4.439   1.00 0.00 ? 26 LEU A O    10 
ATOM   1715 C CB   . LEU A 1 12 ? 3.047   1.032  1.461   1.00 0.00 ? 26 LEU A CB   10 
ATOM   1716 C CG   . LEU A 1 12 ? 4.068   0.568  0.419   1.00 0.00 ? 26 LEU A CG   10 
ATOM   1717 C CD1  . LEU A 1 12 ? 3.640   -0.816 -0.075  1.00 0.00 ? 26 LEU A CD1  10 
ATOM   1718 C CD2  . LEU A 1 12 ? 4.105   1.559  -0.746  1.00 0.00 ? 26 LEU A CD2  10 
ATOM   1719 H H    . LEU A 1 12 ? 1.034   -0.410 1.560   1.00 0.00 ? 26 LEU A H    10 
ATOM   1720 N N    . LYS A 1 13 ? 3.305   1.319  4.281   1.00 0.00 ? 27 LYS A N    10 
ATOM   1721 C CA   . LYS A 1 13 ? 3.968   1.882  5.466   1.00 0.00 ? 27 LYS A CA   10 
ATOM   1722 C C    . LYS A 1 13 ? 3.340   1.396  6.774   1.00 0.00 ? 27 LYS A C    10 
ATOM   1723 O O    . LYS A 1 13 ? 4.106   1.199  7.716   1.00 0.00 ? 27 LYS A O    10 
ATOM   1724 C CB   . LYS A 1 13 ? 3.779   3.377  5.201   1.00 0.00 ? 27 LYS A CB   10 
ATOM   1725 C CG   . LYS A 1 13 ? 4.724   4.211  6.068   1.00 0.00 ? 27 LYS A CG   10 
ATOM   1726 C CD   . LYS A 1 13 ? 5.281   5.512  5.484   1.00 0.00 ? 27 LYS A CD   10 
ATOM   1727 C CE   . LYS A 1 13 ? 6.176   6.203  6.516   1.00 0.00 ? 27 LYS A CE   10 
ATOM   1728 N NZ   . LYS A 1 13 ? 6.578   7.566  6.145   1.00 0.00 ? 27 LYS A NZ   10 
ATOM   1729 H H    . LYS A 1 13 ? 2.498   1.798  3.937   1.00 0.00 ? 27 LYS A H    10 
ATOM   1730 H HZ1  . LYS A 1 13 ? 7.291   7.622  5.444   1.00 0.00 ? 27 LYS A HZ1  10 
ATOM   1731 H HZ2  . LYS A 1 13 ? 6.767   8.093  6.974   1.00 0.00 ? 27 LYS A HZ2  10 
ATOM   1732 H HZ3  . LYS A 1 13 ? 5.767   8.042  5.804   1.00 0.00 ? 27 LYS A HZ3  10 
ATOM   1733 N N    . LYS A 1 14 ? 2.146   0.811  6.776   1.00 0.00 ? 28 LYS A N    10 
ATOM   1734 C CA   . LYS A 1 14 ? 1.502   0.119  7.903   1.00 0.00 ? 28 LYS A CA   10 
ATOM   1735 C C    . LYS A 1 14 ? 1.766   -1.386 7.964   1.00 0.00 ? 28 LYS A C    10 
ATOM   1736 O O    . LYS A 1 14 ? 0.947   -2.151 8.474   1.00 0.00 ? 28 LYS A O    10 
ATOM   1737 C CB   . LYS A 1 14 ? 0.001   0.387  7.767   1.00 0.00 ? 28 LYS A CB   10 
ATOM   1738 C CG   . LYS A 1 14 ? -0.362  1.855  7.999   1.00 0.00 ? 28 LYS A CG   10 
ATOM   1739 C CD   . LYS A 1 14 ? -1.854  2.045  7.725   1.00 0.00 ? 28 LYS A CD   10 
ATOM   1740 C CE   . LYS A 1 14 ? -2.244  3.437  8.225   1.00 0.00 ? 28 LYS A CE   10 
ATOM   1741 N NZ   . LYS A 1 14 ? -1.733  4.506  7.355   1.00 0.00 ? 28 LYS A NZ   10 
ATOM   1742 H H    . LYS A 1 14 ? 1.634   0.762  5.919   1.00 0.00 ? 28 LYS A H    10 
ATOM   1743 H HZ1  . LYS A 1 14 ? -1.793  5.413  7.772   1.00 0.00 ? 28 LYS A HZ1  10 
ATOM   1744 H HZ2  . LYS A 1 14 ? -2.186  4.535  6.464   1.00 0.00 ? 28 LYS A HZ2  10 
ATOM   1745 H HZ3  . LYS A 1 14 ? -0.764  4.315  7.191   1.00 0.00 ? 28 LYS A HZ3  10 
ATOM   1746 N N    . LEU A 1 15 ? 2.815   -1.789 7.253   1.00 0.00 ? 29 LEU A N    10 
ATOM   1747 C CA   . LEU A 1 15 ? 3.114   -3.218 7.086   1.00 0.00 ? 29 LEU A CA   10 
ATOM   1748 C C    . LEU A 1 15 ? 4.623   -3.411 6.926   1.00 0.00 ? 29 LEU A C    10 
ATOM   1749 O O    . LEU A 1 15 ? 5.147   -4.089 7.808   1.00 0.00 ? 29 LEU A O    10 
ATOM   1750 C CB   . LEU A 1 15 ? 2.243   -3.711 5.929   1.00 0.00 ? 29 LEU A CB   10 
ATOM   1751 C CG   . LEU A 1 15 ? 2.805   -5.020 5.369   1.00 0.00 ? 29 LEU A CG   10 
ATOM   1752 C CD1  . LEU A 1 15 ? 2.650   -6.260 6.252   1.00 0.00 ? 29 LEU A CD1  10 
ATOM   1753 C CD2  . LEU A 1 15 ? 2.293   -5.501 4.009   1.00 0.00 ? 29 LEU A CD2  10 
ATOM   1754 H H    . LEU A 1 15 ? 3.365   -1.164 6.700   1.00 0.00 ? 29 LEU A H    10 
ATOM   1755 N N    . VAL A 1 16 ? 5.319   -2.644 6.091   1.00 0.00 ? 30 VAL A N    10 
ATOM   1756 C CA   . VAL A 1 16 ? 6.732   -2.919 5.794   1.00 0.00 ? 30 VAL A CA   10 
ATOM   1757 C C    . VAL A 1 16 ? 7.797   -2.148 6.577   1.00 0.00 ? 30 VAL A C    10 
ATOM   1758 O O    . VAL A 1 16 ? 8.299   -2.713 7.547   1.00 0.00 ? 30 VAL A O    10 
ATOM   1759 C CB   . VAL A 1 16 ? 6.979   -3.113 4.297   1.00 0.00 ? 30 VAL A CB   10 
ATOM   1760 C CG1  . VAL A 1 16 ? 8.222   -3.957 4.004   1.00 0.00 ? 30 VAL A CG1  10 
ATOM   1761 C CG2  . VAL A 1 16 ? 5.848   -3.701 3.448   1.00 0.00 ? 30 VAL A CG2  10 
ATOM   1762 H H    . VAL A 1 16 ? 4.906   -2.026 5.422   1.00 0.00 ? 30 VAL A H    10 
ATOM   1763 N N    . GLY A 1 17 ? 8.160   -0.982 6.050   1.00 0.00 ? 31 GLY A N    10 
ATOM   1764 C CA   . GLY A 1 17 ? 9.161   -0.073 6.627   1.00 0.00 ? 31 GLY A CA   10 
ATOM   1765 C C    . GLY A 1 17 ? 8.459   1.272  6.820   1.00 0.00 ? 31 GLY A C    10 
ATOM   1766 O O    . GLY A 1 17 ? 8.917   2.263  6.255   1.00 0.00 ? 31 GLY A O    10 
ATOM   1767 H H    . GLY A 1 17 ? 7.784   -0.557 5.227   1.00 0.00 ? 31 GLY A H    10 
HETATM 1768 N N    . NH2 A 1 18 ? 7.515   1.388  7.750   1.00 0.00 ? 32 NH2 A N    10 
HETATM 1769 H HN1  . NH2 A 1 18 ? 6.818   2.099  7.664   1.00 0.00 ? 32 NH2 A HN1  10 
HETATM 1770 H HN2  . NH2 A 1 18 ? 7.327   0.609  8.348   1.00 0.00 ? 32 NH2 A HN2  10 
# 
